data_8TC6
# 
_entry.id   8TC6 
# 
_audit_conform.dict_name       mmcif_pdbx.dic 
_audit_conform.dict_version    5.383 
_audit_conform.dict_location   http://mmcif.pdb.org/dictionaries/ascii/mmcif_pdbx.dic 
# 
loop_
_database_2.database_id 
_database_2.database_code 
_database_2.pdbx_database_accession 
_database_2.pdbx_DOI 
PDB   8TC6         pdb_00008tc6 10.2210/pdb8tc6/pdb 
WWPDB D_1000275289 ?            ?                   
# 
_pdbx_database_status.status_code                     REL 
_pdbx_database_status.status_code_sf                  REL 
_pdbx_database_status.status_code_mr                  ? 
_pdbx_database_status.entry_id                        8TC6 
_pdbx_database_status.recvd_initial_deposition_date   2023-06-29 
_pdbx_database_status.SG_entry                        N 
_pdbx_database_status.deposit_site                    RCSB 
_pdbx_database_status.process_site                    RCSB 
_pdbx_database_status.status_code_cs                  ? 
_pdbx_database_status.status_code_nmr_data            ? 
_pdbx_database_status.methods_development_category    ? 
_pdbx_database_status.pdb_format_compatible           Y 
# 
loop_
_audit_author.name 
_audit_author.pdbx_ordinal 
_audit_author.identifier_ORCID 
'Simmons, C.R.'      1 0000-0002-2290-6132 
'MacCulloch, T.'     2 0000-0001-5875-3361 
'Stephanopoulos, N.' 3 0000-0001-7859-410X 
'Yan, H.'            4 0000-0001-7397-9852 
# 
_citation.abstract                  ? 
_citation.abstract_id_CAS           ? 
_citation.book_id_ISBN              ? 
_citation.book_publisher            ? 
_citation.book_publisher_city       ? 
_citation.book_title                ? 
_citation.coordinate_linkage        ? 
_citation.country                   US 
_citation.database_id_Medline       ? 
_citation.details                   ? 
_citation.id                        primary 
_citation.journal_abbrev            J.Am.Chem.Soc. 
_citation.journal_id_ASTM           JACSAT 
_citation.journal_id_CSD            ? 
_citation.journal_id_ISSN           1520-5126 
_citation.journal_full              ? 
_citation.journal_issue             ? 
_citation.journal_volume            145 
_citation.language                  ? 
_citation.page_first                26075 
_citation.page_last                 26085 
_citation.title                     
;Site-Specific Arrangement and Structure Determination of Minor Groove Binding Molecules in Self-Assembled Three-Dimensional DNA Crystals.
;
_citation.year                      2023 
_citation.database_id_CSD           ? 
_citation.pdbx_database_id_DOI      10.1021/jacs.3c07802 
_citation.pdbx_database_id_PubMed   37987645 
_citation.pdbx_database_id_patent   ? 
_citation.unpublished_flag          ? 
# 
loop_
_citation_author.citation_id 
_citation_author.name 
_citation_author.ordinal 
_citation_author.identifier_ORCID 
primary 'Simmons, C.R.'      1 0000-0002-2290-6132 
primary 'Buchberger, A.'     2 ?                   
primary 'Henry, S.J.W.'      3 0000-0002-5132-3948 
primary 'Novacek, A.'        4 ?                   
primary 'Fahmi, N.E.'        5 ?                   
primary 'MacCulloch, T.'     6 ?                   
primary 'Stephanopoulos, N.' 7 0000-0001-7859-410X 
primary 'Yan, H.'            8 0000-0001-7397-9852 
# 
_cell.angle_alpha                  90.00 
_cell.angle_alpha_esd              ? 
_cell.angle_beta                   90.00 
_cell.angle_beta_esd               ? 
_cell.angle_gamma                  120.00 
_cell.angle_gamma_esd              ? 
_cell.entry_id                     8TC6 
_cell.details                      ? 
_cell.formula_units_Z              ? 
_cell.length_a                     67.921 
_cell.length_a_esd                 ? 
_cell.length_b                     67.921 
_cell.length_b_esd                 ? 
_cell.length_c                     65.476 
_cell.length_c_esd                 ? 
_cell.volume                       ? 
_cell.volume_esd                   ? 
_cell.Z_PDB                        6 
_cell.reciprocal_angle_alpha       ? 
_cell.reciprocal_angle_beta        ? 
_cell.reciprocal_angle_gamma       ? 
_cell.reciprocal_angle_alpha_esd   ? 
_cell.reciprocal_angle_beta_esd    ? 
_cell.reciprocal_angle_gamma_esd   ? 
_cell.reciprocal_length_a          ? 
_cell.reciprocal_length_b          ? 
_cell.reciprocal_length_c          ? 
_cell.reciprocal_length_a_esd      ? 
_cell.reciprocal_length_b_esd      ? 
_cell.reciprocal_length_c_esd      ? 
_cell.pdbx_unique_axis             ? 
_cell.pdbx_esd_method              ? 
# 
_symmetry.entry_id                         8TC6 
_symmetry.cell_setting                     ? 
_symmetry.Int_Tables_number                154 
_symmetry.space_group_name_Hall            ? 
_symmetry.space_group_name_H-M             'P 32 2 1' 
_symmetry.pdbx_full_space_group_name_H-M   ? 
# 
loop_
_entity.id 
_entity.type 
_entity.src_method 
_entity.pdbx_description 
_entity.formula_weight 
_entity.pdbx_number_of_molecules 
_entity.pdbx_ec 
_entity.pdbx_mutation 
_entity.pdbx_fragment 
_entity.details 
1 polymer     syn 
;DNA (5'-D(*GP*AP*GP*CP*AP*GP*AP*CP*CP*TP*GP*AP*CP*GP*AP*TP*GP*TP*CP*AP*C*(NT))-3')
;
6457.187 1 ? ? ? ? 
2 polymer     syn 
;DNA (5'-D(P*CP*GP*TP*CP*A)-3')
;
1480.012 1 ? ? ? ? 
3 polymer     syn 
;DNA (5'-D(*TP*CP*GP*TP*GP*AP*CP*AP*T)-3')
;
2730.810 1 ? ? ? ? 
4 polymer     syn 
;DNA (5'-D(P*GP*GP*TP*CP*TP*GP*C)-3')
;
2129.409 1 ? ? ? ? 
5 non-polymer syn NETROPSIN 430.464  1 ? ? ? ? 
6 non-polymer syn 
;N-[5-({5-[(3-{[3-(dimethylamino)propyl]amino}-3-oxopropyl)carbamoyl]-1-methyl-1H-pyrrol-3-yl}carbamoyl)-1-methyl-1H-pyrrol-3-yl]-1-methyl-1H-imidazole-2-carboxamide
;
525.603  2 ? ? ? ? 
7 non-polymer syn 'CACODYLATE ION' 136.989  2 ? ? ? ? 
8 water       nat water 18.015   4 ? ? ? ? 
# 
loop_
_entity_poly.entity_id 
_entity_poly.type 
_entity_poly.nstd_linkage 
_entity_poly.nstd_monomer 
_entity_poly.pdbx_seq_one_letter_code 
_entity_poly.pdbx_seq_one_letter_code_can 
_entity_poly.pdbx_strand_id 
_entity_poly.pdbx_target_identifier 
1 polydeoxyribonucleotide no no 
;(DG)(DA)(DG)(DC)(DA)(DG)(DA)(DC)(DC)(DT)(DG)(DA)(DC)(DG)(DA)(DT)(DG)(DT)(DC)(DA)
(DC)
;
GAGCAGACCTGACGATGTCAC A ? 
2 polydeoxyribonucleotide no no '(DC)(DG)(DT)(DC)(DA)'                                                                  CGTCA B ? 
3 polydeoxyribonucleotide no no '(DT)(DC)(DG)(DT)(DG)(DA)(DC)(DA)(DT)'                                                  TCGTGACAT 
C ? 
4 polydeoxyribonucleotide no no '(DG)(DG)(DT)(DC)(DT)(DG)(DC)'                                                          GGTCTGC D 
? 
# 
loop_
_entity_poly_seq.entity_id 
_entity_poly_seq.num 
_entity_poly_seq.mon_id 
_entity_poly_seq.hetero 
1 1  DG n 
1 2  DA n 
1 3  DG n 
1 4  DC n 
1 5  DA n 
1 6  DG n 
1 7  DA n 
1 8  DC n 
1 9  DC n 
1 10 DT n 
1 11 DG n 
1 12 DA n 
1 13 DC n 
1 14 DG n 
1 15 DA n 
1 16 DT n 
1 17 DG n 
1 18 DT n 
1 19 DC n 
1 20 DA n 
1 21 DC n 
2 1  DC n 
2 2  DG n 
2 3  DT n 
2 4  DC n 
2 5  DA n 
3 1  DT n 
3 2  DC n 
3 3  DG n 
3 4  DT n 
3 5  DG n 
3 6  DA n 
3 7  DC n 
3 8  DA n 
3 9  DT n 
4 1  DG n 
4 2  DG n 
4 3  DT n 
4 4  DC n 
4 5  DT n 
4 6  DG n 
4 7  DC n 
# 
loop_
_pdbx_entity_src_syn.entity_id 
_pdbx_entity_src_syn.pdbx_src_id 
_pdbx_entity_src_syn.pdbx_alt_source_flag 
_pdbx_entity_src_syn.pdbx_beg_seq_num 
_pdbx_entity_src_syn.pdbx_end_seq_num 
_pdbx_entity_src_syn.organism_scientific 
_pdbx_entity_src_syn.organism_common_name 
_pdbx_entity_src_syn.ncbi_taxonomy_id 
_pdbx_entity_src_syn.details 
1 1 sample 1 21 'synthetic construct' ? 32630 ? 
2 1 sample 1 5  'synthetic construct' ? 32630 ? 
3 1 sample 1 9  'synthetic construct' ? 32630 ? 
4 1 sample 1 7  'synthetic construct' ? 32630 ? 
# 
loop_
_struct_ref.id 
_struct_ref.db_name 
_struct_ref.db_code 
_struct_ref.pdbx_db_accession 
_struct_ref.pdbx_db_isoform 
_struct_ref.entity_id 
_struct_ref.pdbx_seq_one_letter_code 
_struct_ref.pdbx_align_begin 
1 PDB 8TC6 8TC6 ? 1 ? 1 
2 PDB 8TC6 8TC6 ? 2 ? 1 
3 PDB 8TC6 8TC6 ? 3 ? 1 
4 PDB 8TC6 8TC6 ? 4 ? 1 
# 
loop_
_struct_ref_seq.align_id 
_struct_ref_seq.ref_id 
_struct_ref_seq.pdbx_PDB_id_code 
_struct_ref_seq.pdbx_strand_id 
_struct_ref_seq.seq_align_beg 
_struct_ref_seq.pdbx_seq_align_beg_ins_code 
_struct_ref_seq.seq_align_end 
_struct_ref_seq.pdbx_seq_align_end_ins_code 
_struct_ref_seq.pdbx_db_accession 
_struct_ref_seq.db_align_beg 
_struct_ref_seq.pdbx_db_align_beg_ins_code 
_struct_ref_seq.db_align_end 
_struct_ref_seq.pdbx_db_align_end_ins_code 
_struct_ref_seq.pdbx_auth_seq_align_beg 
_struct_ref_seq.pdbx_auth_seq_align_end 
1 1 8TC6 A 1 ? 21 ? 8TC6 1  ? 21 ? 1  21 
2 2 8TC6 B 1 ? 5  ? 8TC6 1  ? 5  ? 1  5  
3 3 8TC6 C 1 ? 9  ? 8TC6 1  ? 9  ? 1  9  
4 4 8TC6 D 1 ? 7  ? 8TC6 10 ? 16 ? 10 16 
# 
loop_
_chem_comp.id 
_chem_comp.type 
_chem_comp.mon_nstd_flag 
_chem_comp.name 
_chem_comp.pdbx_synonyms 
_chem_comp.formula 
_chem_comp.formula_weight 
CAC non-polymer   . 'CACODYLATE ION' dimethylarsinate 'C2 H6 As O2 -1'  136.989 
DA  'DNA linking' y "2'-DEOXYADENOSINE-5'-MONOPHOSPHATE" ?                'C10 H14 N5 O6 P' 331.222 
DC  'DNA linking' y "2'-DEOXYCYTIDINE-5'-MONOPHOSPHATE" ?                'C9 H14 N3 O7 P'  307.197 
DG  'DNA linking' y "2'-DEOXYGUANOSINE-5'-MONOPHOSPHATE" ?                'C10 H14 N5 O7 P' 347.221 
DT  'DNA linking' y "THYMIDINE-5'-MONOPHOSPHATE" ?                'C10 H15 N2 O8 P' 322.208 
HOH non-polymer   . WATER ?                'H2 O'            18.015  
NT  non-polymer   . NETROPSIN ?                'C18 H26 N10 O3'  430.464 
ZQQ non-polymer   . 
;N-[5-({5-[(3-{[3-(dimethylamino)propyl]amino}-3-oxopropyl)carbamoyl]-1-methyl-1H-pyrrol-3-yl}carbamoyl)-1-methyl-1H-pyrrol-3-yl]-1-methyl-1H-imidazole-2-carboxamide
;
?                'C25 H35 N9 O4'   525.603 
# 
_exptl.absorpt_coefficient_mu     ? 
_exptl.absorpt_correction_T_max   ? 
_exptl.absorpt_correction_T_min   ? 
_exptl.absorpt_correction_type    ? 
_exptl.absorpt_process_details    ? 
_exptl.entry_id                   8TC6 
_exptl.crystals_number            1 
_exptl.details                    ? 
_exptl.method                     'X-RAY DIFFRACTION' 
_exptl.method_details             ? 
# 
_exptl_crystal.colour                       ? 
_exptl_crystal.density_diffrn               ? 
_exptl_crystal.density_Matthews             3.41 
_exptl_crystal.density_method               ? 
_exptl_crystal.density_percent_sol          63.90 
_exptl_crystal.description                  ? 
_exptl_crystal.F_000                        ? 
_exptl_crystal.id                           1 
_exptl_crystal.preparation                  ? 
_exptl_crystal.size_max                     ? 
_exptl_crystal.size_mid                     ? 
_exptl_crystal.size_min                     ? 
_exptl_crystal.size_rad                     ? 
_exptl_crystal.colour_lustre                ? 
_exptl_crystal.colour_modifier              ? 
_exptl_crystal.colour_primary               ? 
_exptl_crystal.density_meas                 ? 
_exptl_crystal.density_meas_esd             ? 
_exptl_crystal.density_meas_gt              ? 
_exptl_crystal.density_meas_lt              ? 
_exptl_crystal.density_meas_temp            ? 
_exptl_crystal.density_meas_temp_esd        ? 
_exptl_crystal.density_meas_temp_gt         ? 
_exptl_crystal.density_meas_temp_lt         ? 
_exptl_crystal.pdbx_crystal_image_url       ? 
_exptl_crystal.pdbx_crystal_image_format    ? 
_exptl_crystal.pdbx_mosaicity               ? 
_exptl_crystal.pdbx_mosaicity_esd           ? 
_exptl_crystal.pdbx_mosaic_method           ? 
_exptl_crystal.pdbx_mosaic_block_size       ? 
_exptl_crystal.pdbx_mosaic_block_size_esd   ? 
# 
_exptl_crystal_grow.apparatus       ? 
_exptl_crystal_grow.atmosphere      ? 
_exptl_crystal_grow.crystal_id      1 
_exptl_crystal_grow.details         ? 
_exptl_crystal_grow.method          'VAPOR DIFFUSION, SITTING DROP' 
_exptl_crystal_grow.method_ref      ? 
_exptl_crystal_grow.pH              ? 
_exptl_crystal_grow.pressure        ? 
_exptl_crystal_grow.pressure_esd    ? 
_exptl_crystal_grow.seeding         ? 
_exptl_crystal_grow.seeding_ref     ? 
_exptl_crystal_grow.temp_details    'temperature gradient generated from 60 to 25 C at 0.3 degrees per hour' 
_exptl_crystal_grow.temp_esd        ? 
_exptl_crystal_grow.time            ? 
_exptl_crystal_grow.pdbx_details    
;0.5 mL of 0.05 M Na cacodylate pH 7.0 with 9 mM MgCl2, 2.25 mM spermine, 1.8 mM CoH18N6, 0.9 mM spermidine, and 5% PEG 400 was added to the reservoir with 2 uL added to the drop containing 4 uL of DNA stock.
;
_exptl_crystal_grow.pdbx_pH_range   ? 
_exptl_crystal_grow.temp            298 
# 
_diffrn.ambient_environment              ? 
_diffrn.ambient_temp                     100 
_diffrn.ambient_temp_details             ? 
_diffrn.ambient_temp_esd                 ? 
_diffrn.crystal_id                       1 
_diffrn.crystal_support                  ? 
_diffrn.crystal_treatment                ? 
_diffrn.details                          ? 
_diffrn.id                               1 
_diffrn.ambient_pressure                 ? 
_diffrn.ambient_pressure_esd             ? 
_diffrn.ambient_pressure_gt              ? 
_diffrn.ambient_pressure_lt              ? 
_diffrn.ambient_temp_gt                  ? 
_diffrn.ambient_temp_lt                  ? 
_diffrn.pdbx_serial_crystal_experiment   N 
# 
_diffrn_detector.details                      ? 
_diffrn_detector.detector                     PIXEL 
_diffrn_detector.diffrn_id                    1 
_diffrn_detector.type                         'DECTRIS PILATUS3 6M' 
_diffrn_detector.area_resol_mean              ? 
_diffrn_detector.dtime                        ? 
_diffrn_detector.pdbx_frames_total            ? 
_diffrn_detector.pdbx_collection_time_total   ? 
_diffrn_detector.pdbx_collection_date         2019-11-23 
_diffrn_detector.pdbx_frequency               ? 
_diffrn_detector.id                           ? 
_diffrn_detector.number_of_axes               ? 
# 
_diffrn_radiation.collimation                      ? 
_diffrn_radiation.diffrn_id                        1 
_diffrn_radiation.filter_edge                      ? 
_diffrn_radiation.inhomogeneity                    ? 
_diffrn_radiation.monochromator                    ? 
_diffrn_radiation.polarisn_norm                    ? 
_diffrn_radiation.polarisn_ratio                   ? 
_diffrn_radiation.probe                            ? 
_diffrn_radiation.type                             ? 
_diffrn_radiation.xray_symbol                      ? 
_diffrn_radiation.wavelength_id                    1 
_diffrn_radiation.pdbx_monochromatic_or_laue_m_l   M 
_diffrn_radiation.pdbx_wavelength_list             ? 
_diffrn_radiation.pdbx_wavelength                  ? 
_diffrn_radiation.pdbx_diffrn_protocol             'SINGLE WAVELENGTH' 
_diffrn_radiation.pdbx_analyzer                    ? 
_diffrn_radiation.pdbx_scattering_type             x-ray 
# 
_diffrn_radiation_wavelength.id           1 
_diffrn_radiation_wavelength.wavelength   0.98 
_diffrn_radiation_wavelength.wt           1.0 
# 
_diffrn_source.current                     ? 
_diffrn_source.details                     ? 
_diffrn_source.diffrn_id                   1 
_diffrn_source.power                       ? 
_diffrn_source.size                        ? 
_diffrn_source.source                      SYNCHROTRON 
_diffrn_source.target                      ? 
_diffrn_source.type                        'NSLS-II BEAMLINE 17-ID-2' 
_diffrn_source.voltage                     ? 
_diffrn_source.take-off_angle              ? 
_diffrn_source.pdbx_wavelength_list        0.98 
_diffrn_source.pdbx_wavelength             ? 
_diffrn_source.pdbx_synchrotron_beamline   17-ID-2 
_diffrn_source.pdbx_synchrotron_site       NSLS-II 
# 
_reflns.B_iso_Wilson_estimate                          ? 
_reflns.entry_id                                       8TC6 
_reflns.data_reduction_details                         ? 
_reflns.data_reduction_method                          ? 
_reflns.d_resolution_high                              2.45 
_reflns.d_resolution_low                               50.00 
_reflns.details                                        ? 
_reflns.limit_h_max                                    ? 
_reflns.limit_h_min                                    ? 
_reflns.limit_k_max                                    ? 
_reflns.limit_k_min                                    ? 
_reflns.limit_l_max                                    ? 
_reflns.limit_l_min                                    ? 
_reflns.number_all                                     ? 
_reflns.number_obs                                     6739 
_reflns.observed_criterion                             ? 
_reflns.observed_criterion_F_max                       ? 
_reflns.observed_criterion_F_min                       ? 
_reflns.observed_criterion_I_max                       ? 
_reflns.observed_criterion_I_min                       ? 
_reflns.observed_criterion_sigma_F                     ? 
_reflns.observed_criterion_sigma_I                     ? 
_reflns.percent_possible_obs                           100.0 
_reflns.R_free_details                                 ? 
_reflns.Rmerge_F_all                                   ? 
_reflns.Rmerge_F_obs                                   ? 
_reflns.Friedel_coverage                               ? 
_reflns.number_gt                                      ? 
_reflns.threshold_expression                           ? 
_reflns.pdbx_redundancy                                18.6 
_reflns.pdbx_netI_over_av_sigmaI                       ? 
_reflns.pdbx_netI_over_sigmaI                          7.3 
_reflns.pdbx_res_netI_over_av_sigmaI_2                 ? 
_reflns.pdbx_res_netI_over_sigmaI_2                    ? 
_reflns.pdbx_chi_squared                               1.902 
_reflns.pdbx_scaling_rejects                           ? 
_reflns.pdbx_d_res_high_opt                            ? 
_reflns.pdbx_d_res_low_opt                             ? 
_reflns.pdbx_d_res_opt_method                          ? 
_reflns.phase_calculation_details                      ? 
_reflns.pdbx_Rrim_I_all                                0.066 
_reflns.pdbx_Rpim_I_all                                0.016 
_reflns.pdbx_d_opt                                     ? 
_reflns.pdbx_number_measured_all                       ? 
_reflns.pdbx_diffrn_id                                 1 
_reflns.pdbx_ordinal                                   1 
_reflns.pdbx_CC_half                                   1. 
_reflns.pdbx_CC_star                                   ? 
_reflns.pdbx_R_split                                   ? 
_reflns.pdbx_Rmerge_I_obs                              0.063 
_reflns.pdbx_Rmerge_I_all                              ? 
_reflns.pdbx_Rsym_value                                ? 
_reflns.pdbx_CC_split_method                           ? 
_reflns.pdbx_aniso_diffraction_limit_axis_1_ortho[1]   ? 
_reflns.pdbx_aniso_diffraction_limit_axis_1_ortho[2]   ? 
_reflns.pdbx_aniso_diffraction_limit_axis_1_ortho[3]   ? 
_reflns.pdbx_aniso_diffraction_limit_axis_2_ortho[1]   ? 
_reflns.pdbx_aniso_diffraction_limit_axis_2_ortho[2]   ? 
_reflns.pdbx_aniso_diffraction_limit_axis_2_ortho[3]   ? 
_reflns.pdbx_aniso_diffraction_limit_axis_3_ortho[1]   ? 
_reflns.pdbx_aniso_diffraction_limit_axis_3_ortho[2]   ? 
_reflns.pdbx_aniso_diffraction_limit_axis_3_ortho[3]   ? 
_reflns.pdbx_aniso_diffraction_limit_1                 ? 
_reflns.pdbx_aniso_diffraction_limit_2                 ? 
_reflns.pdbx_aniso_diffraction_limit_3                 ? 
_reflns.pdbx_aniso_B_tensor_eigenvector_1_ortho[1]     ? 
_reflns.pdbx_aniso_B_tensor_eigenvector_1_ortho[2]     ? 
_reflns.pdbx_aniso_B_tensor_eigenvector_1_ortho[3]     ? 
_reflns.pdbx_aniso_B_tensor_eigenvector_2_ortho[1]     ? 
_reflns.pdbx_aniso_B_tensor_eigenvector_2_ortho[2]     ? 
_reflns.pdbx_aniso_B_tensor_eigenvector_2_ortho[3]     ? 
_reflns.pdbx_aniso_B_tensor_eigenvector_3_ortho[1]     ? 
_reflns.pdbx_aniso_B_tensor_eigenvector_3_ortho[2]     ? 
_reflns.pdbx_aniso_B_tensor_eigenvector_3_ortho[3]     ? 
_reflns.pdbx_aniso_B_tensor_eigenvalue_1               ? 
_reflns.pdbx_aniso_B_tensor_eigenvalue_2               ? 
_reflns.pdbx_aniso_B_tensor_eigenvalue_3               ? 
_reflns.pdbx_orthogonalization_convention              ? 
_reflns.pdbx_percent_possible_ellipsoidal              ? 
_reflns.pdbx_percent_possible_spherical                ? 
_reflns.pdbx_percent_possible_ellipsoidal_anomalous    ? 
_reflns.pdbx_percent_possible_spherical_anomalous      ? 
_reflns.pdbx_redundancy_anomalous                      ? 
_reflns.pdbx_CC_half_anomalous                         ? 
_reflns.pdbx_absDiff_over_sigma_anomalous              ? 
_reflns.pdbx_percent_possible_anomalous                ? 
_reflns.pdbx_observed_signal_threshold                 ? 
_reflns.pdbx_signal_type                               ? 
_reflns.pdbx_signal_details                            ? 
_reflns.pdbx_signal_software_id                        ? 
# 
loop_
_reflns_shell.d_res_high 
_reflns_shell.d_res_low 
_reflns_shell.meanI_over_sigI_all 
_reflns_shell.meanI_over_sigI_obs 
_reflns_shell.number_measured_all 
_reflns_shell.number_measured_obs 
_reflns_shell.number_possible 
_reflns_shell.number_unique_all 
_reflns_shell.number_unique_obs 
_reflns_shell.percent_possible_obs 
_reflns_shell.Rmerge_F_all 
_reflns_shell.Rmerge_F_obs 
_reflns_shell.meanI_over_sigI_gt 
_reflns_shell.meanI_over_uI_all 
_reflns_shell.meanI_over_uI_gt 
_reflns_shell.number_measured_gt 
_reflns_shell.number_unique_gt 
_reflns_shell.percent_possible_gt 
_reflns_shell.Rmerge_F_gt 
_reflns_shell.Rmerge_I_gt 
_reflns_shell.pdbx_redundancy 
_reflns_shell.pdbx_chi_squared 
_reflns_shell.pdbx_netI_over_sigmaI_all 
_reflns_shell.pdbx_netI_over_sigmaI_obs 
_reflns_shell.pdbx_Rrim_I_all 
_reflns_shell.pdbx_Rpim_I_all 
_reflns_shell.pdbx_rejects 
_reflns_shell.pdbx_ordinal 
_reflns_shell.pdbx_diffrn_id 
_reflns_shell.pdbx_CC_half 
_reflns_shell.pdbx_CC_star 
_reflns_shell.pdbx_R_split 
_reflns_shell.percent_possible_all 
_reflns_shell.Rmerge_I_all 
_reflns_shell.Rmerge_I_obs 
_reflns_shell.pdbx_Rsym_value 
_reflns_shell.pdbx_percent_possible_ellipsoidal 
_reflns_shell.pdbx_percent_possible_spherical 
_reflns_shell.pdbx_percent_possible_ellipsoidal_anomalous 
_reflns_shell.pdbx_percent_possible_spherical_anomalous 
_reflns_shell.pdbx_redundancy_anomalous 
_reflns_shell.pdbx_CC_half_anomalous 
_reflns_shell.pdbx_absDiff_over_sigma_anomalous 
_reflns_shell.pdbx_percent_possible_anomalous 
2.45 2.49  ? ? ? ? ? ? 328 ? ? ? ? ? ? ? ? ? ? ? 16.6 0.271 ? ? 1.439 0.346 ? 1  1 0.781 0.937 ? 100.0 ? 1.396 ? ? ? ? ? ? ? ? ? 
2.49 2.54  ? ? ? ? ? ? 332 ? ? ? ? ? ? ? ? ? ? ? 17.4 0.330 ? ? 1.151 0.270 ? 2  1 0.865 0.963 ? 100.0 ? 1.118 ? ? ? ? ? ? ? ? ? 
2.54 2.59  ? ? ? ? ? ? 326 ? ? ? ? ? ? ? ? ? ? ? 18.3 0.290 ? ? 0.997 0.230 ? 3  1 0.929 0.982 ? 100.0 ? 0.970 ? ? ? ? ? ? ? ? ? 
2.59 2.64  ? ? ? ? ? ? 323 ? ? ? ? ? ? ? ? ? ? ? 18.7 0.295 ? ? 0.903 0.207 ? 4  1 0.936 0.983 ? 100.0 ? 0.879 ? ? ? ? ? ? ? ? ? 
2.64 2.70  ? ? ? ? ? ? 343 ? ? ? ? ? ? ? ? ? ? ? 18.9 0.313 ? ? 0.610 0.139 ? 5  1 0.975 0.994 ? 100.0 ? 0.594 ? ? ? ? ? ? ? ? ? 
2.70 2.76  ? ? ? ? ? ? 316 ? ? ? ? ? ? ? ? ? ? ? 19.0 0.329 ? ? 0.561 0.128 ? 6  1 0.967 0.992 ? 100.0 ? 0.545 ? ? ? ? ? ? ? ? ? 
2.76 2.83  ? ? ? ? ? ? 333 ? ? ? ? ? ? ? ? ? ? ? 18.8 0.347 ? ? 0.400 0.092 ? 7  1 0.985 0.996 ? 100.0 ? 0.389 ? ? ? ? ? ? ? ? ? 
2.83 2.90  ? ? ? ? ? ? 322 ? ? ? ? ? ? ? ? ? ? ? 17.6 0.456 ? ? 0.353 0.084 ? 8  1 0.983 0.996 ? 100.0 ? 0.343 ? ? ? ? ? ? ? ? ? 
2.90 2.99  ? ? ? ? ? ? 345 ? ? ? ? ? ? ? ? ? ? ? 17.6 0.402 ? ? 0.243 0.057 ? 9  1 0.996 0.999 ? 100.0 ? 0.236 ? ? ? ? ? ? ? ? ? 
2.99 3.09  ? ? ? ? ? ? 331 ? ? ? ? ? ? ? ? ? ? ? 19.3 0.414 ? ? 0.177 0.040 ? 10 1 0.998 0.999 ? 100.0 ? 0.172 ? ? ? ? ? ? ? ? ? 
3.09 3.20  ? ? ? ? ? ? 335 ? ? ? ? ? ? ? ? ? ? ? 18.2 1.013 ? ? 0.092 0.021 ? 11 1 0.999 1.000 ? 100.0 ? 0.089 ? ? ? ? ? ? ? ? ? 
3.20 3.32  ? ? ? ? ? ? 321 ? ? ? ? ? ? ? ? ? ? ? 17.8 2.102 ? ? 0.081 0.020 ? 12 1 0.999 1.000 ? 100.0 ? 0.078 ? ? ? ? ? ? ? ? ? 
3.32 3.48  ? ? ? ? ? ? 346 ? ? ? ? ? ? ? ? ? ? ? 20.4 0.629 ? ? 0.064 0.014 ? 13 1 1.000 1.000 ? 100.0 ? 0.063 ? ? ? ? ? ? ? ? ? 
3.48 3.66  ? ? ? ? ? ? 340 ? ? ? ? ? ? ? ? ? ? ? 20.5 1.524 ? ? 0.059 0.013 ? 14 1 0.999 1.000 ? 100.0 ? 0.057 ? ? ? ? ? ? ? ? ? 
3.66 3.89  ? ? ? ? ? ? 333 ? ? ? ? ? ? ? ? ? ? ? 20.4 3.045 ? ? 0.069 0.015 ? 15 1 0.995 0.999 ? 100.0 ? 0.067 ? ? ? ? ? ? ? ? ? 
3.89 4.19  ? ? ? ? ? ? 346 ? ? ? ? ? ? ? ? ? ? ? 20.1 2.728 ? ? 0.060 0.013 ? 16 1 0.998 0.999 ? 100.0 ? 0.059 ? ? ? ? ? ? ? ? ? 
4.19 4.61  ? ? ? ? ? ? 335 ? ? ? ? ? ? ? ? ? ? ? 19.4 5.000 ? ? 0.057 0.013 ? 17 1 0.998 0.999 ? 100.0 ? 0.056 ? ? ? ? ? ? ? ? ? 
4.61 5.28  ? ? ? ? ? ? 348 ? ? ? ? ? ? ? ? ? ? ? 17.9 4.488 ? ? 0.055 0.013 ? 18 1 0.998 0.999 ? 100.0 ? 0.054 ? ? ? ? ? ? ? ? ? 
5.28 6.65  ? ? ? ? ? ? 355 ? ? ? ? ? ? ? ? ? ? ? 17.4 5.009 ? ? 0.051 0.012 ? 19 1 0.997 0.999 ? 100.0 ? 0.050 ? ? ? ? ? ? ? ? ? 
6.65 50.00 ? ? ? ? ? ? 381 ? ? ? ? ? ? ? ? ? ? ? 17.1 8.152 ? ? 0.051 0.015 ? 20 1 0.991 0.998 ? 99.7  ? 0.048 ? ? ? ? ? ? ? ? ? 
# 
_refine.aniso_B[1][1]                            ? 
_refine.aniso_B[1][2]                            ? 
_refine.aniso_B[1][3]                            ? 
_refine.aniso_B[2][2]                            ? 
_refine.aniso_B[2][3]                            ? 
_refine.aniso_B[3][3]                            ? 
_refine.B_iso_max                                ? 
_refine.B_iso_mean                               ? 
_refine.B_iso_min                                ? 
_refine.correlation_coeff_Fo_to_Fc               ? 
_refine.correlation_coeff_Fo_to_Fc_free          ? 
_refine.details                                  ? 
_refine.diff_density_max                         ? 
_refine.diff_density_max_esd                     ? 
_refine.diff_density_min                         ? 
_refine.diff_density_min_esd                     ? 
_refine.diff_density_rms                         ? 
_refine.diff_density_rms_esd                     ? 
_refine.entry_id                                 8TC6 
_refine.pdbx_refine_id                           'X-RAY DIFFRACTION' 
_refine.ls_abs_structure_details                 ? 
_refine.ls_abs_structure_Flack                   ? 
_refine.ls_abs_structure_Flack_esd               ? 
_refine.ls_abs_structure_Rogers                  ? 
_refine.ls_abs_structure_Rogers_esd              ? 
_refine.ls_d_res_high                            2.45 
_refine.ls_d_res_low                             43.76 
_refine.ls_extinction_coef                       ? 
_refine.ls_extinction_coef_esd                   ? 
_refine.ls_extinction_expression                 ? 
_refine.ls_extinction_method                     ? 
_refine.ls_goodness_of_fit_all                   ? 
_refine.ls_goodness_of_fit_all_esd               ? 
_refine.ls_goodness_of_fit_obs                   ? 
_refine.ls_goodness_of_fit_obs_esd               ? 
_refine.ls_hydrogen_treatment                    ? 
_refine.ls_matrix_type                           ? 
_refine.ls_number_constraints                    ? 
_refine.ls_number_parameters                     ? 
_refine.ls_number_reflns_all                     ? 
_refine.ls_number_reflns_obs                     6614 
_refine.ls_number_reflns_R_free                  330 
_refine.ls_number_reflns_R_work                  ? 
_refine.ls_number_restraints                     ? 
_refine.ls_percent_reflns_obs                    98.25 
_refine.ls_percent_reflns_R_free                 4.99 
_refine.ls_R_factor_all                          ? 
_refine.ls_R_factor_obs                          0.2732 
_refine.ls_R_factor_R_free                       0.2942 
_refine.ls_R_factor_R_free_error                 ? 
_refine.ls_R_factor_R_free_error_details         ? 
_refine.ls_R_factor_R_work                       0.2721 
_refine.ls_R_Fsqd_factor_obs                     ? 
_refine.ls_R_I_factor_obs                        ? 
_refine.ls_redundancy_reflns_all                 ? 
_refine.ls_redundancy_reflns_obs                 ? 
_refine.ls_restrained_S_all                      ? 
_refine.ls_restrained_S_obs                      ? 
_refine.ls_shift_over_esd_max                    ? 
_refine.ls_shift_over_esd_mean                   ? 
_refine.ls_structure_factor_coef                 ? 
_refine.ls_weighting_details                     ? 
_refine.ls_weighting_scheme                      ? 
_refine.ls_wR_factor_all                         ? 
_refine.ls_wR_factor_obs                         ? 
_refine.ls_wR_factor_R_free                      ? 
_refine.ls_wR_factor_R_work                      ? 
_refine.occupancy_max                            ? 
_refine.occupancy_min                            ? 
_refine.solvent_model_details                    'FLAT BULK SOLVENT MODEL' 
_refine.solvent_model_param_bsol                 ? 
_refine.solvent_model_param_ksol                 ? 
_refine.pdbx_R_complete                          ? 
_refine.ls_R_factor_gt                           ? 
_refine.ls_goodness_of_fit_gt                    ? 
_refine.ls_goodness_of_fit_ref                   ? 
_refine.ls_shift_over_su_max                     ? 
_refine.ls_shift_over_su_max_lt                  ? 
_refine.ls_shift_over_su_mean                    ? 
_refine.ls_shift_over_su_mean_lt                 ? 
_refine.pdbx_ls_sigma_I                          ? 
_refine.pdbx_ls_sigma_F                          1.40 
_refine.pdbx_ls_sigma_Fsqd                       ? 
_refine.pdbx_data_cutoff_high_absF               ? 
_refine.pdbx_data_cutoff_high_rms_absF           ? 
_refine.pdbx_data_cutoff_low_absF                ? 
_refine.pdbx_isotropic_thermal_model             ? 
_refine.pdbx_ls_cross_valid_method               THROUGHOUT 
_refine.pdbx_method_to_determine_struct          'MOLECULAR REPLACEMENT' 
_refine.pdbx_starting_model                      ? 
_refine.pdbx_stereochemistry_target_values       ML 
_refine.pdbx_R_Free_selection_details            ? 
_refine.pdbx_stereochem_target_val_spec_case     ? 
_refine.pdbx_overall_ESU_R                       ? 
_refine.pdbx_overall_ESU_R_Free                  ? 
_refine.pdbx_solvent_vdw_probe_radii             1.11 
_refine.pdbx_solvent_ion_probe_radii             ? 
_refine.pdbx_solvent_shrinkage_radii             0.90 
_refine.pdbx_real_space_R                        ? 
_refine.pdbx_density_correlation                 ? 
_refine.pdbx_pd_number_of_powder_patterns        ? 
_refine.pdbx_pd_number_of_points                 ? 
_refine.pdbx_pd_meas_number_of_points            ? 
_refine.pdbx_pd_proc_ls_prof_R_factor            ? 
_refine.pdbx_pd_proc_ls_prof_wR_factor           ? 
_refine.pdbx_pd_Marquardt_correlation_coeff      ? 
_refine.pdbx_pd_Fsqrd_R_factor                   ? 
_refine.pdbx_pd_ls_matrix_band_width             ? 
_refine.pdbx_overall_phase_error                 47.48 
_refine.pdbx_overall_SU_R_free_Cruickshank_DPI   ? 
_refine.pdbx_overall_SU_R_free_Blow_DPI          ? 
_refine.pdbx_overall_SU_R_Blow_DPI               ? 
_refine.pdbx_TLS_residual_ADP_flag               ? 
_refine.pdbx_diffrn_id                           1 
_refine.overall_SU_B                             ? 
_refine.overall_SU_ML                            0.18 
_refine.overall_SU_R_Cruickshank_DPI             ? 
_refine.overall_SU_R_free                        ? 
_refine.overall_FOM_free_R_set                   ? 
_refine.overall_FOM_work_R_set                   ? 
_refine.pdbx_average_fsc_overall                 ? 
_refine.pdbx_average_fsc_work                    ? 
_refine.pdbx_average_fsc_free                    ? 
# 
_refine_hist.pdbx_refine_id                   'X-RAY DIFFRACTION' 
_refine_hist.cycle_id                         LAST 
_refine_hist.pdbx_number_atoms_protein        0 
_refine_hist.pdbx_number_atoms_nucleic_acid   855 
_refine_hist.pdbx_number_atoms_ligand         109 
_refine_hist.number_atoms_solvent             4 
_refine_hist.number_atoms_total               968 
_refine_hist.d_res_high                       2.45 
_refine_hist.d_res_low                        43.76 
# 
loop_
_refine_ls_restr.pdbx_refine_id 
_refine_ls_restr.criterion 
_refine_ls_restr.dev_ideal 
_refine_ls_restr.dev_ideal_target 
_refine_ls_restr.number 
_refine_ls_restr.rejects 
_refine_ls_restr.type 
_refine_ls_restr.weight 
_refine_ls_restr.pdbx_restraint_function 
'X-RAY DIFFRACTION' ? 0.006  ? 1068 ? f_bond_d           ? ? 
'X-RAY DIFFRACTION' ? 0.834  ? 1621 ? f_angle_d          ? ? 
'X-RAY DIFFRACTION' ? 35.703 ? 437  ? f_dihedral_angle_d ? ? 
'X-RAY DIFFRACTION' ? 0.040  ? 166  ? f_chiral_restr     ? ? 
'X-RAY DIFFRACTION' ? 0.004  ? 63   ? f_plane_restr      ? ? 
# 
loop_
_refine_ls_shell.pdbx_refine_id 
_refine_ls_shell.d_res_high 
_refine_ls_shell.d_res_low 
_refine_ls_shell.number_reflns_all 
_refine_ls_shell.number_reflns_obs 
_refine_ls_shell.number_reflns_R_free 
_refine_ls_shell.number_reflns_R_work 
_refine_ls_shell.percent_reflns_obs 
_refine_ls_shell.percent_reflns_R_free 
_refine_ls_shell.R_factor_all 
_refine_ls_shell.R_factor_obs 
_refine_ls_shell.R_factor_R_free_error 
_refine_ls_shell.R_factor_R_work 
_refine_ls_shell.redundancy_reflns_all 
_refine_ls_shell.redundancy_reflns_obs 
_refine_ls_shell.wR_factor_all 
_refine_ls_shell.wR_factor_obs 
_refine_ls_shell.wR_factor_R_free 
_refine_ls_shell.wR_factor_R_work 
_refine_ls_shell.pdbx_R_complete 
_refine_ls_shell.pdbx_total_number_of_bins_used 
_refine_ls_shell.pdbx_phase_error 
_refine_ls_shell.pdbx_fsc_work 
_refine_ls_shell.pdbx_fsc_free 
_refine_ls_shell.R_factor_R_free 
'X-RAY DIFFRACTION' 2.45 3.08  . . 161 3107 99.00 . . . . 0.4933 . . . . . . . . . . . 0.4435 
'X-RAY DIFFRACTION' 3.08 43.76 . . 169 3177 98.00 . . . . 0.2386 . . . . . . . . . . . 0.2731 
# 
_struct.entry_id                     8TC6 
_struct.title                        
;Sequence specific (AATT and TGTCA) orientation of netropsin and ImPyPy molecules at two unique minor groove binding sites within a self-assembled 3D DNA lattice (4x5)
;
_struct.pdbx_model_details           ? 
_struct.pdbx_formula_weight          ? 
_struct.pdbx_formula_weight_method   ? 
_struct.pdbx_model_type_details      ? 
_struct.pdbx_CASP_flag               N 
# 
_struct_keywords.entry_id        8TC6 
_struct_keywords.text            
;Self-Assembly, DNA Nanotechnology, DNA Scaffold, Crystal Lattice, DNA, Minor Groove Binders, Netropsin, DAPI, Hoechst, ImPyPy, polyamide, host-guest
;
_struct_keywords.pdbx_keywords   DNA 
# 
loop_
_struct_asym.id 
_struct_asym.pdbx_blank_PDB_chainid_flag 
_struct_asym.pdbx_modified 
_struct_asym.entity_id 
_struct_asym.details 
A N N 1 ? 
B N N 2 ? 
C N N 3 ? 
D N N 4 ? 
E N N 5 ? 
F N N 6 ? 
G N N 7 ? 
H N N 6 ? 
I N N 7 ? 
J N N 8 ? 
K N N 8 ? 
L N N 8 ? 
# 
loop_
_struct_conn.id 
_struct_conn.conn_type_id 
_struct_conn.pdbx_leaving_atom_flag 
_struct_conn.pdbx_PDB_id 
_struct_conn.ptnr1_label_asym_id 
_struct_conn.ptnr1_label_comp_id 
_struct_conn.ptnr1_label_seq_id 
_struct_conn.ptnr1_label_atom_id 
_struct_conn.pdbx_ptnr1_label_alt_id 
_struct_conn.pdbx_ptnr1_PDB_ins_code 
_struct_conn.pdbx_ptnr1_standard_comp_id 
_struct_conn.ptnr1_symmetry 
_struct_conn.ptnr2_label_asym_id 
_struct_conn.ptnr2_label_comp_id 
_struct_conn.ptnr2_label_seq_id 
_struct_conn.ptnr2_label_atom_id 
_struct_conn.pdbx_ptnr2_label_alt_id 
_struct_conn.pdbx_ptnr2_PDB_ins_code 
_struct_conn.ptnr1_auth_asym_id 
_struct_conn.ptnr1_auth_comp_id 
_struct_conn.ptnr1_auth_seq_id 
_struct_conn.ptnr2_auth_asym_id 
_struct_conn.ptnr2_auth_comp_id 
_struct_conn.ptnr2_auth_seq_id 
_struct_conn.ptnr2_symmetry 
_struct_conn.pdbx_ptnr3_label_atom_id 
_struct_conn.pdbx_ptnr3_label_seq_id 
_struct_conn.pdbx_ptnr3_label_comp_id 
_struct_conn.pdbx_ptnr3_label_asym_id 
_struct_conn.pdbx_ptnr3_label_alt_id 
_struct_conn.pdbx_ptnr3_PDB_ins_code 
_struct_conn.details 
_struct_conn.pdbx_dist_value 
_struct_conn.pdbx_value_order 
_struct_conn.pdbx_role 
hydrog1  hydrog ? ? A DG 3  N1 ? ? ? 1_555 D DC 7 N3 ? ? A DG 3  D DC 16 1_555 ? ? ? ? ? ? WATSON-CRICK ? ? ? 
hydrog2  hydrog ? ? A DG 3  N2 ? ? ? 1_555 D DC 7 O2 ? ? A DG 3  D DC 16 1_555 ? ? ? ? ? ? WATSON-CRICK ? ? ? 
hydrog3  hydrog ? ? A DG 3  O6 ? ? ? 1_555 D DC 7 N4 ? ? A DG 3  D DC 16 1_555 ? ? ? ? ? ? WATSON-CRICK ? ? ? 
hydrog4  hydrog ? ? A DC 4  N3 ? ? ? 1_555 D DG 6 N2 ? ? A DC 4  D DG 15 1_555 ? ? ? ? ? ? 'DC-DG PAIR' ? ? ? 
hydrog5  hydrog ? ? A DA 5  N1 ? ? ? 1_555 D DT 5 N3 ? ? A DA 5  D DT 14 1_555 ? ? ? ? ? ? WATSON-CRICK ? ? ? 
hydrog6  hydrog ? ? A DA 5  N6 ? ? ? 1_555 D DT 5 O4 ? ? A DA 5  D DT 14 1_555 ? ? ? ? ? ? WATSON-CRICK ? ? ? 
hydrog7  hydrog ? ? A DG 6  N1 ? ? ? 1_555 D DC 4 N3 ? ? A DG 6  D DC 13 1_555 ? ? ? ? ? ? WATSON-CRICK ? ? ? 
hydrog8  hydrog ? ? A DG 6  N2 ? ? ? 1_555 D DC 4 O2 ? ? A DG 6  D DC 13 1_555 ? ? ? ? ? ? WATSON-CRICK ? ? ? 
hydrog9  hydrog ? ? A DG 6  O6 ? ? ? 1_555 D DC 4 N4 ? ? A DG 6  D DC 13 1_555 ? ? ? ? ? ? WATSON-CRICK ? ? ? 
hydrog10 hydrog ? ? A DA 7  N1 ? ? ? 1_555 D DT 3 N3 ? ? A DA 7  D DT 12 1_555 ? ? ? ? ? ? WATSON-CRICK ? ? ? 
hydrog11 hydrog ? ? A DA 7  N6 ? ? ? 1_555 D DT 3 O4 ? ? A DA 7  D DT 12 1_555 ? ? ? ? ? ? WATSON-CRICK ? ? ? 
hydrog12 hydrog ? ? A DC 8  N3 ? ? ? 1_555 D DG 2 N1 ? ? A DC 8  D DG 11 1_555 ? ? ? ? ? ? WATSON-CRICK ? ? ? 
hydrog13 hydrog ? ? A DC 8  N4 ? ? ? 1_555 D DG 2 O6 ? ? A DC 8  D DG 11 1_555 ? ? ? ? ? ? WATSON-CRICK ? ? ? 
hydrog14 hydrog ? ? A DC 8  O2 ? ? ? 1_555 D DG 2 N2 ? ? A DC 8  D DG 11 1_555 ? ? ? ? ? ? WATSON-CRICK ? ? ? 
hydrog15 hydrog ? ? A DC 9  N3 ? ? ? 1_555 D DG 1 N1 ? ? A DC 9  D DG 10 1_555 ? ? ? ? ? ? WATSON-CRICK ? ? ? 
hydrog16 hydrog ? ? A DC 9  N4 ? ? ? 1_555 D DG 1 O6 ? ? A DC 9  D DG 10 1_555 ? ? ? ? ? ? WATSON-CRICK ? ? ? 
hydrog17 hydrog ? ? A DC 9  O2 ? ? ? 1_555 D DG 1 N2 ? ? A DC 9  D DG 10 1_555 ? ? ? ? ? ? WATSON-CRICK ? ? ? 
hydrog18 hydrog ? ? A DT 10 N3 ? ? ? 1_555 B DA 5 N1 ? ? A DT 10 B DA 5  1_555 ? ? ? ? ? ? WATSON-CRICK ? ? ? 
hydrog19 hydrog ? ? A DT 10 O4 ? ? ? 1_555 B DA 5 N6 ? ? A DT 10 B DA 5  1_555 ? ? ? ? ? ? WATSON-CRICK ? ? ? 
hydrog20 hydrog ? ? A DG 11 N1 ? ? ? 1_555 B DC 4 N3 ? ? A DG 11 B DC 4  1_555 ? ? ? ? ? ? WATSON-CRICK ? ? ? 
hydrog21 hydrog ? ? A DG 11 N2 ? ? ? 1_555 B DC 4 O2 ? ? A DG 11 B DC 4  1_555 ? ? ? ? ? ? WATSON-CRICK ? ? ? 
hydrog22 hydrog ? ? A DG 11 O6 ? ? ? 1_555 B DC 4 N4 ? ? A DG 11 B DC 4  1_555 ? ? ? ? ? ? WATSON-CRICK ? ? ? 
hydrog23 hydrog ? ? A DA 12 N1 ? ? ? 1_555 B DT 3 N3 ? ? A DA 12 B DT 3  1_555 ? ? ? ? ? ? WATSON-CRICK ? ? ? 
hydrog24 hydrog ? ? A DA 12 N6 ? ? ? 1_555 B DT 3 O4 ? ? A DA 12 B DT 3  1_555 ? ? ? ? ? ? WATSON-CRICK ? ? ? 
hydrog25 hydrog ? ? A DC 13 N3 ? ? ? 1_555 B DG 2 N1 ? ? A DC 13 B DG 2  1_555 ? ? ? ? ? ? WATSON-CRICK ? ? ? 
hydrog26 hydrog ? ? A DC 13 N4 ? ? ? 1_555 B DG 2 O6 ? ? A DC 13 B DG 2  1_555 ? ? ? ? ? ? WATSON-CRICK ? ? ? 
hydrog27 hydrog ? ? A DC 13 O2 ? ? ? 1_555 B DG 2 N2 ? ? A DC 13 B DG 2  1_555 ? ? ? ? ? ? WATSON-CRICK ? ? ? 
hydrog28 hydrog ? ? A DG 14 N1 ? ? ? 1_555 B DC 1 N3 ? ? A DG 14 B DC 1  1_555 ? ? ? ? ? ? WATSON-CRICK ? ? ? 
hydrog29 hydrog ? ? A DG 14 N2 ? ? ? 1_555 B DC 1 O2 ? ? A DG 14 B DC 1  1_555 ? ? ? ? ? ? WATSON-CRICK ? ? ? 
hydrog30 hydrog ? ? A DG 14 O6 ? ? ? 1_555 B DC 1 N4 ? ? A DG 14 B DC 1  1_555 ? ? ? ? ? ? WATSON-CRICK ? ? ? 
hydrog31 hydrog ? ? A DA 15 N1 ? ? ? 1_555 C DT 9 N3 ? ? A DA 15 C DT 9  1_555 ? ? ? ? ? ? WATSON-CRICK ? ? ? 
hydrog32 hydrog ? ? A DA 15 N6 ? ? ? 1_555 C DT 9 O4 ? ? A DA 15 C DT 9  1_555 ? ? ? ? ? ? WATSON-CRICK ? ? ? 
hydrog33 hydrog ? ? A DT 16 N3 ? ? ? 1_555 C DA 8 N1 ? ? A DT 16 C DA 8  1_555 ? ? ? ? ? ? WATSON-CRICK ? ? ? 
hydrog34 hydrog ? ? A DT 16 O4 ? ? ? 1_555 C DA 8 N6 ? ? A DT 16 C DA 8  1_555 ? ? ? ? ? ? WATSON-CRICK ? ? ? 
hydrog35 hydrog ? ? A DG 17 N1 ? ? ? 1_555 C DC 7 N3 ? ? A DG 17 C DC 7  1_555 ? ? ? ? ? ? WATSON-CRICK ? ? ? 
hydrog36 hydrog ? ? A DG 17 N2 ? ? ? 1_555 C DC 7 O2 ? ? A DG 17 C DC 7  1_555 ? ? ? ? ? ? WATSON-CRICK ? ? ? 
hydrog37 hydrog ? ? A DG 17 O6 ? ? ? 1_555 C DC 7 N4 ? ? A DG 17 C DC 7  1_555 ? ? ? ? ? ? WATSON-CRICK ? ? ? 
hydrog38 hydrog ? ? A DT 18 N3 ? ? ? 1_555 C DA 6 N1 ? ? A DT 18 C DA 6  1_555 ? ? ? ? ? ? WATSON-CRICK ? ? ? 
hydrog39 hydrog ? ? A DT 18 O4 ? ? ? 1_555 C DA 6 N6 ? ? A DT 18 C DA 6  1_555 ? ? ? ? ? ? WATSON-CRICK ? ? ? 
hydrog40 hydrog ? ? A DC 19 N3 ? ? ? 1_555 C DG 5 N1 ? ? A DC 19 C DG 5  1_555 ? ? ? ? ? ? WATSON-CRICK ? ? ? 
hydrog41 hydrog ? ? A DC 19 N4 ? ? ? 1_555 C DG 5 O6 ? ? A DC 19 C DG 5  1_555 ? ? ? ? ? ? WATSON-CRICK ? ? ? 
hydrog42 hydrog ? ? A DC 19 O2 ? ? ? 1_555 C DG 5 N2 ? ? A DC 19 C DG 5  1_555 ? ? ? ? ? ? WATSON-CRICK ? ? ? 
hydrog43 hydrog ? ? A DA 20 N1 ? ? ? 1_555 C DT 4 N3 ? ? A DA 20 C DT 4  1_555 ? ? ? ? ? ? WATSON-CRICK ? ? ? 
hydrog44 hydrog ? ? A DA 20 N6 ? ? ? 1_555 C DT 4 O4 ? ? A DA 20 C DT 4  1_555 ? ? ? ? ? ? WATSON-CRICK ? ? ? 
hydrog45 hydrog ? ? A DC 21 N3 ? ? ? 1_555 C DG 3 N1 ? ? A DC 21 C DG 3  1_555 ? ? ? ? ? ? WATSON-CRICK ? ? ? 
hydrog46 hydrog ? ? A DC 21 N4 ? ? ? 1_555 C DG 3 O6 ? ? A DC 21 C DG 3  1_555 ? ? ? ? ? ? WATSON-CRICK ? ? ? 
hydrog47 hydrog ? ? A DC 21 O2 ? ? ? 1_555 C DG 3 N2 ? ? A DC 21 C DG 3  1_555 ? ? ? ? ? ? WATSON-CRICK ? ? ? 
# 
_struct_conn_type.id          hydrog 
_struct_conn_type.criteria    ? 
_struct_conn_type.reference   ? 
# 
_atom_sites.entry_id                    8TC6 
_atom_sites.Cartn_transf_matrix[1][1]   ? 
_atom_sites.Cartn_transf_matrix[1][2]   ? 
_atom_sites.Cartn_transf_matrix[1][3]   ? 
_atom_sites.Cartn_transf_matrix[2][1]   ? 
_atom_sites.Cartn_transf_matrix[2][2]   ? 
_atom_sites.Cartn_transf_matrix[2][3]   ? 
_atom_sites.Cartn_transf_matrix[3][1]   ? 
_atom_sites.Cartn_transf_matrix[3][2]   ? 
_atom_sites.Cartn_transf_matrix[3][3]   ? 
_atom_sites.Cartn_transf_vector[1]      ? 
_atom_sites.Cartn_transf_vector[2]      ? 
_atom_sites.Cartn_transf_vector[3]      ? 
_atom_sites.fract_transf_matrix[1][1]   -0.00810296 
_atom_sites.fract_transf_matrix[1][2]   0.00037424 
_atom_sites.fract_transf_matrix[1][3]   -0.01494051 
_atom_sites.fract_transf_matrix[2][1]   -0.00472461 
_atom_sites.fract_transf_matrix[2][2]   -0.01452093 
_atom_sites.fract_transf_matrix[2][3]   -0.00747361 
_atom_sites.fract_transf_matrix[3][1]   -0.01340838 
_atom_sites.fract_transf_matrix[3][2]   0.00061199 
_atom_sites.fract_transf_matrix[3][3]   0.00728734 
_atom_sites.fract_transf_vector[1]      -0.373270 
_atom_sites.fract_transf_vector[2]      0.273676 
_atom_sites.fract_transf_vector[3]      0.167868 
_atom_sites.solution_primary            ? 
_atom_sites.solution_secondary          ? 
_atom_sites.solution_hydrogens          ? 
_atom_sites.special_details             ? 
# 
loop_
_atom_type.symbol 
AS 
C  
N  
O  
P  
# 
loop_
_atom_site.group_PDB 
_atom_site.id 
_atom_site.type_symbol 
_atom_site.label_atom_id 
_atom_site.label_alt_id 
_atom_site.label_comp_id 
_atom_site.label_asym_id 
_atom_site.label_entity_id 
_atom_site.label_seq_id 
_atom_site.pdbx_PDB_ins_code 
_atom_site.Cartn_x 
_atom_site.Cartn_y 
_atom_site.Cartn_z 
_atom_site.occupancy 
_atom_site.B_iso_or_equiv 
_atom_site.pdbx_formal_charge 
_atom_site.auth_seq_id 
_atom_site.auth_comp_id 
_atom_site.auth_asym_id 
_atom_site.auth_atom_id 
_atom_site.pdbx_PDB_model_num 
ATOM   1   O  "O5'" . DG  A 1 1  ? -17.448 11.746  -31.178 1.00 109.28 ?  1   DG  A "O5'" 1 
ATOM   2   C  "C5'" . DG  A 1 1  ? -16.979 12.931  -31.815 1.00 108.81 ?  1   DG  A "C5'" 1 
ATOM   3   C  "C4'" . DG  A 1 1  ? -15.664 13.386  -31.208 1.00 110.48 ?  1   DG  A "C4'" 1 
ATOM   4   O  "O4'" . DG  A 1 1  ? -15.840 14.675  -30.585 1.00 101.88 ?  1   DG  A "O4'" 1 
ATOM   5   C  "C3'" . DG  A 1 1  ? -15.115 12.476  -30.104 1.00 114.08 ?  1   DG  A "C3'" 1 
ATOM   6   O  "O3'" . DG  A 1 1  ? -14.017 11.632  -30.582 1.00 118.30 ?  1   DG  A "O3'" 1 
ATOM   7   C  "C2'" . DG  A 1 1  ? -14.683 13.438  -28.979 1.00 110.68 ?  1   DG  A "C2'" 1 
ATOM   8   C  "C1'" . DG  A 1 1  ? -14.831 14.813  -29.625 1.00 101.45 ?  1   DG  A "C1'" 1 
ATOM   9   N  N9    . DG  A 1 1  ? -15.189 15.872  -28.685 1.00 94.68  ?  1   DG  A N9    1 
ATOM   10  C  C8    . DG  A 1 1  ? -16.239 15.879  -27.799 1.00 95.30  ?  1   DG  A C8    1 
ATOM   11  N  N7    . DG  A 1 1  ? -16.296 16.964  -27.073 1.00 93.90  ?  1   DG  A N7    1 
ATOM   12  C  C5    . DG  A 1 1  ? -15.210 17.719  -27.504 1.00 91.91  ?  1   DG  A C5    1 
ATOM   13  C  C6    . DG  A 1 1  ? -14.757 18.995  -27.082 1.00 91.74  ?  1   DG  A C6    1 
ATOM   14  O  O6    . DG  A 1 1  ? -15.244 19.735  -26.217 1.00 90.56  ?  1   DG  A O6    1 
ATOM   15  N  N1    . DG  A 1 1  ? -13.617 19.393  -27.778 1.00 89.34  ?  1   DG  A N1    1 
ATOM   16  C  C2    . DG  A 1 1  ? -12.995 18.654  -28.755 1.00 91.69  ?  1   DG  A C2    1 
ATOM   17  N  N2    . DG  A 1 1  ? -11.906 19.202  -29.315 1.00 94.37  ?  1   DG  A N2    1 
ATOM   18  N  N3    . DG  A 1 1  ? -13.410 17.460  -29.158 1.00 89.98  ?  1   DG  A N3    1 
ATOM   19  C  C4    . DG  A 1 1  ? -14.519 17.058  -28.493 1.00 90.77  ?  1   DG  A C4    1 
ATOM   20  P  P     . DA  A 1 2  ? -12.848 12.174  -31.557 1.00 125.11 ?  2   DA  A P     1 
ATOM   21  O  OP1   . DA  A 1 2  ? -13.377 12.397  -32.920 1.00 123.97 ?  2   DA  A OP1   1 
ATOM   22  O  OP2   . DA  A 1 2  ? -11.711 11.243  -31.389 1.00 121.10 -1 2   DA  A OP2   1 
ATOM   23  O  "O5'" . DA  A 1 2  ? -12.388 13.564  -30.921 1.00 111.84 ?  2   DA  A "O5'" 1 
ATOM   24  C  "C5'" . DA  A 1 2  ? -11.677 14.507  -31.708 1.00 108.72 ?  2   DA  A "C5'" 1 
ATOM   25  C  "C4'" . DA  A 1 2  ? -10.299 14.769  -31.130 1.00 108.08 ?  2   DA  A "C4'" 1 
ATOM   26  O  "O4'" . DA  A 1 2  ? -10.394 15.732  -30.050 1.00 102.14 ?  2   DA  A "O4'" 1 
ATOM   27  C  "C3'" . DA  A 1 2  ? -9.594  13.545  -30.554 1.00 111.01 ?  2   DA  A "C3'" 1 
ATOM   28  O  "O3'" . DA  A 1 2  ? -8.206  13.608  -30.850 1.00 121.01 ?  2   DA  A "O3'" 1 
ATOM   29  C  "C2'" . DA  A 1 2  ? -9.863  13.658  -29.054 1.00 105.20 ?  2   DA  A "C2'" 1 
ATOM   30  C  "C1'" . DA  A 1 2  ? -9.927  15.167  -28.841 1.00 101.06 ?  2   DA  A "C1'" 1 
ATOM   31  N  N9    . DA  A 1 2  ? -10.845 15.560  -27.775 1.00 96.41  ?  2   DA  A N9    1 
ATOM   32  C  C8    . DA  A 1 2  ? -11.964 14.890  -27.368 1.00 95.19  ?  2   DA  A C8    1 
ATOM   33  N  N7    . DA  A 1 2  ? -12.608 15.478  -26.389 1.00 93.73  ?  2   DA  A N7    1 
ATOM   34  C  C5    . DA  A 1 2  ? -11.865 16.617  -26.137 1.00 94.55  ?  2   DA  A C5    1 
ATOM   35  C  C6    . DA  A 1 2  ? -12.025 17.667  -25.210 1.00 93.42  ?  2   DA  A C6    1 
ATOM   36  N  N6    . DA  A 1 2  ? -13.032 17.726  -24.333 1.00 88.62  ?  2   DA  A N6    1 
ATOM   37  N  N1    . DA  A 1 2  ? -11.105 18.653  -25.218 1.00 94.03  ?  2   DA  A N1    1 
ATOM   38  C  C2    . DA  A 1 2  ? -10.096 18.589  -26.096 1.00 96.26  ?  2   DA  A C2    1 
ATOM   39  N  N3    . DA  A 1 2  ? -9.842  17.656  -27.016 1.00 95.63  ?  2   DA  A N3    1 
ATOM   40  C  C4    . DA  A 1 2  ? -10.773 16.688  -26.983 1.00 95.89  ?  2   DA  A C4    1 
ATOM   41  P  P     . DG  A 1 3  ? -7.215  12.426  -30.403 1.00 119.91 ?  3   DG  A P     1 
ATOM   42  O  OP1   . DG  A 1 3  ? -6.553  11.908  -31.623 1.00 121.50 ?  3   DG  A OP1   1 
ATOM   43  O  OP2   . DG  A 1 3  ? -7.970  11.494  -29.534 1.00 107.55 -1 3   DG  A OP2   1 
ATOM   44  O  "O5'" . DG  A 1 3  ? -6.134  13.184  -29.506 1.00 109.28 ?  3   DG  A "O5'" 1 
ATOM   45  C  "C5'" . DG  A 1 3  ? -5.800  14.532  -29.810 1.00 103.52 ?  3   DG  A "C5'" 1 
ATOM   46  C  "C4'" . DG  A 1 3  ? -5.514  15.320  -28.546 1.00 100.63 ?  3   DG  A "C4'" 1 
ATOM   47  O  "O4'" . DG  A 1 3  ? -6.739  15.532  -27.802 1.00 99.49  ?  3   DG  A "O4'" 1 
ATOM   48  C  "C3'" . DG  A 1 3  ? -4.537  14.651  -27.574 1.00 102.24 ?  3   DG  A "C3'" 1 
ATOM   49  O  "O3'" . DG  A 1 3  ? -3.458  15.530  -27.317 1.00 104.17 ?  3   DG  A "O3'" 1 
ATOM   50  C  "C2'" . DG  A 1 3  ? -5.380  14.399  -26.314 1.00 96.58  ?  3   DG  A "C2'" 1 
ATOM   51  C  "C1'" . DG  A 1 3  ? -6.433  15.483  -26.435 1.00 94.09  ?  3   DG  A "C1'" 1 
ATOM   52  N  N9    . DG  A 1 3  ? -7.662  15.223  -25.683 1.00 92.68  ?  3   DG  A N9    1 
ATOM   53  C  C8    . DG  A 1 3  ? -8.539  14.179  -25.850 1.00 92.51  ?  3   DG  A C8    1 
ATOM   54  N  N7    . DG  A 1 3  ? -9.558  14.222  -25.033 1.00 89.79  ?  3   DG  A N7    1 
ATOM   55  C  C5    . DG  A 1 3  ? -9.342  15.371  -24.280 1.00 90.27  ?  3   DG  A C5    1 
ATOM   56  C  C6    . DG  A 1 3  ? -10.113 15.939  -23.232 1.00 92.12  ?  3   DG  A C6    1 
ATOM   57  O  O6    . DG  A 1 3  ? -11.176 15.527  -22.748 1.00 89.89  ?  3   DG  A O6    1 
ATOM   58  N  N1    . DG  A 1 3  ? -9.533  17.111  -22.741 1.00 92.98  ?  3   DG  A N1    1 
ATOM   59  C  C2    . DG  A 1 3  ? -8.359  17.661  -23.205 1.00 96.01  ?  3   DG  A C2    1 
ATOM   60  N  N2    . DG  A 1 3  ? -7.948  18.795  -22.613 1.00 96.10  ?  3   DG  A N2    1 
ATOM   61  N  N3    . DG  A 1 3  ? -7.631  17.136  -24.183 1.00 94.25  ?  3   DG  A N3    1 
ATOM   62  C  C4    . DG  A 1 3  ? -8.181  15.997  -24.671 1.00 93.09  ?  3   DG  A C4    1 
ATOM   63  P  P     . DC  A 1 4  ? -2.395  15.189  -26.165 1.00 106.95 ?  4   DC  A P     1 
ATOM   64  O  OP1   . DC  A 1 4  ? -1.102  15.780  -26.579 1.00 108.79 ?  4   DC  A OP1   1 
ATOM   65  O  OP2   . DC  A 1 4  ? -2.494  13.742  -25.865 1.00 95.61  -1 4   DC  A OP2   1 
ATOM   66  O  "O5'" . DC  A 1 4  ? -2.939  15.998  -24.901 1.00 89.01  ?  4   DC  A "O5'" 1 
ATOM   67  C  "C5'" . DC  A 1 4  ? -2.972  17.416  -24.932 1.00 89.32  ?  4   DC  A "C5'" 1 
ATOM   68  C  "C4'" . DC  A 1 4  ? -3.054  17.982  -23.528 1.00 92.04  ?  4   DC  A "C4'" 1 
ATOM   69  O  "O4'" . DC  A 1 4  ? -4.358  17.685  -22.964 1.00 90.91  ?  4   DC  A "O4'" 1 
ATOM   70  C  "C3'" . DC  A 1 4  ? -2.034  17.415  -22.544 1.00 86.34  ?  4   DC  A "C3'" 1 
ATOM   71  O  "O3'" . DC  A 1 4  ? -1.636  18.421  -21.624 1.00 90.20  ?  4   DC  A "O3'" 1 
ATOM   72  C  "C2'" . DC  A 1 4  ? -2.823  16.314  -21.851 1.00 83.23  ?  4   DC  A "C2'" 1 
ATOM   73  C  "C1'" . DC  A 1 4  ? -4.200  16.954  -21.768 1.00 82.16  ?  4   DC  A "C1'" 1 
ATOM   74  N  N1    . DC  A 1 4  ? -5.313  15.971  -21.663 1.00 80.19  ?  4   DC  A N1    1 
ATOM   75  C  C2    . DC  A 1 4  ? -6.369  16.219  -20.783 1.00 82.13  ?  4   DC  A C2    1 
ATOM   76  O  O2    . DC  A 1 4  ? -6.359  17.254  -20.106 1.00 83.12  ?  4   DC  A O2    1 
ATOM   77  N  N3    . DC  A 1 4  ? -7.376  15.315  -20.693 1.00 79.87  ?  4   DC  A N3    1 
ATOM   78  C  C4    . DC  A 1 4  ? -7.349  14.210  -21.439 1.00 80.59  ?  4   DC  A C4    1 
ATOM   79  N  N4    . DC  A 1 4  ? -8.365  13.349  -21.318 1.00 77.86  ?  4   DC  A N4    1 
ATOM   80  C  C5    . DC  A 1 4  ? -6.279  13.938  -22.344 1.00 80.15  ?  4   DC  A C5    1 
ATOM   81  C  C6    . DC  A 1 4  ? -5.292  14.837  -22.422 1.00 79.41  ?  4   DC  A C6    1 
ATOM   82  P  P     . DA  A 1 5  ? -0.267  18.262  -20.799 1.00 100.93 ?  5   DA  A P     1 
ATOM   83  O  OP1   . DA  A 1 5  ? 0.656   19.328  -21.252 1.00 102.09 ?  5   DA  A OP1   1 
ATOM   84  O  OP2   . DA  A 1 5  ? 0.147   16.845  -20.893 1.00 96.17  -1 5   DA  A OP2   1 
ATOM   85  O  "O5'" . DA  A 1 5  ? -0.697  18.553  -19.285 1.00 89.69  ?  5   DA  A "O5'" 1 
ATOM   86  C  "C5'" . DA  A 1 5  ? -1.253  19.811  -18.940 1.00 86.73  ?  5   DA  A "C5'" 1 
ATOM   87  C  "C4'" . DA  A 1 5  ? -2.311  19.670  -17.857 1.00 89.07  ?  5   DA  A "C4'" 1 
ATOM   88  O  "O4'" . DA  A 1 5  ? -3.307  18.692  -18.251 1.00 85.84  ?  5   DA  A "O4'" 1 
ATOM   89  C  "C3'" . DA  A 1 5  ? -1.801  19.230  -16.485 1.00 89.62  ?  5   DA  A "C3'" 1 
ATOM   90  O  "O3'" . DA  A 1 5  ? -2.389  20.059  -15.490 1.00 92.67  ?  5   DA  A "O3'" 1 
ATOM   91  C  "C2'" . DA  A 1 5  ? -2.279  17.777  -16.376 1.00 84.27  ?  5   DA  A "C2'" 1 
ATOM   92  C  "C1'" . DA  A 1 5  ? -3.574  17.832  -17.167 1.00 80.81  ?  5   DA  A "C1'" 1 
ATOM   93  N  N9    . DA  A 1 5  ? -4.004  16.552  -17.720 1.00 77.47  ?  5   DA  A N9    1 
ATOM   94  C  C8    . DA  A 1 5  ? -3.369  15.823  -18.680 1.00 79.49  ?  5   DA  A C8    1 
ATOM   95  N  N7    . DA  A 1 5  ? -4.001  14.726  -19.021 1.00 77.36  ?  5   DA  A N7    1 
ATOM   96  C  C5    . DA  A 1 5  ? -5.137  14.738  -18.232 1.00 74.75  ?  5   DA  A C5    1 
ATOM   97  C  C6    . DA  A 1 5  ? -6.221  13.845  -18.119 1.00 77.03  ?  5   DA  A C6    1 
ATOM   98  N  N6    . DA  A 1 5  ? -6.325  12.721  -18.837 1.00 80.48  ?  5   DA  A N6    1 
ATOM   99  N  N1    . DA  A 1 5  ? -7.194  14.151  -17.236 1.00 78.44  ?  5   DA  A N1    1 
ATOM   100 C  C2    . DA  A 1 5  ? -7.086  15.282  -16.523 1.00 83.75  ?  5   DA  A C2    1 
ATOM   101 N  N3    . DA  A 1 5  ? -6.114  16.196  -16.542 1.00 84.54  ?  5   DA  A N3    1 
ATOM   102 C  C4    . DA  A 1 5  ? -5.163  15.862  -17.429 1.00 77.89  ?  5   DA  A C4    1 
ATOM   103 P  P     . DG  A 1 6  ? -2.035  19.864  -13.936 1.00 93.06  ?  6   DG  A P     1 
ATOM   104 O  OP1   . DG  A 1 6  ? -2.291  21.156  -13.261 1.00 91.84  ?  6   DG  A OP1   1 
ATOM   105 O  OP2   . DG  A 1 6  ? -0.706  19.221  -13.834 1.00 90.94  -1 6   DG  A OP2   1 
ATOM   106 O  "O5'" . DG  A 1 6  ? -3.126  18.816  -13.433 1.00 78.68  ?  6   DG  A "O5'" 1 
ATOM   107 C  "C5'" . DG  A 1 6  ? -4.481  18.970  -13.821 1.00 81.81  ?  6   DG  A "C5'" 1 
ATOM   108 C  "C4'" . DG  A 1 6  ? -5.399  18.204  -12.889 1.00 85.93  ?  6   DG  A "C4'" 1 
ATOM   109 O  "O4'" . DG  A 1 6  ? -5.814  16.965  -13.519 1.00 84.71  ?  6   DG  A "O4'" 1 
ATOM   110 C  "C3'" . DG  A 1 6  ? -4.775  17.790  -11.568 1.00 84.24  ?  6   DG  A "C3'" 1 
ATOM   111 O  "O3'" . DG  A 1 6  ? -5.795  17.698  -10.589 1.00 83.66  ?  6   DG  A "O3'" 1 
ATOM   112 C  "C2'" . DG  A 1 6  ? -4.202  16.415  -11.905 1.00 85.11  ?  6   DG  A "C2'" 1 
ATOM   113 C  "C1'" . DG  A 1 6  ? -5.311  15.864  -12.783 1.00 80.32  ?  6   DG  A "C1'" 1 
ATOM   114 N  N9    . DG  A 1 6  ? -4.897  14.846  -13.741 1.00 79.35  ?  6   DG  A N9    1 
ATOM   115 C  C8    . DG  A 1 6  ? -3.744  14.801  -14.490 1.00 82.24  ?  6   DG  A C8    1 
ATOM   116 N  N7    . DG  A 1 6  ? -3.687  13.766  -15.290 1.00 84.35  ?  6   DG  A N7    1 
ATOM   117 C  C5    . DG  A 1 6  ? -4.887  13.098  -15.063 1.00 81.82  ?  6   DG  A C5    1 
ATOM   118 C  C6    . DG  A 1 6  ? -5.405  11.904  -15.633 1.00 81.40  ?  6   DG  A C6    1 
ATOM   119 O  O6    . DG  A 1 6  ? -4.901  11.165  -16.490 1.00 84.12  ?  6   DG  A O6    1 
ATOM   120 N  N1    . DG  A 1 6  ? -6.658  11.592  -15.113 1.00 80.19  ?  6   DG  A N1    1 
ATOM   121 C  C2    . DG  A 1 6  ? -7.320  12.329  -14.165 1.00 85.17  ?  6   DG  A C2    1 
ATOM   122 N  N2    . DG  A 1 6  ? -8.518  11.878  -13.782 1.00 86.13  ?  6   DG  A N2    1 
ATOM   123 N  N3    . DG  A 1 6  ? -6.849  13.438  -13.628 1.00 82.15  ?  6   DG  A N3    1 
ATOM   124 C  C4    . DG  A 1 6  ? -5.634  13.758  -14.117 1.00 80.25  ?  6   DG  A C4    1 
ATOM   125 P  P     . DA  A 1 7  ? -5.474  18.007  -9.048  1.00 87.35  ?  7   DA  A P     1 
ATOM   126 O  OP1   . DA  A 1 7  ? -6.365  19.107  -8.611  1.00 89.52  ?  7   DA  A OP1   1 
ATOM   127 O  OP2   . DA  A 1 7  ? -4.008  18.159  -8.921  1.00 86.05  -1 7   DA  A OP2   1 
ATOM   128 O  "O5'" . DA  A 1 7  ? -5.920  16.666  -8.302  1.00 81.29  ?  7   DA  A "O5'" 1 
ATOM   129 C  "C5'" . DA  A 1 7  ? -7.296  16.332  -8.244  1.00 76.57  ?  7   DA  A "C5'" 1 
ATOM   130 C  "C4'" . DA  A 1 7  ? -7.539  14.852  -8.506  1.00 81.56  ?  7   DA  A "C4'" 1 
ATOM   131 O  "O4'" . DA  A 1 7  ? -6.755  14.377  -9.623  1.00 82.31  ?  7   DA  A "O4'" 1 
ATOM   132 C  "C3'" . DA  A 1 7  ? -7.215  13.909  -7.343  1.00 80.79  ?  7   DA  A "C3'" 1 
ATOM   133 O  "O3'" . DA  A 1 7  ? -8.420  13.342  -6.880  1.00 80.29  ?  7   DA  A "O3'" 1 
ATOM   134 C  "C2'" . DA  A 1 7  ? -6.284  12.843  -7.965  1.00 78.85  ?  7   DA  A "C2'" 1 
ATOM   135 C  "C1'" . DA  A 1 7  ? -6.592  12.995  -9.443  1.00 78.55  ?  7   DA  A "C1'" 1 
ATOM   136 N  N9    . DA  A 1 7  ? -5.557  12.511  -10.361 1.00 79.08  ?  7   DA  A N9    1 
ATOM   137 C  C8    . DA  A 1 7  ? -4.340  13.079  -10.620 1.00 79.24  ?  7   DA  A C8    1 
ATOM   138 N  N7    . DA  A 1 7  ? -3.634  12.433  -11.523 1.00 75.72  ?  7   DA  A N7    1 
ATOM   139 C  C5    . DA  A 1 7  ? -4.450  11.375  -11.890 1.00 74.57  ?  7   DA  A C5    1 
ATOM   140 C  C6    . DA  A 1 7  ? -4.285  10.316  -12.812 1.00 73.91  ?  7   DA  A C6    1 
ATOM   141 N  N6    . DA  A 1 7  ? -3.188  10.153  -13.559 1.00 74.83  ?  7   DA  A N6    1 
ATOM   142 N  N1    . DA  A 1 7  ? -5.294  9.431   -12.936 1.00 77.26  ?  7   DA  A N1    1 
ATOM   143 C  C2    . DA  A 1 7  ? -6.394  9.598   -12.191 1.00 77.81  ?  7   DA  A C2    1 
ATOM   144 N  N3    . DA  A 1 7  ? -6.663  10.546  -11.295 1.00 73.95  ?  7   DA  A N3    1 
ATOM   145 C  C4    . DA  A 1 7  ? -5.641  11.412  -11.192 1.00 76.85  ?  7   DA  A C4    1 
ATOM   146 P  P     . DC  A 1 8  ? -8.482  12.592  -5.465  1.00 84.63  ?  8   DC  A P     1 
ATOM   147 O  OP1   . DC  A 1 8  ? -9.742  13.005  -4.805  1.00 81.10  ?  8   DC  A OP1   1 
ATOM   148 O  OP2   . DC  A 1 8  ? -7.187  12.798  -4.779  1.00 82.74  -1 8   DC  A OP2   1 
ATOM   149 O  "O5'" . DC  A 1 8  ? -8.606  11.056  -5.877  1.00 77.50  ?  8   DC  A "O5'" 1 
ATOM   150 C  "C5'" . DC  A 1 8  ? -9.485  10.695  -6.922  1.00 71.60  ?  8   DC  A "C5'" 1 
ATOM   151 C  "C4'" . DC  A 1 8  ? -9.144  9.327   -7.479  1.00 76.14  ?  8   DC  A "C4'" 1 
ATOM   152 O  "O4'" . DC  A 1 8  ? -7.994  9.407   -8.352  1.00 81.26  ?  8   DC  A "O4'" 1 
ATOM   153 C  "C3'" . DC  A 1 8  ? -8.811  8.262   -6.434  1.00 74.15  ?  8   DC  A "C3'" 1 
ATOM   154 O  "O3'" . DC  A 1 8  ? -9.760  7.215   -6.519  1.00 73.59  ?  8   DC  A "O3'" 1 
ATOM   155 C  "C2'" . DC  A 1 8  ? -7.395  7.787   -6.814  1.00 76.28  ?  8   DC  A "C2'" 1 
ATOM   156 C  "C1'" . DC  A 1 8  ? -7.314  8.182   -8.279  1.00 76.65  ?  8   DC  A "C1'" 1 
ATOM   157 N  N1    . DC  A 1 8  ? -5.916  8.374   -8.817  1.00 72.12  ?  8   DC  A N1    1 
ATOM   158 C  C2    . DC  A 1 8  ? -5.434  7.518   -9.822  1.00 70.29  ?  8   DC  A C2    1 
ATOM   159 O  O2    . DC  A 1 8  ? -6.160  6.607   -10.234 1.00 71.90  ?  8   DC  A O2    1 
ATOM   160 N  N3    . DC  A 1 8  ? -4.187  7.717   -10.314 1.00 65.34  ?  8   DC  A N3    1 
ATOM   161 C  C4    . DC  A 1 8  ? -3.437  8.713   -9.846  1.00 72.21  ?  8   DC  A C4    1 
ATOM   162 N  N4    . DC  A 1 8  ? -2.213  8.866   -10.360 1.00 76.31  ?  8   DC  A N4    1 
ATOM   163 C  C5    . DC  A 1 8  ? -3.909  9.598   -8.827  1.00 69.98  ?  8   DC  A C5    1 
ATOM   164 C  C6    . DC  A 1 8  ? -5.144  9.396   -8.351  1.00 70.52  ?  8   DC  A C6    1 
ATOM   165 P  P     . DC  A 1 9  ? -9.760  6.029   -5.439  1.00 73.95  ?  9   DC  A P     1 
ATOM   166 O  OP1   . DC  A 1 9  ? -11.165 5.795   -5.041  1.00 71.25  ?  9   DC  A OP1   1 
ATOM   167 O  OP2   . DC  A 1 9  ? -8.737  6.346   -4.419  1.00 77.59  -1 9   DC  A OP2   1 
ATOM   168 O  "O5'" . DC  A 1 9  ? -9.255  4.770   -6.275  1.00 69.62  ?  9   DC  A "O5'" 1 
ATOM   169 C  "C5'" . DC  A 1 9  ? -9.813  4.519   -7.551  1.00 69.73  ?  9   DC  A "C5'" 1 
ATOM   170 C  "C4'" . DC  A 1 9  ? -9.246  3.255   -8.160  1.00 71.41  ?  9   DC  A "C4'" 1 
ATOM   171 O  "O4'" . DC  A 1 9  ? -7.978  3.543   -8.797  1.00 76.82  ?  9   DC  A "O4'" 1 
ATOM   172 C  "C3'" . DC  A 1 9  ? -8.978  2.120   -7.184  1.00 68.93  ?  9   DC  A "C3'" 1 
ATOM   173 O  "O3'" . DC  A 1 9  ? -9.234  0.890   -7.836  1.00 70.37  ?  9   DC  A "O3'" 1 
ATOM   174 C  "C2'" . DC  A 1 9  ? -7.494  2.295   -6.857  1.00 73.77  ?  9   DC  A "C2'" 1 
ATOM   175 C  "C1'" . DC  A 1 9  ? -6.943  2.804   -8.184  1.00 72.41  ?  9   DC  A "C1'" 1 
ATOM   176 N  N1    . DC  A 1 9  ? -5.768  3.705   -8.055  1.00 67.15  ?  9   DC  A N1    1 
ATOM   177 C  C2    . DC  A 1 9  ? -4.639  3.466   -8.838  1.00 65.93  ?  9   DC  A C2    1 
ATOM   178 O  O2    . DC  A 1 9  ? -4.643  2.498   -9.603  1.00 67.35  ?  9   DC  A O2    1 
ATOM   179 N  N3    . DC  A 1 9  ? -3.579  4.303   -8.735  1.00 64.58  ?  9   DC  A N3    1 
ATOM   180 C  C4    . DC  A 1 9  ? -3.626  5.340   -7.895  1.00 64.03  ?  9   DC  A C4    1 
ATOM   181 N  N4    . DC  A 1 9  ? -2.554  6.138   -7.825  1.00 63.38  ?  9   DC  A N4    1 
ATOM   182 C  C5    . DC  A 1 9  ? -4.773  5.603   -7.090  1.00 66.40  ?  9   DC  A C5    1 
ATOM   183 C  C6    . DC  A 1 9  ? -5.814  4.771   -7.205  1.00 66.01  ?  9   DC  A C6    1 
ATOM   184 P  P     . DT  A 1 10 ? -9.166  -0.499  -7.038  1.00 79.83  ?  10  DT  A P     1 
ATOM   185 O  OP1   . DT  A 1 10 ? -10.541 -1.040  -6.956  1.00 83.68  ?  10  DT  A OP1   1 
ATOM   186 O  OP2   . DT  A 1 10 ? -8.377  -0.284  -5.805  1.00 77.64  -1 10  DT  A OP2   1 
ATOM   187 O  "O5'" . DT  A 1 10 ? -8.312  -1.432  -8.011  1.00 76.14  ?  10  DT  A "O5'" 1 
ATOM   188 C  "C5'" . DT  A 1 10 ? -7.352  -0.847  -8.879  1.00 72.78  ?  10  DT  A "C5'" 1 
ATOM   189 C  "C4'" . DT  A 1 10 ? -6.176  -1.776  -9.068  1.00 71.01  ?  10  DT  A "C4'" 1 
ATOM   190 O  "O4'" . DT  A 1 10 ? -4.957  -0.991  -9.157  1.00 71.53  ?  10  DT  A "O4'" 1 
ATOM   191 C  "C3'" . DT  A 1 10 ? -5.967  -2.757  -7.918  1.00 69.55  ?  10  DT  A "C3'" 1 
ATOM   192 O  "O3'" . DT  A 1 10 ? -5.558  -4.025  -8.408  1.00 69.74  ?  10  DT  A "O3'" 1 
ATOM   193 C  "C2'" . DT  A 1 10 ? -4.876  -2.092  -7.092  1.00 74.19  ?  10  DT  A "C2'" 1 
ATOM   194 C  "C1'" . DT  A 1 10 ? -4.045  -1.408  -8.168  1.00 71.06  ?  10  DT  A "C1'" 1 
ATOM   195 N  N1    . DT  A 1 10 ? -3.320  -0.219  -7.661  1.00 66.62  ?  10  DT  A N1    1 
ATOM   196 C  C2    . DT  A 1 10 ? -2.054  0.047   -8.119  1.00 65.08  ?  10  DT  A C2    1 
ATOM   197 O  O2    . DT  A 1 10 ? -1.484  -0.641  -8.948  1.00 63.33  ?  10  DT  A O2    1 
ATOM   198 N  N3    . DT  A 1 10 ? -1.476  1.163   -7.575  1.00 64.31  ?  10  DT  A N3    1 
ATOM   199 C  C4    . DT  A 1 10 ? -2.026  2.016   -6.635  1.00 65.14  ?  10  DT  A C4    1 
ATOM   200 O  O4    . DT  A 1 10 ? -1.431  2.996   -6.204  1.00 66.33  ?  10  DT  A O4    1 
ATOM   201 C  C5    . DT  A 1 10 ? -3.350  1.673   -6.196  1.00 65.49  ?  10  DT  A C5    1 
ATOM   202 C  C7    . DT  A 1 10 ? -4.044  2.526   -5.178  1.00 70.98  ?  10  DT  A C7    1 
ATOM   203 C  C6    . DT  A 1 10 ? -3.927  0.585   -6.720  1.00 65.17  ?  10  DT  A C6    1 
ATOM   204 P  P     . DG  A 1 11 ? -5.790  -5.335  -7.508  1.00 82.81  ?  11  DG  A P     1 
ATOM   205 O  OP1   . DG  A 1 11 ? -6.941  -6.081  -8.066  1.00 90.16  ?  11  DG  A OP1   1 
ATOM   206 O  OP2   . DG  A 1 11 ? -5.802  -4.896  -6.094  1.00 73.90  -1 11  DG  A OP2   1 
ATOM   207 O  "O5'" . DG  A 1 11 ? -4.465  -6.196  -7.731  1.00 70.18  ?  11  DG  A "O5'" 1 
ATOM   208 C  "C5'" . DG  A 1 11 ? -4.123  -6.647  -9.027  1.00 67.89  ?  11  DG  A "C5'" 1 
ATOM   209 C  "C4'" . DG  A 1 11 ? -2.649  -6.999  -9.095  1.00 70.74  ?  11  DG  A "C4'" 1 
ATOM   210 O  "O4'" . DG  A 1 11 ? -1.858  -5.794  -8.942  1.00 75.96  ?  11  DG  A "O4'" 1 
ATOM   211 C  "C3'" . DG  A 1 11 ? -2.167  -7.967  -8.021  1.00 72.27  ?  11  DG  A "C3'" 1 
ATOM   212 O  "O3'" . DG  A 1 11 ? -1.197  -8.851  -8.566  1.00 75.08  ?  11  DG  A "O3'" 1 
ATOM   213 C  "C2'" . DG  A 1 11 ? -1.569  -7.047  -6.955  1.00 67.37  ?  11  DG  A "C2'" 1 
ATOM   214 C  "C1'" . DG  A 1 11 ? -1.054  -5.871  -7.783  1.00 70.65  ?  11  DG  A "C1'" 1 
ATOM   215 N  N9    . DG  A 1 11 ? -1.148  -4.588  -7.091  1.00 66.45  ?  11  DG  A N9    1 
ATOM   216 C  C8    . DG  A 1 11 ? -2.255  -4.069  -6.471  1.00 67.04  ?  11  DG  A C8    1 
ATOM   217 N  N7    . DG  A 1 11 ? -2.050  -2.896  -5.938  1.00 68.19  ?  11  DG  A N7    1 
ATOM   218 C  C5    . DG  A 1 11 ? -0.726  -2.613  -6.230  1.00 63.09  ?  11  DG  A C5    1 
ATOM   219 C  C6    . DG  A 1 11 ? 0.056   -1.477  -5.910  1.00 63.98  ?  11  DG  A C6    1 
ATOM   220 O  O6    . DG  A 1 11 ? -0.281  -0.460  -5.285  1.00 66.03  ?  11  DG  A O6    1 
ATOM   221 N  N1    . DG  A 1 11 ? 1.355   -1.595  -6.393  1.00 62.13  ?  11  DG  A N1    1 
ATOM   222 C  C2    . DG  A 1 11 ? 1.836   -2.675  -7.098  1.00 63.90  ?  11  DG  A C2    1 
ATOM   223 N  N2    . DG  A 1 11 ? 3.116   -2.619  -7.486  1.00 64.37  ?  11  DG  A N2    1 
ATOM   224 N  N3    . DG  A 1 11 ? 1.113   -3.744  -7.405  1.00 68.06  ?  11  DG  A N3    1 
ATOM   225 C  C4    . DG  A 1 11 ? -0.154  -3.644  -6.942  1.00 65.73  ?  11  DG  A C4    1 
ATOM   226 P  P     . DA  A 1 12 ? -0.497  -9.962  -7.640  1.00 88.47  ?  12  DA  A P     1 
ATOM   227 O  OP1   . DA  A 1 12 ? -0.280  -11.165 -8.473  1.00 86.73  ?  12  DA  A OP1   1 
ATOM   228 O  OP2   . DA  A 1 12 ? -1.260  -10.063 -6.376  1.00 80.58  -1 12  DA  A OP2   1 
ATOM   229 O  "O5'" . DA  A 1 12 ? 0.919   -9.316  -7.291  1.00 74.70  ?  12  DA  A "O5'" 1 
ATOM   230 C  "C5'" . DA  A 1 12 ? 1.575   -8.515  -8.255  1.00 68.02  ?  12  DA  A "C5'" 1 
ATOM   231 C  "C4'" . DA  A 1 12 ? 2.912   -8.031  -7.738  1.00 64.15  ?  12  DA  A "C4'" 1 
ATOM   232 O  "O4'" . DA  A 1 12 ? 2.770   -6.695  -7.190  1.00 68.76  ?  12  DA  A "O4'" 1 
ATOM   233 C  "C3'" . DA  A 1 12 ? 3.523   -8.880  -6.635  1.00 63.88  ?  12  DA  A "C3'" 1 
ATOM   234 O  "O3'" . DA  A 1 12 ? 4.923   -8.949  -6.814  1.00 65.76  ?  12  DA  A "O3'" 1 
ATOM   235 C  "C2'" . DA  A 1 12 ? 3.152   -8.120  -5.364  1.00 67.43  ?  12  DA  A "C2'" 1 
ATOM   236 C  "C1'" . DA  A 1 12 ? 3.180   -6.675  -5.842  1.00 64.11  ?  12  DA  A "C1'" 1 
ATOM   237 N  N9    . DA  A 1 12 ? 2.269   -5.800  -5.109  1.00 63.19  ?  12  DA  A N9    1 
ATOM   238 C  C8    . DA  A 1 12 ? 0.934   -6.001  -4.896  1.00 67.85  ?  12  DA  A C8    1 
ATOM   239 N  N7    . DA  A 1 12 ? 0.355   -5.043  -4.209  1.00 69.34  ?  12  DA  A N7    1 
ATOM   240 C  C5    . DA  A 1 12 ? 1.383   -4.147  -3.958  1.00 63.70  ?  12  DA  A C5    1 
ATOM   241 C  C6    . DA  A 1 12 ? 1.424   -2.919  -3.267  1.00 58.27  ?  12  DA  A C6    1 
ATOM   242 N  N6    . DA  A 1 12 ? 0.354   -2.366  -2.686  1.00 59.34  ?  12  DA  A N6    1 
ATOM   243 N  N1    . DA  A 1 12 ? 2.612   -2.278  -3.199  1.00 59.09  ?  12  DA  A N1    1 
ATOM   244 C  C2    . DA  A 1 12 ? 3.680   -2.838  -3.782  1.00 62.32  ?  12  DA  A C2    1 
ATOM   245 N  N3    . DA  A 1 12 ? 3.764   -3.986  -4.455  1.00 68.59  ?  12  DA  A N3    1 
ATOM   246 C  C4    . DA  A 1 12 ? 2.569   -4.596  -4.509  1.00 65.30  ?  12  DA  A C4    1 
ATOM   247 P  P     . DC  A 1 13 ? 5.802   -9.958  -5.931  1.00 70.55  ?  13  DC  A P     1 
ATOM   248 O  OP1   . DC  A 1 13 ? 6.882   -10.472 -6.802  1.00 65.44  ?  13  DC  A OP1   1 
ATOM   249 O  OP2   . DC  A 1 13 ? 4.872   -10.899 -5.268  1.00 76.71  -1 13  DC  A OP2   1 
ATOM   250 O  "O5'" . DC  A 1 13 ? 6.448   -9.015  -4.818  1.00 71.71  ?  13  DC  A "O5'" 1 
ATOM   251 C  "C5'" . DC  A 1 13 ? 7.178   -7.865  -5.214  1.00 71.24  ?  13  DC  A "C5'" 1 
ATOM   252 C  "C4'" . DC  A 1 13 ? 7.312   -6.886  -4.064  1.00 65.84  ?  13  DC  A "C4'" 1 
ATOM   253 O  "O4'" . DC  A 1 13 ? 6.020   -6.323  -3.747  1.00 66.87  ?  13  DC  A "O4'" 1 
ATOM   254 C  "C3'" . DC  A 1 13 ? 7.841   -7.486  -2.749  1.00 68.33  ?  13  DC  A "C3'" 1 
ATOM   255 O  "O3'" . DC  A 1 13 ? 9.065   -6.855  -2.390  1.00 68.98  ?  13  DC  A "O3'" 1 
ATOM   256 C  "C2'" . DC  A 1 13 ? 6.732   -7.185  -1.730  1.00 66.25  ?  13  DC  A "C2'" 1 
ATOM   257 C  "C1'" . DC  A 1 13 ? 6.036   -6.009  -2.387  1.00 63.40  ?  13  DC  A "C1'" 1 
ATOM   258 N  N1    . DC  A 1 13 ? 4.650   -5.772  -1.912  1.00 59.59  ?  13  DC  A N1    1 
ATOM   259 C  C2    . DC  A 1 13 ? 4.398   -4.650  -1.131  1.00 57.75  ?  13  DC  A C2    1 
ATOM   260 O  O2    . DC  A 1 13 ? 5.338   -3.892  -0.871  1.00 62.07  ?  13  DC  A O2    1 
ATOM   261 N  N3    . DC  A 1 13 ? 3.143   -4.425  -0.685  1.00 57.74  ?  13  DC  A N3    1 
ATOM   262 C  C4    . DC  A 1 13 ? 2.165   -5.275  -0.998  1.00 58.76  ?  13  DC  A C4    1 
ATOM   263 N  N4    . DC  A 1 13 ? 0.939   -5.009  -0.540  1.00 59.72  ?  13  DC  A N4    1 
ATOM   264 C  C5    . DC  A 1 13 ? 2.401   -6.434  -1.799  1.00 61.80  ?  13  DC  A C5    1 
ATOM   265 C  C6    . DC  A 1 13 ? 3.650   -6.644  -2.229  1.00 62.85  ?  13  DC  A C6    1 
ATOM   266 P  P     . DG  A 1 14 ? 9.804   -7.230  -1.012  1.00 80.93  ?  14  DG  A P     1 
ATOM   267 O  OP1   . DG  A 1 14 ? 11.247  -7.379  -1.307  1.00 81.22  ?  14  DG  A OP1   1 
ATOM   268 O  OP2   . DG  A 1 14 ? 9.059   -8.340  -0.372  1.00 71.10  -1 14  DG  A OP2   1 
ATOM   269 O  "O5'" . DG  A 1 14 ? 9.608   -5.925  -0.111  1.00 69.02  ?  14  DG  A "O5'" 1 
ATOM   270 C  "C5'" . DG  A 1 14 ? 9.880   -4.642  -0.664  1.00 62.84  ?  14  DG  A "C5'" 1 
ATOM   271 C  "C4'" . DG  A 1 14 ? 9.892   -3.568  0.413   1.00 58.90  ?  14  DG  A "C4'" 1 
ATOM   272 O  "O4'" . DG  A 1 14 ? 8.535   -3.161  0.725   1.00 62.41  ?  14  DG  A "O4'" 1 
ATOM   273 C  "C3'" . DG  A 1 14 ? 10.517  -3.975  1.739   1.00 57.49  ?  14  DG  A "C3'" 1 
ATOM   274 O  "O3'" . DG  A 1 14 ? 11.155  -2.856  2.322   1.00 59.34  ?  14  DG  A "O3'" 1 
ATOM   275 C  "C2'" . DG  A 1 14 ? 9.309   -4.420  2.560   1.00 61.85  ?  14  DG  A "C2'" 1 
ATOM   276 C  "C1'" . DG  A 1 14 ? 8.235   -3.455  2.077   1.00 58.59  ?  14  DG  A "C1'" 1 
ATOM   277 N  N9    . DG  A 1 14 ? 6.880   -4.005  2.128   1.00 55.77  ?  14  DG  A N9    1 
ATOM   278 C  C8    . DG  A 1 14 ? 6.417   -5.123  1.481   1.00 59.27  ?  14  DG  A C8    1 
ATOM   279 N  N7    . DG  A 1 14 ? 5.151   -5.364  1.697   1.00 55.56  ?  14  DG  A N7    1 
ATOM   280 C  C5    . DG  A 1 14 ? 4.748   -4.338  2.539   1.00 53.02  ?  14  DG  A C5    1 
ATOM   281 C  C6    . DG  A 1 14 ? 3.481   -4.071  3.116   1.00 53.95  ?  14  DG  A C6    1 
ATOM   282 O  O6    . DG  A 1 14 ? 2.425   -4.708  2.989   1.00 56.62  ?  14  DG  A O6    1 
ATOM   283 N  N1    . DG  A 1 14 ? 3.508   -2.933  3.909   1.00 53.68  ?  14  DG  A N1    1 
ATOM   284 C  C2    . DG  A 1 14 ? 4.618   -2.148  4.120   1.00 55.75  ?  14  DG  A C2    1 
ATOM   285 N  N2    . DG  A 1 14 ? 4.458   -1.086  4.916   1.00 57.69  ?  14  DG  A N2    1 
ATOM   286 N  N3    . DG  A 1 14 ? 5.808   -2.386  3.588   1.00 54.65  ?  14  DG  A N3    1 
ATOM   287 C  C4    . DG  A 1 14 ? 5.801   -3.491  2.814   1.00 53.61  ?  14  DG  A C4    1 
ATOM   288 P  P     . DA  A 1 15 ? 11.954  -3.012  3.705   1.00 68.07  ?  15  DA  A P     1 
ATOM   289 O  OP1   . DA  A 1 15 ? 13.107  -2.085  3.678   1.00 63.92  ?  15  DA  A OP1   1 
ATOM   290 O  OP2   . DA  A 1 15 ? 12.164  -4.461  3.921   1.00 66.42  -1 15  DA  A OP2   1 
ATOM   291 O  "O5'" . DA  A 1 15 ? 10.917  -2.489  4.798   1.00 60.23  ?  15  DA  A "O5'" 1 
ATOM   292 C  "C5'" . DA  A 1 15 ? 10.228  -1.271  4.579   1.00 58.70  ?  15  DA  A "C5'" 1 
ATOM   293 C  "C4'" . DA  A 1 15 ? 9.775   -0.650  5.888   1.00 57.89  ?  15  DA  A "C4'" 1 
ATOM   294 O  "O4'" . DA  A 1 15 ? 8.372   -0.936  6.106   1.00 62.24  ?  15  DA  A "O4'" 1 
ATOM   295 C  "C3'" . DA  A 1 15 ? 10.483  -1.150  7.133   1.00 58.88  ?  15  DA  A "C3'" 1 
ATOM   296 O  "O3'" . DA  A 1 15 ? 10.465  -0.134  8.116   1.00 62.15  ?  15  DA  A "O3'" 1 
ATOM   297 C  "C2'" . DA  A 1 15 ? 9.616   -2.336  7.545   1.00 62.25  ?  15  DA  A "C2'" 1 
ATOM   298 C  "C1'" . DA  A 1 15 ? 8.221   -1.824  7.200   1.00 61.08  ?  15  DA  A "C1'" 1 
ATOM   299 N  N9    . DA  A 1 15 ? 7.289   -2.869  6.791   1.00 59.62  ?  15  DA  A N9    1 
ATOM   300 C  C8    . DA  A 1 15 ? 7.532   -3.899  5.926   1.00 61.22  ?  15  DA  A C8    1 
ATOM   301 N  N7    . DA  A 1 15 ? 6.494   -4.677  5.723   1.00 60.07  ?  15  DA  A N7    1 
ATOM   302 C  C5    . DA  A 1 15 ? 5.499   -4.110  6.501   1.00 56.61  ?  15  DA  A C5    1 
ATOM   303 C  C6    . DA  A 1 15 ? 4.151   -4.459  6.723   1.00 57.64  ?  15  DA  A C6    1 
ATOM   304 N  N6    . DA  A 1 15 ? 3.559   -5.515  6.153   1.00 57.59  ?  15  DA  A N6    1 
ATOM   305 N  N1    . DA  A 1 15 ? 3.436   -3.678  7.557   1.00 57.00  ?  15  DA  A N1    1 
ATOM   306 C  C2    . DA  A 1 15 ? 4.031   -2.623  8.126   1.00 56.93  ?  15  DA  A C2    1 
ATOM   307 N  N3    . DA  A 1 15 ? 5.284   -2.196  7.994   1.00 58.18  ?  15  DA  A N3    1 
ATOM   308 C  C4    . DA  A 1 15 ? 5.971   -2.990  7.159   1.00 57.34  ?  15  DA  A C4    1 
ATOM   309 P  P     . DT  A 1 16 ? 11.178  -0.364  9.534   1.00 65.32  ?  16  DT  A P     1 
ATOM   310 O  OP1   . DT  A 1 16 ? 11.695  0.952   9.972   1.00 59.77  ?  16  DT  A OP1   1 
ATOM   311 O  OP2   . DT  A 1 16 ? 12.098  -1.513  9.386   1.00 63.61  -1 16  DT  A OP2   1 
ATOM   312 O  "O5'" . DT  A 1 16 ? 9.978   -0.801  10.498  1.00 63.63  ?  16  DT  A "O5'" 1 
ATOM   313 C  "C5'" . DT  A 1 16 ? 8.909   0.103   10.741  1.00 61.54  ?  16  DT  A "C5'" 1 
ATOM   314 C  "C4'" . DT  A 1 16 ? 7.885   -0.492  11.695  1.00 63.43  ?  16  DT  A "C4'" 1 
ATOM   315 O  "O4'" . DT  A 1 16 ? 7.079   -1.486  11.006  1.00 65.25  ?  16  DT  A "O4'" 1 
ATOM   316 C  "C3'" . DT  A 1 16 ? 8.456   -1.202  12.928  1.00 66.16  ?  16  DT  A "C3'" 1 
ATOM   317 O  "O3'" . DT  A 1 16 ? 7.630   -0.915  14.050  1.00 66.93  ?  16  DT  A "O3'" 1 
ATOM   318 C  "C2'" . DT  A 1 16 ? 8.341   -2.674  12.535  1.00 63.18  ?  16  DT  A "C2'" 1 
ATOM   319 C  "C1'" . DT  A 1 16 ? 7.007   -2.630  11.821  1.00 61.41  ?  16  DT  A "C1'" 1 
ATOM   320 N  N1    . DT  A 1 16 ? 6.689   -3.822  10.980  1.00 58.69  ?  16  DT  A N1    1 
ATOM   321 C  C2    . DT  A 1 16 ? 5.421   -4.346  11.041  1.00 60.63  ?  16  DT  A C2    1 
ATOM   322 O  O2    . DT  A 1 16 ? 4.543   -3.885  11.750  1.00 63.84  ?  16  DT  A O2    1 
ATOM   323 N  N3    . DT  A 1 16 ? 5.206   -5.429  10.240  1.00 57.16  ?  16  DT  A N3    1 
ATOM   324 C  C4    . DT  A 1 16 ? 6.115   -6.038  9.398   1.00 60.30  ?  16  DT  A C4    1 
ATOM   325 O  O4    . DT  A 1 16 ? 5.819   -7.014  8.716   1.00 62.83  ?  16  DT  A O4    1 
ATOM   326 C  C5    . DT  A 1 16 ? 7.432   -5.440  9.377   1.00 62.49  ?  16  DT  A C5    1 
ATOM   327 C  C7    . DT  A 1 16 ? 8.504   -6.014  8.500   1.00 65.07  ?  16  DT  A C7    1 
ATOM   328 C  C6    . DT  A 1 16 ? 7.653   -4.371  10.162  1.00 60.28  ?  16  DT  A C6    1 
ATOM   329 P  P     . DG  A 1 17 ? 8.234   -0.184  15.347  1.00 79.69  ?  17  DG  A P     1 
ATOM   330 O  OP1   . DG  A 1 17 ? 8.268   1.276   15.091  1.00 61.27  ?  17  DG  A OP1   1 
ATOM   331 O  OP2   . DG  A 1 17 ? 9.474   -0.903  15.703  1.00 84.33  -1 17  DG  A OP2   1 
ATOM   332 O  "O5'" . DG  A 1 17 ? 7.153   -0.481  16.490  1.00 69.00  ?  17  DG  A "O5'" 1 
ATOM   333 C  "C5'" . DG  A 1 17 ? 5.924   0.236   16.513  1.00 65.16  ?  17  DG  A "C5'" 1 
ATOM   334 C  "C4'" . DG  A 1 17 ? 4.806   -0.598  17.125  1.00 69.39  ?  17  DG  A "C4'" 1 
ATOM   335 O  "O4'" . DG  A 1 17 ? 4.433   -1.667  16.219  1.00 72.05  ?  17  DG  A "O4'" 1 
ATOM   336 C  "C3'" . DG  A 1 17 ? 5.129   -1.273  18.453  1.00 71.02  ?  17  DG  A "C3'" 1 
ATOM   337 O  "O3'" . DG  A 1 17 ? 3.960   -1.302  19.260  1.00 74.84  ?  17  DG  A "O3'" 1 
ATOM   338 C  "C2'" . DG  A 1 17 ? 5.536   -2.679  18.020  1.00 69.05  ?  17  DG  A "C2'" 1 
ATOM   339 C  "C1'" . DG  A 1 17 ? 4.581   -2.918  16.858  1.00 64.18  ?  17  DG  A "C1'" 1 
ATOM   340 N  N9    . DG  A 1 17 ? 5.080   -3.853  15.858  1.00 62.11  ?  17  DG  A N9    1 
ATOM   341 C  C8    . DG  A 1 17 ? 6.274   -3.776  15.186  1.00 65.30  ?  17  DG  A C8    1 
ATOM   342 N  N7    . DG  A 1 17 ? 6.446   -4.734  14.319  1.00 65.24  ?  17  DG  A N7    1 
ATOM   343 C  C5    . DG  A 1 17 ? 5.284   -5.486  14.407  1.00 60.89  ?  17  DG  A C5    1 
ATOM   344 C  C6    . DG  A 1 17 ? 4.900   -6.651  13.702  1.00 65.39  ?  17  DG  A C6    1 
ATOM   345 O  O6    . DG  A 1 17 ? 5.531   -7.264  12.834  1.00 71.32  ?  17  DG  A O6    1 
ATOM   346 N  N1    . DG  A 1 17 ? 3.644   -7.101  14.091  1.00 62.92  ?  17  DG  A N1    1 
ATOM   347 C  C2    . DG  A 1 17 ? 2.856   -6.500  15.041  1.00 63.85  ?  17  DG  A C2    1 
ATOM   348 N  N2    . DG  A 1 17 ? 1.676   -7.085  15.282  1.00 67.76  ?  17  DG  A N2    1 
ATOM   349 N  N3    . DG  A 1 17 ? 3.202   -5.405  15.713  1.00 62.62  ?  17  DG  A N3    1 
ATOM   350 C  C4    . DG  A 1 17 ? 4.426   -4.954  15.344  1.00 61.19  ?  17  DG  A C4    1 
ATOM   351 P  P     . DT  A 1 18 ? 4.073   -1.289  20.862  1.00 81.64  ?  18  DT  A P     1 
ATOM   352 O  OP1   . DT  A 1 18 ? 3.138   -0.246  21.347  1.00 75.24  ?  18  DT  A OP1   1 
ATOM   353 O  OP2   . DT  A 1 18 ? 5.506   -1.230  21.225  1.00 85.69  -1 18  DT  A OP2   1 
ATOM   354 O  "O5'" . DT  A 1 18 ? 3.519   -2.728  21.292  1.00 70.77  ?  18  DT  A "O5'" 1 
ATOM   355 C  "C5'" . DT  A 1 18 ? 2.123   -2.974  21.253  1.00 67.37  ?  18  DT  A "C5'" 1 
ATOM   356 C  "C4'" . DT  A 1 18 ? 1.811   -4.451  21.061  1.00 71.24  ?  18  DT  A "C4'" 1 
ATOM   357 O  "O4'" . DT  A 1 18 ? 2.500   -4.974  19.907  1.00 70.03  ?  18  DT  A "O4'" 1 
ATOM   358 C  "C3'" . DT  A 1 18 ? 2.181   -5.375  22.226  1.00 73.05  ?  18  DT  A "C3'" 1 
ATOM   359 O  "O3'" . DT  A 1 18 ? 0.986   -5.916  22.781  1.00 81.24  ?  18  DT  A "O3'" 1 
ATOM   360 C  "C2'" . DT  A 1 18 ? 3.058   -6.466  21.574  1.00 71.60  ?  18  DT  A "C2'" 1 
ATOM   361 C  "C1'" . DT  A 1 18 ? 2.667   -6.348  20.108  1.00 68.97  ?  18  DT  A "C1'" 1 
ATOM   362 N  N1    . DT  A 1 18 ? 3.683   -6.850  19.122  1.00 69.08  ?  18  DT  A N1    1 
ATOM   363 C  C2    . DT  A 1 18 ? 3.384   -7.950  18.333  1.00 70.65  ?  18  DT  A C2    1 
ATOM   364 O  O2    . DT  A 1 18 ? 2.340   -8.570  18.417  1.00 67.93  ?  18  DT  A O2    1 
ATOM   365 N  N3    . DT  A 1 18 ? 4.375   -8.304  17.446  1.00 70.49  ?  18  DT  A N3    1 
ATOM   366 C  C4    . DT  A 1 18 ? 5.595   -7.672  17.268  1.00 69.88  ?  18  DT  A C4    1 
ATOM   367 O  O4    . DT  A 1 18 ? 6.425   -8.054  16.454  1.00 70.31  ?  18  DT  A O4    1 
ATOM   368 C  C5    . DT  A 1 18 ? 5.832   -6.527  18.113  1.00 68.84  ?  18  DT  A C5    1 
ATOM   369 C  C7    . DT  A 1 18 ? 7.123   -5.772  18.003  1.00 70.52  ?  18  DT  A C7    1 
ATOM   370 C  C6    . DT  A 1 18 ? 4.875   -6.171  18.982  1.00 68.32  ?  18  DT  A C6    1 
ATOM   371 P  P     . DC  A 1 19 ? 1.017   -6.771  24.140  1.00 86.66  ?  19  DC  A P     1 
ATOM   372 O  OP1   . DC  A 1 19 ? -0.209  -6.440  24.901  1.00 83.62  ?  19  DC  A OP1   1 
ATOM   373 O  OP2   . DC  A 1 19 ? 2.346   -6.597  24.766  1.00 90.32  -1 19  DC  A OP2   1 
ATOM   374 O  "O5'" . DC  A 1 19 ? 0.899   -8.280  23.630  1.00 72.55  ?  19  DC  A "O5'" 1 
ATOM   375 C  "C5'" . DC  A 1 19 ? -0.104  -8.626  22.690  1.00 71.63  ?  19  DC  A "C5'" 1 
ATOM   376 C  "C4'" . DC  A 1 19 ? 0.051   -10.064 22.239  1.00 75.68  ?  19  DC  A "C4'" 1 
ATOM   377 O  "O4'" . DC  A 1 19 ? 1.068   -10.145 21.199  1.00 77.72  ?  19  DC  A "O4'" 1 
ATOM   378 C  "C3'" . DC  A 1 19 ? 0.488   -11.037 23.327  1.00 79.42  ?  19  DC  A "C3'" 1 
ATOM   379 O  "O3'" . DC  A 1 19 ? -0.153  -12.289 23.133  1.00 81.81  ?  19  DC  A "O3'" 1 
ATOM   380 C  "C2'" . DC  A 1 19 ? 1.986   -11.139 23.081  1.00 79.23  ?  19  DC  A "C2'" 1 
ATOM   381 C  "C1'" . DC  A 1 19 ? 2.024   -11.113 21.561  1.00 74.26  ?  19  DC  A "C1'" 1 
ATOM   382 N  N1    . DC  A 1 19 ? 3.351   -10.712 20.988  1.00 73.07  ?  19  DC  A N1    1 
ATOM   383 C  C2    . DC  A 1 19 ? 3.917   -11.446 19.930  1.00 74.62  ?  19  DC  A C2    1 
ATOM   384 O  O2    . DC  A 1 19 ? 3.311   -12.426 19.482  1.00 75.28  ?  19  DC  A O2    1 
ATOM   385 N  N3    . DC  A 1 19 ? 5.120   -11.057 19.430  1.00 73.20  ?  19  DC  A N3    1 
ATOM   386 C  C4    . DC  A 1 19 ? 5.744   -9.992  19.943  1.00 73.04  ?  19  DC  A C4    1 
ATOM   387 N  N4    . DC  A 1 19 ? 6.927   -9.642  19.425  1.00 73.66  ?  19  DC  A N4    1 
ATOM   388 C  C5    . DC  A 1 19 ? 5.183   -9.239  21.015  1.00 74.15  ?  19  DC  A C5    1 
ATOM   389 C  C6    . DC  A 1 19 ? 4.002   -9.632  21.501  1.00 74.75  ?  19  DC  A C6    1 
ATOM   390 P  P     . DA  A 1 20 ? -0.628  -13.163 24.396  1.00 90.53  ?  20  DA  A P     1 
ATOM   391 O  OP1   . DA  A 1 20 ? -2.109  -13.178 24.403  1.00 86.03  ?  20  DA  A OP1   1 
ATOM   392 O  OP2   . DA  A 1 20 ? 0.120   -12.686 25.581  1.00 90.26  -1 20  DA  A OP2   1 
ATOM   393 O  "O5'" . DA  A 1 20 ? -0.103  -14.631 24.054  1.00 86.13  ?  20  DA  A "O5'" 1 
ATOM   394 C  "C5'" . DA  A 1 20 ? -0.393  -15.198 22.792  1.00 84.31  ?  20  DA  A "C5'" 1 
ATOM   395 C  "C4'" . DA  A 1 20 ? 0.832   -15.873 22.195  1.00 84.68  ?  20  DA  A "C4'" 1 
ATOM   396 O  "O4'" . DA  A 1 20 ? 1.850   -14.893 21.878  1.00 84.69  ?  20  DA  A "O4'" 1 
ATOM   397 C  "C3'" . DA  A 1 20 ? 1.513   -16.920 23.084  1.00 84.07  ?  20  DA  A "C3'" 1 
ATOM   398 O  "O3'" . DA  A 1 20 ? 1.516   -18.170 22.411  1.00 88.37  ?  20  DA  A "O3'" 1 
ATOM   399 C  "C2'" . DA  A 1 20 ? 2.940   -16.375 23.270  1.00 83.78  ?  20  DA  A "C2'" 1 
ATOM   400 C  "C1'" . DA  A 1 20 ? 3.099   -15.515 22.028  1.00 82.18  ?  20  DA  A "C1'" 1 
ATOM   401 N  N9    . DA  A 1 20 ? 4.132   -14.484 22.131  1.00 81.25  ?  20  DA  A N9    1 
ATOM   402 C  C8    . DA  A 1 20 ? 4.131   -13.405 22.963  1.00 81.75  ?  20  DA  A C8    1 
ATOM   403 N  N7    . DA  A 1 20 ? 5.178   -12.627 22.832  1.00 78.10  ?  20  DA  A N7    1 
ATOM   404 C  C5    . DA  A 1 20 ? 5.929   -13.243 21.848  1.00 77.49  ?  20  DA  A C5    1 
ATOM   405 C  C6    . DA  A 1 20 ? 7.163   -12.915 21.253  1.00 76.50  ?  20  DA  A C6    1 
ATOM   406 N  N6    . DA  A 1 20 ? 7.877   -11.835 21.590  1.00 73.80  ?  20  DA  A N6    1 
ATOM   407 N  N1    . DA  A 1 20 ? 7.635   -13.741 20.295  1.00 78.35  ?  20  DA  A N1    1 
ATOM   408 C  C2    . DA  A 1 20 ? 6.913   -14.821 19.964  1.00 79.25  ?  20  DA  A C2    1 
ATOM   409 N  N3    . DA  A 1 20 ? 5.741   -15.231 20.451  1.00 78.60  ?  20  DA  A N3    1 
ATOM   410 C  C4    . DA  A 1 20 ? 5.298   -14.390 21.399  1.00 79.51  ?  20  DA  A C4    1 
ATOM   411 P  P     . DC  A 1 21 ? 1.716   -19.542 23.222  1.00 97.70  ?  21  DC  A P     1 
ATOM   412 O  OP1   . DC  A 1 21 ? 0.805   -20.542 22.622  1.00 85.94  ?  21  DC  A OP1   1 
ATOM   413 O  OP2   . DC  A 1 21 ? 1.634   -19.246 24.669  1.00 100.87 -1 21  DC  A OP2   1 
ATOM   414 O  "O5'" . DC  A 1 21 ? 3.221   -19.961 22.883  1.00 97.15  ?  21  DC  A "O5'" 1 
ATOM   415 C  "C5'" . DC  A 1 21 ? 3.643   -20.029 21.528  1.00 89.65  ?  21  DC  A "C5'" 1 
ATOM   416 C  "C4'" . DC  A 1 21 ? 5.156   -20.043 21.429  1.00 93.33  ?  21  DC  A "C4'" 1 
ATOM   417 O  "O4'" . DC  A 1 21 ? 5.678   -18.702 21.604  1.00 94.19  ?  21  DC  A "O4'" 1 
ATOM   418 C  "C3'" . DC  A 1 21 ? 5.870   -20.915 22.474  1.00 97.89  ?  21  DC  A "C3'" 1 
ATOM   419 O  "O3'" . DC  A 1 21 ? 6.706   -21.864 21.825  1.00 105.40 ?  21  DC  A "O3'" 1 
ATOM   420 C  "C2'" . DC  A 1 21 ? 6.692   -19.910 23.290  1.00 95.13  ?  21  DC  A "C2'" 1 
ATOM   421 C  "C1'" . DC  A 1 21 ? 6.904   -18.808 22.270  1.00 92.58  ?  21  DC  A "C1'" 1 
ATOM   422 N  N1    . DC  A 1 21 ? 7.272   -17.485 22.862  1.00 86.91  ?  21  DC  A N1    1 
ATOM   423 C  C2    . DC  A 1 21 ? 8.489   -16.898 22.511  1.00 90.10  ?  21  DC  A C2    1 
ATOM   424 O  O2    . DC  A 1 21 ? 9.230   -17.488 21.717  1.00 94.29  ?  21  DC  A O2    1 
ATOM   425 N  N3    . DC  A 1 21 ? 8.826   -15.702 23.052  1.00 86.71  ?  21  DC  A N3    1 
ATOM   426 C  C4    . DC  A 1 21 ? 7.999   -15.102 23.910  1.00 82.78  ?  21  DC  A C4    1 
ATOM   427 N  N4    . DC  A 1 21 ? 8.372   -13.921 24.418  1.00 79.53  ?  21  DC  A N4    1 
ATOM   428 C  C5    . DC  A 1 21 ? 6.749   -15.684 24.282  1.00 83.11  ?  21  DC  A C5    1 
ATOM   429 C  C6    . DC  A 1 21 ? 6.431   -16.868 23.741  1.00 83.05  ?  21  DC  A C6    1 
ATOM   430 P  P     . DC  B 2 1  ? -4.767  1.894   6.278   1.00 58.63  ?  1   DC  B P     1 
ATOM   431 O  OP1   . DC  B 2 1  ? -5.581  2.916   6.970   1.00 52.14  ?  1   DC  B OP1   1 
ATOM   432 O  OP2   . DC  B 2 1  ? -5.442  0.738   5.654   1.00 52.89  -1 1   DC  B OP2   1 
ATOM   433 O  "O5'" . DC  B 2 1  ? -3.703  1.292   7.308   1.00 53.57  ?  1   DC  B "O5'" 1 
ATOM   434 C  "C5'" . DC  B 2 1  ? -3.095  2.129   8.271   1.00 55.95  ?  1   DC  B "C5'" 1 
ATOM   435 C  "C4'" . DC  B 2 1  ? -1.585  2.085   8.142   1.00 51.22  ?  1   DC  B "C4'" 1 
ATOM   436 O  "O4'" . DC  B 2 1  ? -1.129  0.719   8.241   1.00 53.08  ?  1   DC  B "O4'" 1 
ATOM   437 C  "C3'" . DC  B 2 1  ? -1.044  2.545   6.807   1.00 50.75  ?  1   DC  B "C3'" 1 
ATOM   438 O  "O3'" . DC  B 2 1  ? -0.980  3.960   6.758   1.00 57.71  ?  1   DC  B "O3'" 1 
ATOM   439 C  "C2'" . DC  B 2 1  ? 0.344   1.924   6.820   1.00 53.62  ?  1   DC  B "C2'" 1 
ATOM   440 C  "C1'" . DC  B 2 1  ? 0.091   0.589   7.530   1.00 49.60  ?  1   DC  B "C1'" 1 
ATOM   441 N  N1    . DC  B 2 1  ? -0.017  -0.562  6.595   1.00 50.89  ?  1   DC  B N1    1 
ATOM   442 C  C2    . DC  B 2 1  ? 1.144   -1.086  6.027   1.00 53.64  ?  1   DC  B C2    1 
ATOM   443 O  O2    . DC  B 2 1  ? 2.234   -0.585  6.326   1.00 58.18  ?  1   DC  B O2    1 
ATOM   444 N  N3    . DC  B 2 1  ? 1.042   -2.129  5.172   1.00 53.90  ?  1   DC  B N3    1 
ATOM   445 C  C4    . DC  B 2 1  ? -0.157  -2.639  4.880   1.00 53.58  ?  1   DC  B C4    1 
ATOM   446 N  N4    . DC  B 2 1  ? -0.205  -3.669  4.029   1.00 56.06  ?  1   DC  B N4    1 
ATOM   447 C  C5    . DC  B 2 1  ? -1.357  -2.115  5.447   1.00 51.11  ?  1   DC  B C5    1 
ATOM   448 C  C6    . DC  B 2 1  ? -1.240  -1.085  6.293   1.00 53.65  ?  1   DC  B C6    1 
ATOM   449 P  P     . DG  B 2 2  ? -1.126  4.717   5.349   1.00 62.45  ?  2   DG  B P     1 
ATOM   450 O  OP1   . DG  B 2 2  ? -1.235  6.169   5.619   1.00 61.85  ?  2   DG  B OP1   1 
ATOM   451 O  OP2   . DG  B 2 2  ? -2.189  4.019   4.596   1.00 59.23  -1 2   DG  B OP2   1 
ATOM   452 O  "O5'" . DG  B 2 2  ? 0.257   4.420   4.598   1.00 60.73  ?  2   DG  B "O5'" 1 
ATOM   453 C  "C5'" . DG  B 2 2  ? 1.460   5.029   5.045   1.00 58.65  ?  2   DG  B "C5'" 1 
ATOM   454 C  "C4'" . DG  B 2 2  ? 2.666   4.340   4.430   1.00 52.22  ?  2   DG  B "C4'" 1 
ATOM   455 O  "O4'" . DG  B 2 2  ? 2.516   2.915   4.573   1.00 55.30  ?  2   DG  B "O4'" 1 
ATOM   456 C  "C3'" . DG  B 2 2  ? 2.845   4.565   2.939   1.00 50.94  ?  2   DG  B "C3'" 1 
ATOM   457 O  "O3'" . DG  B 2 2  ? 3.640   5.708   2.722   1.00 59.53  ?  2   DG  B "O3'" 1 
ATOM   458 C  "C2'" . DG  B 2 2  ? 3.577   3.308   2.480   1.00 56.64  ?  2   DG  B "C2'" 1 
ATOM   459 C  "C1'" . DG  B 2 2  ? 3.159   2.257   3.502   1.00 52.93  ?  2   DG  B "C1'" 1 
ATOM   460 N  N9    . DG  B 2 2  ? 2.254   1.249   2.970   1.00 51.82  ?  2   DG  B N9    1 
ATOM   461 C  C8    . DG  B 2 2  ? 0.901   1.150   3.182   1.00 54.94  ?  2   DG  B C8    1 
ATOM   462 N  N7    . DG  B 2 2  ? 0.356   0.126   2.581   1.00 59.58  ?  2   DG  B N7    1 
ATOM   463 C  C5    . DG  B 2 2  ? 1.419   -0.490  1.936   1.00 51.18  ?  2   DG  B C5    1 
ATOM   464 C  C6    . DG  B 2 2  ? 1.449   -1.651  1.123   1.00 55.58  ?  2   DG  B C6    1 
ATOM   465 O  O6    . DG  B 2 2  ? 0.511   -2.390  0.801   1.00 62.56  ?  2   DG  B O6    1 
ATOM   466 N  N1    . DG  B 2 2  ? 2.733   -1.923  0.670   1.00 53.43  ?  2   DG  B N1    1 
ATOM   467 C  C2    . DG  B 2 2  ? 3.847   -1.175  0.965   1.00 53.73  ?  2   DG  B C2    1 
ATOM   468 N  N2    . DG  B 2 2  ? 5.004   -1.587  0.438   1.00 58.84  ?  2   DG  B N2    1 
ATOM   469 N  N3    . DG  B 2 2  ? 3.833   -0.091  1.721   1.00 55.17  ?  2   DG  B N3    1 
ATOM   470 C  C4    . DG  B 2 2  ? 2.592   0.189   2.168   1.00 53.21  ?  2   DG  B C4    1 
ATOM   471 P  P     . DT  B 2 3  ? 3.747   6.350   1.253   1.00 73.80  ?  3   DT  B P     1 
ATOM   472 O  OP1   . DT  B 2 3  ? 4.419   7.661   1.398   1.00 75.44  ?  3   DT  B OP1   1 
ATOM   473 O  OP2   . DT  B 2 3  ? 2.403   6.267   0.640   1.00 63.36  -1 3   DT  B OP2   1 
ATOM   474 O  "O5'" . DT  B 2 3  ? 4.716   5.355   0.453   1.00 60.29  ?  3   DT  B "O5'" 1 
ATOM   475 C  "C5'" . DT  B 2 3  ? 6.079   5.220   0.842   1.00 55.58  ?  3   DT  B "C5'" 1 
ATOM   476 C  "C4'" . DT  B 2 3  ? 6.793   4.202   -0.028  1.00 54.25  ?  3   DT  B "C4'" 1 
ATOM   477 O  "O4'" . DT  B 2 3  ? 6.007   2.987   -0.091  1.00 54.86  ?  3   DT  B "O4'" 1 
ATOM   478 C  "C3'" . DT  B 2 3  ? 7.022   4.632   -1.476  1.00 58.15  ?  3   DT  B "C3'" 1 
ATOM   479 O  "O3'" . DT  B 2 3  ? 8.294   4.175   -1.929  1.00 59.96  ?  3   DT  B "O3'" 1 
ATOM   480 C  "C2'" . DT  B 2 3  ? 5.882   3.946   -2.222  1.00 55.29  ?  3   DT  B "C2'" 1 
ATOM   481 C  "C1'" . DT  B 2 3  ? 5.754   2.653   -1.438  1.00 50.47  ?  3   DT  B "C1'" 1 
ATOM   482 N  N1    . DT  B 2 3  ? 4.412   2.037   -1.508  1.00 47.19  ?  3   DT  B N1    1 
ATOM   483 C  C2    . DT  B 2 3  ? 4.265   0.827   -2.138  1.00 52.31  ?  3   DT  B C2    1 
ATOM   484 O  O2    . DT  B 2 3  ? 5.188   0.233   -2.661  1.00 59.90  ?  3   DT  B O2    1 
ATOM   485 N  N3    . DT  B 2 3  ? 2.988   0.335   -2.139  1.00 51.87  ?  3   DT  B N3    1 
ATOM   486 C  C4    . DT  B 2 3  ? 1.871   0.922   -1.578  1.00 55.84  ?  3   DT  B C4    1 
ATOM   487 O  O4    . DT  B 2 3  ? 0.762   0.403   -1.630  1.00 59.20  ?  3   DT  B O4    1 
ATOM   488 C  C5    . DT  B 2 3  ? 2.100   2.189   -0.928  1.00 54.45  ?  3   DT  B C5    1 
ATOM   489 C  C7    . DT  B 2 3  ? 0.964   2.922   -0.283  1.00 58.63  ?  3   DT  B C7    1 
ATOM   490 C  C6    . DT  B 2 3  ? 3.345   2.677   -0.924  1.00 52.59  ?  3   DT  B C6    1 
ATOM   491 P  P     . DC  B 2 4  ? 8.866   4.666   -3.349  1.00 70.99  ?  4   DC  B P     1 
ATOM   492 O  OP1   . DC  B 2 4  ? 10.338  4.746   -3.230  1.00 65.27  ?  4   DC  B OP1   1 
ATOM   493 O  OP2   . DC  B 2 4  ? 8.088   5.857   -3.756  1.00 66.53  -1 4   DC  B OP2   1 
ATOM   494 O  "O5'" . DC  B 2 4  ? 8.499   3.472   -4.350  1.00 59.23  ?  4   DC  B "O5'" 1 
ATOM   495 C  "C5'" . DC  B 2 4  ? 9.119   2.205   -4.195  1.00 54.69  ?  4   DC  B "C5'" 1 
ATOM   496 C  "C4'" . DC  B 2 4  ? 8.858   1.306   -5.396  1.00 58.37  ?  4   DC  B "C4'" 1 
ATOM   497 O  "O4'" . DC  B 2 4  ? 7.518   0.760   -5.330  1.00 60.11  ?  4   DC  B "O4'" 1 
ATOM   498 C  "C3'" . DC  B 2 4  ? 8.957   1.962   -6.768  1.00 57.09  ?  4   DC  B "C3'" 1 
ATOM   499 O  "O3'" . DC  B 2 4  ? 9.398   0.982   -7.699  1.00 55.13  ?  4   DC  B "O3'" 1 
ATOM   500 C  "C2'" . DC  B 2 4  ? 7.506   2.362   -7.034  1.00 57.37  ?  4   DC  B "C2'" 1 
ATOM   501 C  "C1'" . DC  B 2 4  ? 6.790   1.143   -6.482  1.00 54.79  ?  4   DC  B "C1'" 1 
ATOM   502 N  N1    . DC  B 2 4  ? 5.399   1.370   -6.051  1.00 50.40  ?  4   DC  B N1    1 
ATOM   503 C  C2    . DC  B 2 4  ? 4.448   0.390   -6.320  1.00 54.74  ?  4   DC  B C2    1 
ATOM   504 O  O2    . DC  B 2 4  ? 4.796   -0.611  -6.956  1.00 59.92  ?  4   DC  B O2    1 
ATOM   505 N  N3    . DC  B 2 4  ? 3.176   0.573   -5.892  1.00 59.36  ?  4   DC  B N3    1 
ATOM   506 C  C4    . DC  B 2 4  ? 2.856   1.673   -5.209  1.00 59.54  ?  4   DC  B C4    1 
ATOM   507 N  N4    . DC  B 2 4  ? 1.589   1.811   -4.804  1.00 62.15  ?  4   DC  B N4    1 
ATOM   508 C  C5    . DC  B 2 4  ? 3.822   2.681   -4.909  1.00 59.15  ?  4   DC  B C5    1 
ATOM   509 C  C6    . DC  B 2 4  ? 5.073   2.485   -5.340  1.00 58.06  ?  4   DC  B C6    1 
ATOM   510 P  P     . DA  B 2 5  ? 10.352  1.377   -8.928  1.00 56.17  ?  5   DA  B P     1 
ATOM   511 O  OP1   . DA  B 2 5  ? 11.487  0.428   -8.950  1.00 56.03  ?  5   DA  B OP1   1 
ATOM   512 O  OP2   . DA  B 2 5  ? 10.595  2.836   -8.861  1.00 53.25  -1 5   DA  B OP2   1 
ATOM   513 O  "O5'" . DA  B 2 5  ? 9.442   1.090   -10.204 1.00 49.14  ?  5   DA  B "O5'" 1 
ATOM   514 C  "C5'" . DA  B 2 5  ? 8.394   0.138   -10.121 1.00 50.06  ?  5   DA  B "C5'" 1 
ATOM   515 C  "C4'" . DA  B 2 5  ? 7.297   0.485   -11.102 1.00 48.74  ?  5   DA  B "C4'" 1 
ATOM   516 O  "O4'" . DA  B 2 5  ? 6.078   0.823   -10.380 1.00 55.75  ?  5   DA  B "O4'" 1 
ATOM   517 C  "C3'" . DA  B 2 5  ? 7.595   1.700   -11.989 1.00 51.94  ?  5   DA  B "C3'" 1 
ATOM   518 O  "O3'" . DA  B 2 5  ? 7.096   1.474   -13.282 1.00 54.19  ?  5   DA  B "O3'" 1 
ATOM   519 C  "C2'" . DA  B 2 5  ? 6.798   2.801   -11.309 1.00 54.89  ?  5   DA  B "C2'" 1 
ATOM   520 C  "C1'" . DA  B 2 5  ? 5.569   2.007   -10.939 1.00 51.76  ?  5   DA  B "C1'" 1 
ATOM   521 N  N9    . DA  B 2 5  ? 4.672   2.672   -9.997  1.00 52.05  ?  5   DA  B N9    1 
ATOM   522 C  C8    . DA  B 2 5  ? 4.876   3.859   -9.349  1.00 55.31  ?  5   DA  B C8    1 
ATOM   523 N  N7    . DA  B 2 5  ? 3.874   4.221   -8.581  1.00 57.74  ?  5   DA  B N7    1 
ATOM   524 C  C5    . DA  B 2 5  ? 2.946   3.208   -8.749  1.00 56.09  ?  5   DA  B C5    1 
ATOM   525 C  C6    . DA  B 2 5  ? 1.666   2.996   -8.206  1.00 58.48  ?  5   DA  B C6    1 
ATOM   526 N  N6    . DA  B 2 5  ? 1.088   3.841   -7.348  1.00 63.41  ?  5   DA  B N6    1 
ATOM   527 N  N1    . DA  B 2 5  ? 1.003   1.882   -8.582  1.00 58.33  ?  5   DA  B N1    1 
ATOM   528 C  C2    . DA  B 2 5  ? 1.589   1.041   -9.441  1.00 59.73  ?  5   DA  B C2    1 
ATOM   529 N  N3    . DA  B 2 5  ? 2.785   1.135   -10.019 1.00 60.24  ?  5   DA  B N3    1 
ATOM   530 C  C4    . DA  B 2 5  ? 3.418   2.252   -9.625  1.00 55.10  ?  5   DA  B C4    1 
ATOM   531 O  "O5'" . DT  C 3 1  ? 17.982  -9.803  32.183  1.00 107.88 ?  1   DT  C "O5'" 1 
ATOM   532 C  "C5'" . DT  C 3 1  ? 18.846  -9.800  31.054  1.00 117.33 ?  1   DT  C "C5'" 1 
ATOM   533 C  "C4'" . DT  C 3 1  ? 18.052  -9.695  29.763  1.00 119.94 ?  1   DT  C "C4'" 1 
ATOM   534 O  "O4'" . DT  C 3 1  ? 17.577  -11.013 29.371  1.00 113.40 ?  1   DT  C "O4'" 1 
ATOM   535 C  "C3'" . DT  C 3 1  ? 16.794  -8.802  29.836  1.00 115.23 ?  1   DT  C "C3'" 1 
ATOM   536 O  "O3'" . DT  C 3 1  ? 16.661  -7.922  28.675  1.00 119.03 ?  1   DT  C "O3'" 1 
ATOM   537 C  "C2'" . DT  C 3 1  ? 15.666  -9.829  29.851  1.00 111.97 ?  1   DT  C "C2'" 1 
ATOM   538 C  "C1'" . DT  C 3 1  ? 16.267  -10.848 28.908  1.00 111.09 ?  1   DT  C "C1'" 1 
ATOM   539 N  N1    . DT  C 3 1  ? 15.558  -12.155 28.846  1.00 103.10 ?  1   DT  C N1    1 
ATOM   540 C  C2    . DT  C 3 1  ? 16.059  -13.151 28.040  1.00 99.31  ?  1   DT  C C2    1 
ATOM   541 O  O2    . DT  C 3 1  ? 17.085  -13.034 27.395  1.00 99.68  ?  1   DT  C O2    1 
ATOM   542 N  N3    . DT  C 3 1  ? 15.314  -14.298 28.022  1.00 96.10  ?  1   DT  C N3    1 
ATOM   543 C  C4    . DT  C 3 1  ? 14.137  -14.539 28.708  1.00 96.98  ?  1   DT  C C4    1 
ATOM   544 O  O4    . DT  C 3 1  ? 13.539  -15.606 28.630  1.00 93.25  ?  1   DT  C O4    1 
ATOM   545 C  C5    . DT  C 3 1  ? 13.662  -13.448 29.523  1.00 97.05  ?  1   DT  C C5    1 
ATOM   546 C  C7    . DT  C 3 1  ? 12.396  -13.593 30.314  1.00 95.22  ?  1   DT  C C7    1 
ATOM   547 C  C6    . DT  C 3 1  ? 14.380  -12.317 29.543  1.00 98.38  ?  1   DT  C C6    1 
ATOM   548 P  P     . DC  C 3 2  ? 17.869  -7.605  27.652  1.00 128.11 ?  2   DC  C P     1 
ATOM   549 O  OP1   . DC  C 3 2  ? 19.085  -7.222  28.401  1.00 126.27 ?  2   DC  C OP1   1 
ATOM   550 O  OP2   . DC  C 3 2  ? 17.327  -6.643  26.668  1.00 122.06 -1 2   DC  C OP2   1 
ATOM   551 O  "O5'" . DC  C 3 2  ? 18.078  -8.970  26.838  1.00 113.50 ?  2   DC  C "O5'" 1 
ATOM   552 C  "C5'" . DC  C 3 2  ? 19.301  -9.206  26.148  1.00 112.58 ?  2   DC  C "C5'" 1 
ATOM   553 C  "C4'" . DC  C 3 2  ? 19.082  -10.090 24.929  1.00 112.21 ?  2   DC  C "C4'" 1 
ATOM   554 O  "O4'" . DC  C 3 2  ? 18.113  -11.129 25.243  1.00 108.84 ?  2   DC  C "O4'" 1 
ATOM   555 C  "C3'" . DC  C 3 2  ? 18.543  -9.370  23.684  1.00 111.99 ?  2   DC  C "C3'" 1 
ATOM   556 O  "O3'" . DC  C 3 2  ? 19.260  -9.794  22.524  1.00 119.13 ?  2   DC  C "O3'" 1 
ATOM   557 C  "C2'" . DC  C 3 2  ? 17.089  -9.816  23.629  1.00 108.49 ?  2   DC  C "C2'" 1 
ATOM   558 C  "C1'" . DC  C 3 2  ? 17.195  -11.225 24.180  1.00 107.15 ?  2   DC  C "C1'" 1 
ATOM   559 N  N1    . DC  C 3 2  ? 15.902  -11.746 24.696  1.00 104.66 ?  2   DC  C N1    1 
ATOM   560 C  C2    . DC  C 3 2  ? 15.395  -12.957 24.207  1.00 99.17  ?  2   DC  C C2    1 
ATOM   561 O  O2    . DC  C 3 2  ? 16.043  -13.588 23.362  1.00 98.72  ?  2   DC  C O2    1 
ATOM   562 N  N3    . DC  C 3 2  ? 14.205  -13.406 24.680  1.00 94.00  ?  2   DC  C N3    1 
ATOM   563 C  C4    . DC  C 3 2  ? 13.538  -12.694 25.590  1.00 95.40  ?  2   DC  C C4    1 
ATOM   564 N  N4    . DC  C 3 2  ? 12.371  -13.175 26.028  1.00 93.65  ?  2   DC  C N4    1 
ATOM   565 C  C5    . DC  C 3 2  ? 14.037  -11.456 26.090  1.00 95.88  ?  2   DC  C C5    1 
ATOM   566 C  C6    . DC  C 3 2  ? 15.208  -11.023 25.617  1.00 101.51 ?  2   DC  C C6    1 
ATOM   567 P  P     . DG  C 3 3  ? 18.648  -9.566  21.052  1.00 111.75 ?  3   DG  C P     1 
ATOM   568 O  OP1   . DG  C 3 3  ? 19.783  -9.455  20.108  1.00 114.08 ?  3   DG  C OP1   1 
ATOM   569 O  OP2   . DG  C 3 3  ? 17.650  -8.475  21.120  1.00 100.70 -1 3   DG  C OP2   1 
ATOM   570 O  "O5'" . DG  C 3 3  ? 17.875  -10.931 20.737  1.00 98.85  ?  3   DG  C "O5'" 1 
ATOM   571 C  "C5'" . DG  C 3 3  ? 18.602  -12.154 20.626  1.00 94.42  ?  3   DG  C "C5'" 1 
ATOM   572 C  "C4'" . DG  C 3 3  ? 17.847  -13.174 19.783  1.00 98.48  ?  3   DG  C "C4'" 1 
ATOM   573 O  "O4'" . DG  C 3 3  ? 16.635  -13.584 20.470  1.00 98.97  ?  3   DG  C "O4'" 1 
ATOM   574 C  "C3'" . DG  C 3 3  ? 17.394  -12.688 18.409  1.00 97.76  ?  3   DG  C "C3'" 1 
ATOM   575 O  "O3'" . DG  C 3 3  ? 17.407  -13.784 17.492  1.00 102.09 ?  3   DG  C "O3'" 1 
ATOM   576 C  "C2'" . DG  C 3 3  ? 15.973  -12.206 18.690  1.00 94.05  ?  3   DG  C "C2'" 1 
ATOM   577 C  "C1'" . DG  C 3 3  ? 15.502  -13.261 19.681  1.00 95.93  ?  3   DG  C "C1'" 1 
ATOM   578 N  N9    . DG  C 3 3  ? 14.434  -12.814 20.577  1.00 92.80  ?  3   DG  C N9    1 
ATOM   579 C  C8    . DG  C 3 3  ? 14.427  -11.685 21.362  1.00 95.04  ?  3   DG  C C8    1 
ATOM   580 N  N7    . DG  C 3 3  ? 13.345  -11.555 22.080  1.00 90.40  ?  3   DG  C N7    1 
ATOM   581 C  C5    . DG  C 3 3  ? 12.585  -12.672 21.755  1.00 84.84  ?  3   DG  C C5    1 
ATOM   582 C  C6    . DG  C 3 3  ? 11.307  -13.074 22.218  1.00 84.21  ?  3   DG  C C6    1 
ATOM   583 O  O6    . DG  C 3 3  ? 10.569  -12.503 23.036  1.00 83.26  ?  3   DG  C O6    1 
ATOM   584 N  N1    . DG  C 3 3  ? 10.902  -14.270 21.633  1.00 82.68  ?  3   DG  C N1    1 
ATOM   585 C  C2    . DG  C 3 3  ? 11.638  -14.987 20.716  1.00 81.08  ?  3   DG  C C2    1 
ATOM   586 N  N2    . DG  C 3 3  ? 11.084  -16.121 20.263  1.00 82.08  ?  3   DG  C N2    1 
ATOM   587 N  N3    . DG  C 3 3  ? 12.833  -14.623 20.275  1.00 82.39  ?  3   DG  C N3    1 
ATOM   588 C  C4    . DG  C 3 3  ? 13.244  -13.459 20.835  1.00 85.25  ?  3   DG  C C4    1 
ATOM   589 P  P     . DT  C 3 4  ? 17.048  -13.571 15.938  1.00 105.80 ?  4   DT  C P     1 
ATOM   590 O  OP1   . DT  C 3 4  ? 17.379  -14.831 15.236  1.00 96.12  ?  4   DT  C OP1   1 
ATOM   591 O  OP2   . DT  C 3 4  ? 17.656  -12.299 15.490  1.00 104.86 -1 4   DT  C OP2   1 
ATOM   592 O  "O5'" . DT  C 3 4  ? 15.460  -13.391 15.929  1.00 99.58  ?  4   DT  C "O5'" 1 
ATOM   593 C  "C5'" . DT  C 3 4  ? 14.735  -13.538 14.726  1.00 93.01  ?  4   DT  C "C5'" 1 
ATOM   594 C  "C4'" . DT  C 3 4  ? 13.895  -14.797 14.765  1.00 90.15  ?  4   DT  C "C4'" 1 
ATOM   595 O  "O4'" . DT  C 3 4  ? 13.208  -14.882 16.043  1.00 90.95  ?  4   DT  C "O4'" 1 
ATOM   596 C  "C3'" . DT  C 3 4  ? 12.799  -14.858 13.720  1.00 86.93  ?  4   DT  C "C3'" 1 
ATOM   597 O  "O3'" . DT  C 3 4  ? 12.483  -16.209 13.432  1.00 88.61  ?  4   DT  C "O3'" 1 
ATOM   598 C  "C2'" . DT  C 3 4  ? 11.653  -14.159 14.434  1.00 89.75  ?  4   DT  C "C2'" 1 
ATOM   599 C  "C1'" . DT  C 3 4  ? 11.820  -14.675 15.858  1.00 87.50  ?  4   DT  C "C1'" 1 
ATOM   600 N  N1    . DT  C 3 4  ? 11.333  -13.717 16.904  1.00 81.88  ?  4   DT  C N1    1 
ATOM   601 C  C2    . DT  C 3 4  ? 10.123  -13.946 17.522  1.00 78.25  ?  4   DT  C C2    1 
ATOM   602 O  O2    . DT  C 3 4  ? 9.413   -14.897 17.262  1.00 80.65  ?  4   DT  C O2    1 
ATOM   603 N  N3    . DT  C 3 4  ? 9.773   -13.010 18.464  1.00 73.23  ?  4   DT  C N3    1 
ATOM   604 C  C4    . DT  C 3 4  ? 10.498  -11.893 18.838  1.00 75.82  ?  4   DT  C C4    1 
ATOM   605 O  O4    . DT  C 3 4  ? 10.103  -11.107 19.694  1.00 77.71  ?  4   DT  C O4    1 
ATOM   606 C  C5    . DT  C 3 4  ? 11.754  -11.715 18.150  1.00 78.44  ?  4   DT  C C5    1 
ATOM   607 C  C7    . DT  C 3 4  ? 12.625  -10.539 18.473  1.00 79.63  ?  4   DT  C C7    1 
ATOM   608 C  C6    . DT  C 3 4  ? 12.106  -12.623 17.229  1.00 81.17  ?  4   DT  C C6    1 
ATOM   609 P  P     . DG  C 3 5  ? 11.977  -16.625 11.966  1.00 100.39 ?  5   DG  C P     1 
ATOM   610 O  OP1   . DG  C 3 5  ? 12.351  -18.041 11.748  1.00 92.29  ?  5   DG  C OP1   1 
ATOM   611 O  OP2   . DG  C 3 5  ? 12.432  -15.580 11.023  1.00 99.77  -1 5   DG  C OP2   1 
ATOM   612 O  "O5'" . DG  C 3 5  ? 10.383  -16.530 12.065  1.00 89.67  ?  5   DG  C "O5'" 1 
ATOM   613 C  "C5'" . DG  C 3 5  ? 9.622   -17.701 12.322  1.00 87.31  ?  5   DG  C "C5'" 1 
ATOM   614 C  "C4'" . DG  C 3 5  ? 8.136   -17.392 12.328  1.00 82.55  ?  5   DG  C "C4'" 1 
ATOM   615 O  "O4'" . DG  C 3 5  ? 7.824   -16.526 13.448  1.00 78.52  ?  5   DG  C "O4'" 1 
ATOM   616 C  "C3'" . DG  C 3 5  ? 7.615   -16.690 11.076  1.00 79.19  ?  5   DG  C "C3'" 1 
ATOM   617 O  "O3'" . DG  C 3 5  ? 6.399   -17.296 10.652  1.00 85.55  ?  5   DG  C "O3'" 1 
ATOM   618 C  "C2'" . DG  C 3 5  ? 7.401   -15.247 11.530  1.00 70.20  ?  5   DG  C "C2'" 1 
ATOM   619 C  "C1'" . DG  C 3 5  ? 7.084   -15.410 13.010  1.00 71.66  ?  5   DG  C "C1'" 1 
ATOM   620 N  N9    . DG  C 3 5  ? 7.494   -14.262 13.809  1.00 69.64  ?  5   DG  C N9    1 
ATOM   621 C  C8    . DG  C 3 5  ? 8.629   -13.516 13.640  1.00 68.58  ?  5   DG  C C8    1 
ATOM   622 N  N7    . DG  C 3 5  ? 8.754   -12.547 14.500  1.00 65.94  ?  5   DG  C N7    1 
ATOM   623 C  C5    . DG  C 3 5  ? 7.620   -12.650 15.295  1.00 65.77  ?  5   DG  C C5    1 
ATOM   624 C  C6    . DG  C 3 5  ? 7.208   -11.860 16.395  1.00 68.30  ?  5   DG  C C6    1 
ATOM   625 O  O6    . DG  C 3 5  ? 7.780   -10.885 16.897  1.00 73.98  ?  5   DG  C O6    1 
ATOM   626 N  N1    . DG  C 3 5  ? 5.996   -12.300 16.920  1.00 65.21  ?  5   DG  C N1    1 
ATOM   627 C  C2    . DG  C 3 5  ? 5.275   -13.369 16.443  1.00 71.08  ?  5   DG  C C2    1 
ATOM   628 N  N2    . DG  C 3 5  ? 4.127   -13.641 17.077  1.00 72.49  ?  5   DG  C N2    1 
ATOM   629 N  N3    . DG  C 3 5  ? 5.652   -14.120 15.408  1.00 70.99  ?  5   DG  C N3    1 
ATOM   630 C  C4    . DG  C 3 5  ? 6.832   -13.702 14.885  1.00 69.35  ?  5   DG  C C4    1 
ATOM   631 P  P     . DA  C 3 6  ? 5.982   -17.279 9.099   1.00 95.87  ?  6   DA  C P     1 
ATOM   632 O  OP1   . DA  C 3 6  ? 5.981   -18.673 8.603   1.00 88.88  ?  6   DA  C OP1   1 
ATOM   633 O  OP2   . DA  C 3 6  ? 6.813   -16.258 8.423   1.00 90.52  -1 6   DA  C OP2   1 
ATOM   634 O  "O5'" . DA  C 3 6  ? 4.476   -16.759 9.123   1.00 88.01  ?  6   DA  C "O5'" 1 
ATOM   635 C  "C5'" . DA  C 3 6  ? 4.108   -15.746 10.032  1.00 76.55  ?  6   DA  C "C5'" 1 
ATOM   636 C  "C4'" . DA  C 3 6  ? 2.941   -16.181 10.897  1.00 70.42  ?  6   DA  C "C4'" 1 
ATOM   637 O  "O4'" . DA  C 3 6  ? 3.124   -15.662 12.236  1.00 70.11  ?  6   DA  C "O4'" 1 
ATOM   638 C  "C3'" . DA  C 3 6  ? 1.609   -15.618 10.461  1.00 68.59  ?  6   DA  C "C3'" 1 
ATOM   639 O  "O3'" . DA  C 3 6  ? 0.540   -16.375 11.002  1.00 68.42  ?  6   DA  C "O3'" 1 
ATOM   640 C  "C2'" . DA  C 3 6  ? 1.658   -14.221 11.061  1.00 71.31  ?  6   DA  C "C2'" 1 
ATOM   641 C  "C1'" . DA  C 3 6  ? 2.422   -14.435 12.371  1.00 70.85  ?  6   DA  C "C1'" 1 
ATOM   642 N  N9    . DA  C 3 6  ? 3.401   -13.377 12.655  1.00 67.79  ?  6   DA  C N9    1 
ATOM   643 C  C8    . DA  C 3 6  ? 4.575   -13.165 11.989  1.00 67.96  ?  6   DA  C C8    1 
ATOM   644 N  N7    . DA  C 3 6  ? 5.274   -12.158 12.444  1.00 66.51  ?  6   DA  C N7    1 
ATOM   645 C  C5    . DA  C 3 6  ? 4.513   -11.665 13.488  1.00 63.64  ?  6   DA  C C5    1 
ATOM   646 C  C6    . DA  C 3 6  ? 4.723   -10.592 14.373  1.00 65.27  ?  6   DA  C C6    1 
ATOM   647 N  N6    . DA  C 3 6  ? 5.804   -9.814  14.319  1.00 65.75  ?  6   DA  C N6    1 
ATOM   648 N  N1    . DA  C 3 6  ? 3.780   -10.348 15.309  1.00 65.91  ?  6   DA  C N1    1 
ATOM   649 C  C2    . DA  C 3 6  ? 2.695   -11.141 15.351  1.00 66.16  ?  6   DA  C C2    1 
ATOM   650 N  N3    . DA  C 3 6  ? 2.387   -12.187 14.565  1.00 66.49  ?  6   DA  C N3    1 
ATOM   651 C  C4    . DA  C 3 6  ? 3.350   -12.397 13.643  1.00 66.52  ?  6   DA  C C4    1 
ATOM   652 P  P     . DC  C 3 7  ? -0.928  -16.259 10.356  1.00 81.51  ?  7   DC  C P     1 
ATOM   653 O  OP1   . DC  C 3 7  ? -1.762  -17.324 10.955  1.00 80.16  ?  7   DC  C OP1   1 
ATOM   654 O  OP2   . DC  C 3 7  ? -0.766  -16.197 8.887   1.00 76.79  -1 7   DC  C OP2   1 
ATOM   655 O  "O5'" . DC  C 3 7  ? -1.463  -14.825 10.846  1.00 70.32  ?  7   DC  C "O5'" 1 
ATOM   656 C  "C5'" . DC  C 3 7  ? -1.650  -14.570 12.234  1.00 69.23  ?  7   DC  C "C5'" 1 
ATOM   657 C  "C4'" . DC  C 3 7  ? -1.874  -13.087 12.500  1.00 64.39  ?  7   DC  C "C4'" 1 
ATOM   658 O  "O4'" . DC  C 3 7  ? -0.611  -12.396 12.615  1.00 65.31  ?  7   DC  C "O4'" 1 
ATOM   659 C  "C3'" . DC  C 3 7  ? -2.678  -12.333 11.444  1.00 62.24  ?  7   DC  C "C3'" 1 
ATOM   660 O  "O3'" . DC  C 3 7  ? -3.902  -11.917 12.012  1.00 64.97  ?  7   DC  C "O3'" 1 
ATOM   661 C  "C2'" . DC  C 3 7  ? -1.787  -11.131 11.063  1.00 61.21  ?  7   DC  C "C2'" 1 
ATOM   662 C  "C1'" . DC  C 3 7  ? -0.791  -11.062 12.216  1.00 62.63  ?  7   DC  C "C1'" 1 
ATOM   663 N  N1    . DC  C 3 7  ? 0.571   -10.504 11.856  1.00 60.50  ?  7   DC  C N1    1 
ATOM   664 C  C2    . DC  C 3 7  ? 1.123   -9.444  12.597  1.00 63.05  ?  7   DC  C C2    1 
ATOM   665 O  O2    . DC  C 3 7  ? 0.472   -8.945  13.522  1.00 62.18  ?  7   DC  C O2    1 
ATOM   666 N  N3    . DC  C 3 7  ? 2.363   -8.986  12.263  1.00 64.36  ?  7   DC  C N3    1 
ATOM   667 C  C4    . DC  C 3 7  ? 3.039   -9.553  11.259  1.00 62.03  ?  7   DC  C C4    1 
ATOM   668 N  N4    . DC  C 3 7  ? 4.255   -9.073  10.961  1.00 60.31  ?  7   DC  C N4    1 
ATOM   669 C  C5    . DC  C 3 7  ? 2.497   -10.634 10.509  1.00 60.73  ?  7   DC  C C5    1 
ATOM   670 C  C6    . DC  C 3 7  ? 1.276   -11.067 10.837  1.00 62.28  ?  7   DC  C C6    1 
ATOM   671 P  P     . DA  C 3 8  ? -4.985  -11.132 11.129  1.00 59.74  ?  8   DA  C P     1 
ATOM   672 O  OP1   . DA  C 3 8  ? -6.314  -11.457 11.695  1.00 58.97  ?  8   DA  C OP1   1 
ATOM   673 O  OP2   . DA  C 3 8  ? -4.697  -11.414 9.705   1.00 69.17  -1 8   DA  C OP2   1 
ATOM   674 O  "O5'" . DA  C 3 8  ? -4.654  -9.596  11.412  1.00 54.43  ?  8   DA  C "O5'" 1 
ATOM   675 C  "C5'" . DA  C 3 8  ? -4.584  -9.133  12.743  1.00 54.54  ?  8   DA  C "C5'" 1 
ATOM   676 C  "C4'" . DA  C 3 8  ? -3.965  -7.750  12.810  1.00 53.73  ?  8   DA  C "C4'" 1 
ATOM   677 O  "O4'" . DA  C 3 8  ? -2.577  -7.808  12.399  1.00 55.56  ?  8   DA  C "O4'" 1 
ATOM   678 C  "C3'" . DA  C 3 8  ? -4.616  -6.689  11.926  1.00 51.23  ?  8   DA  C "C3'" 1 
ATOM   679 O  "O3'" . DA  C 3 8  ? -4.669  -5.470  12.637  1.00 51.47  ?  8   DA  C "O3'" 1 
ATOM   680 C  "C2'" . DA  C 3 8  ? -3.656  -6.597  10.742  1.00 54.43  ?  8   DA  C "C2'" 1 
ATOM   681 C  "C1'" . DA  C 3 8  ? -2.333  -6.798  11.449  1.00 51.36  ?  8   DA  C "C1'" 1 
ATOM   682 N  N9    . DA  C 3 8  ? -1.247  -7.244  10.586  1.00 55.91  ?  8   DA  C N9    1 
ATOM   683 C  C8    . DA  C 3 8  ? -1.275  -8.261  9.675   1.00 58.83  ?  8   DA  C C8    1 
ATOM   684 N  N7    . DA  C 3 8  ? -0.129  -8.455  9.061   1.00 57.44  ?  8   DA  C N7    1 
ATOM   685 C  C5    . DA  C 3 8  ? 0.705   -7.494  9.607   1.00 55.85  ?  8   DA  C C5    1 
ATOM   686 C  C6    . DA  C 3 8  ? 2.057   -7.164  9.378   1.00 55.51  ?  8   DA  C C6    1 
ATOM   687 N  N6    . DA  C 3 8  ? 2.837   -7.803  8.497   1.00 63.26  ?  8   DA  C N6    1 
ATOM   688 N  N1    . DA  C 3 8  ? 2.579   -6.151  10.097  1.00 54.87  ?  8   DA  C N1    1 
ATOM   689 C  C2    . DA  C 3 8  ? 1.798   -5.512  10.977  1.00 57.27  ?  8   DA  C C2    1 
ATOM   690 N  N3    . DA  C 3 8  ? 0.522   -5.730  11.279  1.00 55.86  ?  8   DA  C N3    1 
ATOM   691 C  C4    . DA  C 3 8  ? 0.030   -6.743  10.551  1.00 56.68  ?  8   DA  C C4    1 
ATOM   692 P  P     . DT  C 3 9  ? -5.812  -4.393  12.316  1.00 60.76  ?  9   DT  C P     1 
ATOM   693 O  OP1   . DT  C 3 9  ? -6.561  -4.159  13.574  1.00 63.34  ?  9   DT  C OP1   1 
ATOM   694 O  OP2   . DT  C 3 9  ? -6.520  -4.842  11.094  1.00 59.56  -1 9   DT  C OP2   1 
ATOM   695 O  "O5'" . DT  C 3 9  ? -4.982  -3.079  11.954  1.00 57.41  ?  9   DT  C "O5'" 1 
ATOM   696 C  "C5'" . DT  C 3 9  ? -3.824  -2.746  12.704  1.00 56.60  ?  9   DT  C "C5'" 1 
ATOM   697 C  "C4'" . DT  C 3 9  ? -2.956  -1.768  11.938  1.00 50.70  ?  9   DT  C "C4'" 1 
ATOM   698 O  "O4'" . DT  C 3 9  ? -1.905  -2.483  11.240  1.00 54.83  ?  9   DT  C "O4'" 1 
ATOM   699 C  "C3'" . DT  C 3 9  ? -3.691  -0.953  10.867  1.00 54.48  ?  9   DT  C "C3'" 1 
ATOM   700 O  "O3'" . DT  C 3 9  ? -3.270  0.389   10.933  1.00 58.79  ?  9   DT  C "O3'" 1 
ATOM   701 C  "C2'" . DT  C 3 9  ? -3.229  -1.599  9.563   1.00 56.28  ?  9   DT  C "C2'" 1 
ATOM   702 C  "C1'" . DT  C 3 9  ? -1.811  -1.970  9.935   1.00 50.77  ?  9   DT  C "C1'" 1 
ATOM   703 N  N1    . DT  C 3 9  ? -1.162  -2.986  9.041   1.00 52.04  ?  9   DT  C N1    1 
ATOM   704 C  C2    . DT  C 3 9  ? 0.191   -2.909  8.836   1.00 54.38  ?  9   DT  C C2    1 
ATOM   705 O  O2    . DT  C 3 9  ? 0.888   -2.055  9.348   1.00 57.89  ?  9   DT  C O2    1 
ATOM   706 N  N3    . DT  C 3 9  ? 0.704   -3.867  8.006   1.00 54.25  ?  9   DT  C N3    1 
ATOM   707 C  C4    . DT  C 3 9  ? 0.012   -4.876  7.371   1.00 54.47  ?  9   DT  C C4    1 
ATOM   708 O  O4    . DT  C 3 9  ? 0.567   -5.693  6.643   1.00 62.36  ?  9   DT  C O4    1 
ATOM   709 C  C5    . DT  C 3 9  ? -1.406  -4.904  7.624   1.00 52.33  ?  9   DT  C C5    1 
ATOM   710 C  C7    . DT  C 3 9  ? -2.261  -5.957  6.990   1.00 54.87  ?  9   DT  C C7    1 
ATOM   711 C  C6    . DT  C 3 9  ? -1.922  -3.967  8.436   1.00 54.80  ?  9   DT  C C6    1 
ATOM   712 P  P     . DG  D 4 1  ? 4.978   5.555   -16.445 1.00 60.76  ?  10  DG  D P     1 
ATOM   713 O  OP1   . DG  D 4 1  ? 5.934   5.898   -17.520 1.00 68.03  ?  10  DG  D OP1   1 
ATOM   714 O  OP2   . DG  D 4 1  ? 5.201   6.024   -15.062 1.00 44.31  -1 10  DG  D OP2   1 
ATOM   715 O  "O5'" . DG  D 4 1  ? 4.880   3.968   -16.332 1.00 54.76  ?  10  DG  D "O5'" 1 
ATOM   716 C  "C5'" . DG  D 4 1  ? 4.702   3.377   -15.056 1.00 50.46  ?  10  DG  D "C5'" 1 
ATOM   717 C  "C4'" . DG  D 4 1  ? 3.787   2.180   -15.136 1.00 50.99  ?  10  DG  D "C4'" 1 
ATOM   718 O  "O4'" . DG  D 4 1  ? 3.495   1.729   -13.796 1.00 51.87  ?  10  DG  D "O4'" 1 
ATOM   719 C  "C3'" . DG  D 4 1  ? 2.449   2.451   -15.820 1.00 55.00  ?  10  DG  D "C3'" 1 
ATOM   720 O  "O3'" . DG  D 4 1  ? 2.448   1.860   -17.109 1.00 60.63  ?  10  DG  D "O3'" 1 
ATOM   721 C  "C2'" . DG  D 4 1  ? 1.419   1.783   -14.917 1.00 57.28  ?  10  DG  D "C2'" 1 
ATOM   722 C  "C1'" . DG  D 4 1  ? 2.108   1.737   -13.569 1.00 52.03  ?  10  DG  D "C1'" 1 
ATOM   723 N  N9    . DG  D 4 1  ? 1.777   2.849   -12.686 1.00 53.89  ?  10  DG  D N9    1 
ATOM   724 C  C8    . DG  D 4 1  ? 2.541   3.958   -12.416 1.00 55.11  ?  10  DG  D C8    1 
ATOM   725 N  N7    . DG  D 4 1  ? 1.979   4.780   -11.569 1.00 56.67  ?  10  DG  D N7    1 
ATOM   726 C  C5    . DG  D 4 1  ? 0.772   4.171   -11.255 1.00 59.70  ?  10  DG  D C5    1 
ATOM   727 C  C6    . DG  D 4 1  ? -0.265  4.584   -10.384 1.00 61.38  ?  10  DG  D C6    1 
ATOM   728 O  O6    . DG  D 4 1  ? -0.326  5.611   -9.691  1.00 65.15  ?  10  DG  D O6    1 
ATOM   729 N  N1    . DG  D 4 1  ? -1.311  3.664   -10.359 1.00 62.26  ?  10  DG  D N1    1 
ATOM   730 C  C2    . DG  D 4 1  ? -1.353  2.497   -11.086 1.00 64.72  ?  10  DG  D C2    1 
ATOM   731 N  N2    . DG  D 4 1  ? -2.441  1.733   -10.936 1.00 69.04  ?  10  DG  D N2    1 
ATOM   732 N  N3    . DG  D 4 1  ? -0.390  2.100   -11.901 1.00 65.24  ?  10  DG  D N3    1 
ATOM   733 C  C4    . DG  D 4 1  ? 0.636   2.981   -11.937 1.00 62.19  ?  10  DG  D C4    1 
ATOM   734 P  P     . DG  D 4 2  ? 1.418   2.364   -18.234 1.00 64.59  ?  11  DG  D P     1 
ATOM   735 O  OP1   . DG  D 4 2  ? 1.667   1.572   -19.458 1.00 66.15  ?  11  DG  D OP1   1 
ATOM   736 O  OP2   . DG  D 4 2  ? 1.489   3.843   -18.260 1.00 59.51  -1 11  DG  D OP2   1 
ATOM   737 O  "O5'" . DG  D 4 2  ? -0.020  1.950   -17.670 1.00 63.07  ?  11  DG  D "O5'" 1 
ATOM   738 C  "C5'" . DG  D 4 2  ? -0.424  0.582   -17.636 1.00 67.33  ?  11  DG  D "C5'" 1 
ATOM   739 C  "C4'" . DG  D 4 2  ? -1.831  0.455   -17.072 1.00 71.26  ?  11  DG  D "C4'" 1 
ATOM   740 O  "O4'" . DG  D 4 2  ? -1.912  1.176   -15.814 1.00 71.11  ?  11  DG  D "O4'" 1 
ATOM   741 C  "C3'" . DG  D 4 2  ? -2.930  1.037   -17.951 1.00 71.75  ?  11  DG  D "C3'" 1 
ATOM   742 O  "O3'" . DG  D 4 2  ? -4.135  0.309   -17.774 1.00 72.33  ?  11  DG  D "O3'" 1 
ATOM   743 C  "C2'" . DG  D 4 2  ? -3.060  2.460   -17.423 1.00 72.49  ?  11  DG  D "C2'" 1 
ATOM   744 C  "C1'" . DG  D 4 2  ? -2.818  2.259   -15.932 1.00 70.15  ?  11  DG  D "C1'" 1 
ATOM   745 N  N9    . DG  D 4 2  ? -2.233  3.429   -15.280 1.00 66.58  ?  11  DG  D N9    1 
ATOM   746 C  C8    . DG  D 4 2  ? -1.081  4.083   -15.643 1.00 65.49  ?  11  DG  D C8    1 
ATOM   747 N  N7    . DG  D 4 2  ? -0.798  5.103   -14.881 1.00 63.95  ?  11  DG  D N7    1 
ATOM   748 C  C5    . DG  D 4 2  ? -1.827  5.129   -13.949 1.00 66.05  ?  11  DG  D C5    1 
ATOM   749 C  C6    . DG  D 4 2  ? -2.054  6.017   -12.867 1.00 72.91  ?  11  DG  D C6    1 
ATOM   750 O  O6    . DG  D 4 2  ? -1.364  6.985   -12.511 1.00 75.60  ?  11  DG  D O6    1 
ATOM   751 N  N1    . DG  D 4 2  ? -3.216  5.697   -12.170 1.00 74.51  ?  11  DG  D N1    1 
ATOM   752 C  C2    . DG  D 4 2  ? -4.053  4.649   -12.475 1.00 75.74  ?  11  DG  D C2    1 
ATOM   753 N  N2    . DG  D 4 2  ? -5.128  4.500   -11.685 1.00 70.54  ?  11  DG  D N2    1 
ATOM   754 N  N3    . DG  D 4 2  ? -3.852  3.806   -13.487 1.00 71.22  ?  11  DG  D N3    1 
ATOM   755 C  C4    . DG  D 4 2  ? -2.722  4.106   -14.179 1.00 66.31  ?  11  DG  D C4    1 
ATOM   756 P  P     . DT  D 4 3  ? -5.485  0.803   -18.494 1.00 82.01  ?  12  DT  D P     1 
ATOM   757 O  OP1   . DT  D 4 3  ? -6.334  -0.386  -18.725 1.00 86.15  ?  12  DT  D OP1   1 
ATOM   758 O  OP2   . DT  D 4 3  ? -5.099  1.671   -19.627 1.00 70.81  -1 12  DT  D OP2   1 
ATOM   759 O  "O5'" . DT  D 4 3  ? -6.189  1.721   -17.396 1.00 75.12  ?  12  DT  D "O5'" 1 
ATOM   760 C  "C5'" . DT  D 4 3  ? -6.690  1.139   -16.207 1.00 74.07  ?  12  DT  D "C5'" 1 
ATOM   761 C  "C4'" . DT  D 4 3  ? -7.720  2.044   -15.563 1.00 69.38  ?  12  DT  D "C4'" 1 
ATOM   762 O  "O4'" . DT  D 4 3  ? -7.051  3.172   -14.938 1.00 71.93  ?  12  DT  D "O4'" 1 
ATOM   763 C  "C3'" . DT  D 4 3  ? -8.740  2.641   -16.527 1.00 72.77  ?  12  DT  D "C3'" 1 
ATOM   764 O  "O3'" . DT  D 4 3  ? -10.014 2.698   -15.911 1.00 77.24  ?  12  DT  D "O3'" 1 
ATOM   765 C  "C2'" . DT  D 4 3  ? -8.186  4.037   -16.789 1.00 72.24  ?  12  DT  D "C2'" 1 
ATOM   766 C  "C1'" . DT  D 4 3  ? -7.583  4.380   -15.437 1.00 70.82  ?  12  DT  D "C1'" 1 
ATOM   767 N  N1    . DT  D 4 3  ? -6.482  5.391   -15.504 1.00 69.22  ?  12  DT  D N1    1 
ATOM   768 C  C2    . DT  D 4 3  ? -6.406  6.374   -14.540 1.00 68.71  ?  12  DT  D C2    1 
ATOM   769 O  O2    . DT  D 4 3  ? -7.195  6.471   -13.617 1.00 70.40  ?  12  DT  D O2    1 
ATOM   770 N  N3    . DT  D 4 3  ? -5.363  7.244   -14.691 1.00 67.31  ?  12  DT  D N3    1 
ATOM   771 C  C4    . DT  D 4 3  ? -4.409  7.239   -15.686 1.00 74.65  ?  12  DT  D C4    1 
ATOM   772 O  O4    . DT  D 4 3  ? -3.510  8.072   -15.731 1.00 78.86  ?  12  DT  D O4    1 
ATOM   773 C  C5    . DT  D 4 3  ? -4.544  6.182   -16.670 1.00 75.08  ?  12  DT  D C5    1 
ATOM   774 C  C7    . DT  D 4 3  ? -3.564  6.069   -17.804 1.00 73.45  ?  12  DT  D C7    1 
ATOM   775 C  C6    . DT  D 4 3  ? -5.562  5.320   -16.530 1.00 69.74  ?  12  DT  D C6    1 
ATOM   776 P  P     . DC  D 4 4  ? -11.338 2.748   -16.817 1.00 80.38  ?  13  DC  D P     1 
ATOM   777 O  OP1   . DC  D 4 4  ? -12.087 1.496   -16.576 1.00 80.77  ?  13  DC  D OP1   1 
ATOM   778 O  OP2   . DC  D 4 4  ? -10.919 3.112   -18.189 1.00 80.37  -1 13  DC  D OP2   1 
ATOM   779 O  "O5'" . DC  D 4 4  ? -12.159 3.988   -16.234 1.00 64.28  ?  13  DC  D "O5'" 1 
ATOM   780 C  "C5'" . DC  D 4 4  ? -12.409 4.083   -14.843 1.00 67.81  ?  13  DC  D "C5'" 1 
ATOM   781 C  "C4'" . DC  D 4 4  ? -12.270 5.518   -14.372 1.00 70.74  ?  13  DC  D "C4'" 1 
ATOM   782 O  "O4'" . DC  D 4 4  ? -10.954 6.006   -14.707 1.00 71.41  ?  13  DC  D "O4'" 1 
ATOM   783 C  "C3'" . DC  D 4 4  ? -13.262 6.513   -14.994 1.00 79.85  ?  13  DC  D "C3'" 1 
ATOM   784 O  "O3'" . DC  D 4 4  ? -14.072 7.097   -13.975 1.00 82.99  ?  13  DC  D "O3'" 1 
ATOM   785 C  "C2'" . DC  D 4 4  ? -12.371 7.562   -15.682 1.00 77.12  ?  13  DC  D "C2'" 1 
ATOM   786 C  "C1'" . DC  D 4 4  ? -11.047 7.378   -14.960 1.00 73.65  ?  13  DC  D "C1'" 1 
ATOM   787 N  N1    . DC  D 4 4  ? -9.852  7.800   -15.748 1.00 75.97  ?  13  DC  D N1    1 
ATOM   788 C  C2    . DC  D 4 4  ? -9.093  8.884   -15.307 1.00 74.02  ?  13  DC  D C2    1 
ATOM   789 O  O2    . DC  D 4 4  ? -9.433  9.472   -14.280 1.00 75.23  ?  13  DC  D O2    1 
ATOM   790 N  N3    . DC  D 4 4  ? -8.006  9.260   -16.019 1.00 69.83  ?  13  DC  D N3    1 
ATOM   791 C  C4    . DC  D 4 4  ? -7.669  8.600   -17.122 1.00 76.10  ?  13  DC  D C4    1 
ATOM   792 N  N4    . DC  D 4 4  ? -6.584  9.015   -17.787 1.00 76.37  ?  13  DC  D N4    1 
ATOM   793 C  C5    . DC  D 4 4  ? -8.427  7.486   -17.592 1.00 75.47  ?  13  DC  D C5    1 
ATOM   794 C  C6    . DC  D 4 4  ? -9.503  7.124   -16.879 1.00 73.75  ?  13  DC  D C6    1 
ATOM   795 P  P     . DT  D 4 5  ? -15.285 8.077   -14.366 1.00 82.56  ?  14  DT  D P     1 
ATOM   796 O  OP1   . DT  D 4 5  ? -16.370 7.848   -13.386 1.00 78.36  ?  14  DT  D OP1   1 
ATOM   797 O  OP2   . DT  D 4 5  ? -15.547 7.909   -15.812 1.00 81.05  -1 14  DT  D OP2   1 
ATOM   798 O  "O5'" . DT  D 4 5  ? -14.686 9.547   -14.151 1.00 70.20  ?  14  DT  D "O5'" 1 
ATOM   799 C  "C5'" . DT  D 4 5  ? -14.119 9.901   -12.901 1.00 74.75  ?  14  DT  D "C5'" 1 
ATOM   800 C  "C4'" . DT  D 4 5  ? -13.570 11.318  -12.921 1.00 79.36  ?  14  DT  D "C4'" 1 
ATOM   801 O  "O4'" . DT  D 4 5  ? -12.340 11.361  -13.690 1.00 80.34  ?  14  DT  D "O4'" 1 
ATOM   802 C  "C3'" . DT  D 4 5  ? -14.487 12.382  -13.533 1.00 82.36  ?  14  DT  D "C3'" 1 
ATOM   803 O  "O3'" . DT  D 4 5  ? -14.419 13.573  -12.744 1.00 87.26  ?  14  DT  D "O3'" 1 
ATOM   804 C  "C2'" . DT  D 4 5  ? -13.866 12.597  -14.912 1.00 82.00  ?  14  DT  D "C2'" 1 
ATOM   805 C  "C1'" . DT  D 4 5  ? -12.397 12.459  -14.565 1.00 78.68  ?  14  DT  D "C1'" 1 
ATOM   806 N  N1    . DT  D 4 5  ? -11.495 12.191  -15.723 1.00 79.00  ?  14  DT  D N1    1 
ATOM   807 C  C2    . DT  D 4 5  ? -10.397 12.999  -15.906 1.00 83.30  ?  14  DT  D C2    1 
ATOM   808 O  O2    . DT  D 4 5  ? -10.129 13.934  -15.173 1.00 82.47  ?  14  DT  D O2    1 
ATOM   809 N  N3    . DT  D 4 5  ? -9.616  12.671  -16.980 1.00 85.21  ?  14  DT  D N3    1 
ATOM   810 C  C4    . DT  D 4 5  ? -9.818  11.637  -17.876 1.00 84.74  ?  14  DT  D C4    1 
ATOM   811 O  O4    . DT  D 4 5  ? -9.057  11.427  -18.815 1.00 85.23  ?  14  DT  D O4    1 
ATOM   812 C  C5    . DT  D 4 5  ? -10.988 10.822  -17.626 1.00 80.51  ?  14  DT  D C5    1 
ATOM   813 C  C7    . DT  D 4 5  ? -11.312 9.670   -18.530 1.00 78.51  ?  14  DT  D C7    1 
ATOM   814 C  C6    . DT  D 4 5  ? -11.759 11.134  -16.570 1.00 79.25  ?  14  DT  D C6    1 
ATOM   815 P  P     . DG  D 4 6  ? -15.579 14.683  -12.832 1.00 92.65  ?  15  DG  D P     1 
ATOM   816 O  OP1   . DG  D 4 6  ? -16.006 15.004  -11.453 1.00 89.91  ?  15  DG  D OP1   1 
ATOM   817 O  OP2   . DG  D 4 6  ? -16.568 14.204  -13.821 1.00 97.08  -1 15  DG  D OP2   1 
ATOM   818 O  "O5'" . DG  D 4 6  ? -14.844 15.973  -13.434 1.00 84.18  ?  15  DG  D "O5'" 1 
ATOM   819 C  "C5'" . DG  D 4 6  ? -14.483 17.057  -12.576 1.00 83.94  ?  15  DG  D "C5'" 1 
ATOM   820 C  "C4'" . DG  D 4 6  ? -13.482 17.970  -13.259 1.00 89.30  ?  15  DG  D "C4'" 1 
ATOM   821 O  "O4'" . DG  D 4 6  ? -12.601 17.158  -14.069 1.00 89.46  ?  15  DG  D "O4'" 1 
ATOM   822 C  "C3'" . DG  D 4 6  ? -14.098 19.032  -14.172 1.00 96.44  ?  15  DG  D "C3'" 1 
ATOM   823 O  "O3'" . DG  D 4 6  ? -13.738 20.380  -13.727 1.00 98.79  ?  15  DG  D "O3'" 1 
ATOM   824 C  "C2'" . DG  D 4 6  ? -13.608 18.696  -15.585 1.00 93.93  ?  15  DG  D "C2'" 1 
ATOM   825 C  "C1'" . DG  D 4 6  ? -12.511 17.650  -15.385 1.00 93.16  ?  15  DG  D "C1'" 1 
ATOM   826 N  N9    . DG  D 4 6  ? -12.638 16.525  -16.310 1.00 94.99  ?  15  DG  D N9    1 
ATOM   827 C  C8    . DG  D 4 6  ? -13.672 15.624  -16.377 1.00 95.58  ?  15  DG  D C8    1 
ATOM   828 N  N7    . DG  D 4 6  ? -13.526 14.732  -17.319 1.00 92.04  ?  15  DG  D N7    1 
ATOM   829 C  C5    . DG  D 4 6  ? -12.320 15.067  -17.920 1.00 90.22  ?  15  DG  D C5    1 
ATOM   830 C  C6    . DG  D 4 6  ? -11.641 14.458  -19.002 1.00 86.65  ?  15  DG  D C6    1 
ATOM   831 O  O6    . DG  D 4 6  ? -11.986 13.467  -19.663 1.00 84.13  ?  15  DG  D O6    1 
ATOM   832 N  N1    . DG  D 4 6  ? -10.448 15.113  -19.296 1.00 89.90  ?  15  DG  D N1    1 
ATOM   833 C  C2    . DG  D 4 6  ? -9.973  16.218  -18.628 1.00 91.19  ?  15  DG  D C2    1 
ATOM   834 N  N2    . DG  D 4 6  ? -8.803  16.713  -19.054 1.00 88.01  ?  15  DG  D N2    1 
ATOM   835 N  N3    . DG  D 4 6  ? -10.600 16.798  -17.613 1.00 90.23  ?  15  DG  D N3    1 
ATOM   836 C  C4    . DG  D 4 6  ? -11.763 16.172  -17.315 1.00 91.40  ?  15  DG  D C4    1 
ATOM   837 P  P     . DC  D 4 7  ? -12.623 21.284  -14.469 1.00 107.89 ?  16  DC  D P     1 
ATOM   838 O  OP1   . DC  D 4 7  ? -11.368 20.505  -14.562 1.00 104.62 ?  16  DC  D OP1   1 
ATOM   839 O  OP2   . DC  D 4 7  ? -12.593 22.580  -13.754 1.00 111.45 -1 16  DC  D OP2   1 
ATOM   840 O  "O5'" . DC  D 4 7  ? -13.231 21.590  -15.921 1.00 97.41  ?  16  DC  D "O5'" 1 
ATOM   841 C  "C5'" . DC  D 4 7  ? -12.794 22.731  -16.661 1.00 98.98  ?  16  DC  D "C5'" 1 
ATOM   842 C  "C4'" . DC  D 4 7  ? -11.278 22.778  -16.765 1.00 94.22  ?  16  DC  D "C4'" 1 
ATOM   843 O  "O4'" . DC  D 4 7  ? -10.778 21.466  -17.122 1.00 95.69  ?  16  DC  D "O4'" 1 
ATOM   844 C  "C3'" . DC  D 4 7  ? -10.745 23.710  -17.837 1.00 97.16  ?  16  DC  D "C3'" 1 
ATOM   845 O  "O3'" . DC  D 4 7  ? -9.431  24.135  -17.507 1.00 101.64 ?  16  DC  D "O3'" 1 
ATOM   846 C  "C2'" . DC  D 4 7  ? -10.750 22.815  -19.070 1.00 97.61  ?  16  DC  D "C2'" 1 
ATOM   847 C  "C1'" . DC  D 4 7  ? -10.381 21.454  -18.482 1.00 96.19  ?  16  DC  D "C1'" 1 
ATOM   848 N  N1    . DC  D 4 7  ? -11.059 20.307  -19.159 1.00 95.20  ?  16  DC  D N1    1 
ATOM   849 C  C2    . DC  D 4 7  ? -10.463 19.706  -20.276 1.00 92.58  ?  16  DC  D C2    1 
ATOM   850 O  O2    . DC  D 4 7  ? -9.384  20.142  -20.688 1.00 90.01  ?  16  DC  D O2    1 
ATOM   851 N  N3    . DC  D 4 7  ? -11.094 18.664  -20.875 1.00 89.28  ?  16  DC  D N3    1 
ATOM   852 C  C4    . DC  D 4 7  ? -12.261 18.226  -20.397 1.00 93.10  ?  16  DC  D C4    1 
ATOM   853 N  N4    . DC  D 4 7  ? -12.847 17.197  -21.019 1.00 93.45  ?  16  DC  D N4    1 
ATOM   854 C  C5    . DC  D 4 7  ? -12.880 18.826  -19.261 1.00 89.90  ?  16  DC  D C5    1 
ATOM   855 C  C6    . DC  D 4 7  ? -12.250 19.850  -18.680 1.00 89.85  ?  16  DC  D C6    1 
HETATM 856 C  C1    . NT  E 5 .  ? -6.172  20.590  -18.219 1.00 93.07  ?  101 NT  A C1    1 
HETATM 857 N  N1    . NT  E 5 .  ? -5.356  20.265  -19.220 1.00 86.62  ?  101 NT  A N1    1 
HETATM 858 N  N2    . NT  E 5 .  ? -6.691  21.815  -18.151 1.00 98.93  ?  101 NT  A N2    1 
HETATM 859 N  N3    . NT  E 5 .  ? -6.470  19.688  -17.287 1.00 91.13  ?  101 NT  A N3    1 
HETATM 860 C  C2    . NT  E 5 .  ? -7.825  19.218  -17.072 1.00 87.53  ?  101 NT  A C2    1 
HETATM 861 C  C3    . NT  E 5 .  ? -8.157  19.088  -15.604 1.00 86.31  ?  101 NT  A C3    1 
HETATM 862 O  O1    . NT  E 5 .  ? -7.578  19.977  -14.673 1.00 81.16  ?  101 NT  A O1    1 
HETATM 863 N  N4    . NT  E 5 .  ? -9.007  18.109  -15.279 1.00 86.08  ?  101 NT  A N4    1 
HETATM 864 C  C4    . NT  E 5 .  ? -9.190  17.659  -13.959 1.00 85.92  ?  101 NT  A C4    1 
HETATM 865 C  C5    . NT  E 5 .  ? -9.341  16.340  -13.536 1.00 86.14  ?  101 NT  A C5    1 
HETATM 866 C  C6    . NT  E 5 .  ? -9.505  16.341  -12.149 1.00 79.91  ?  101 NT  A C6    1 
HETATM 867 N  N5    . NT  E 5 .  ? -9.449  17.640  -11.735 1.00 83.90  ?  101 NT  A N5    1 
HETATM 868 C  C8    . NT  E 5 .  ? -9.570  18.163  -10.333 1.00 87.37  ?  101 NT  A C8    1 
HETATM 869 C  C7    . NT  E 5 .  ? -9.263  18.451  -12.824 1.00 85.50  ?  101 NT  A C7    1 
HETATM 870 C  C9    . NT  E 5 .  ? -9.919  15.143  -11.319 1.00 76.66  ?  101 NT  A C9    1 
HETATM 871 O  O2    . NT  E 5 .  ? -10.490 15.348  -10.044 1.00 75.96  ?  101 NT  A O2    1 
HETATM 872 N  N6    . NT  E 5 .  ? -9.745  13.905  -11.800 1.00 79.77  ?  101 NT  A N6    1 
HETATM 873 C  C10   . NT  E 5 .  ? -10.368 12.781  -11.218 1.00 79.39  ?  101 NT  A C10   1 
HETATM 874 C  C11   . NT  E 5 .  ? -9.953  11.455  -11.300 1.00 77.62  ?  101 NT  A C11   1 
HETATM 875 C  C12   . NT  E 5 .  ? -10.843 10.652  -10.590 1.00 77.04  ?  101 NT  A C12   1 
HETATM 876 N  N7    . NT  E 5 .  ? -11.795 11.479  -10.074 1.00 83.22  ?  101 NT  A N7    1 
HETATM 877 C  C14   . NT  E 5 .  ? -12.982 11.105  -9.232  1.00 85.77  ?  101 NT  A C14   1 
HETATM 878 C  C13   . NT  E 5 .  ? -11.524 12.768  -10.453 1.00 79.59  ?  101 NT  A C13   1 
HETATM 879 C  C15   . NT  E 5 .  ? -10.924 9.149   -10.716 1.00 77.44  ?  101 NT  A C15   1 
HETATM 880 O  O3    . NT  E 5 .  ? -11.925 8.448   -10.007 1.00 81.60  ?  101 NT  A O3    1 
HETATM 881 N  N8    . NT  E 5 .  ? -10.054 8.521   -11.518 1.00 76.95  ?  101 NT  A N8    1 
HETATM 882 C  C16   . NT  E 5 .  ? -9.575  7.150   -11.357 1.00 71.30  ?  101 NT  A C16   1 
HETATM 883 C  C17   . NT  E 5 .  ? -10.656 6.081   -11.193 1.00 64.56  ?  101 NT  A C17   1 
HETATM 884 C  C18   . NT  E 5 .  ? -10.144 4.695   -11.511 1.00 67.86  ?  101 NT  A C18   1 
HETATM 885 N  N9    . NT  E 5 .  ? -11.022 3.702   -11.614 1.00 69.79  ?  101 NT  A N9    1 
HETATM 886 N  N10   . NT  E 5 .  ? -8.840  4.499   -11.689 1.00 75.32  ?  101 NT  A N10   1 
HETATM 887 C  C01   . ZQQ F 6 .  ? -0.585  -5.908  18.714  1.00 66.27  ?  102 ZQQ A C01   1 
HETATM 888 C  C03   . ZQQ F 6 .  ? 0.585   -4.368  17.634  1.00 65.64  ?  102 ZQQ A C03   1 
HETATM 889 C  C04   . ZQQ F 6 .  ? -0.263  -3.667  18.485  1.00 61.72  ?  102 ZQQ A C04   1 
HETATM 890 C  C06   . ZQQ F 6 .  ? -2.006  -4.234  20.167  1.00 81.53  ?  102 ZQQ A C06   1 
HETATM 891 C  C07   . ZQQ F 6 .  ? -1.149  -7.227  19.212  1.00 65.85  ?  102 ZQQ A C07   1 
HETATM 892 C  C10   . ZQQ F 6 .  ? -0.993  -9.766  19.001  1.00 70.70  ?  102 ZQQ A C10   1 
HETATM 893 C  C11   . ZQQ F 6 .  ? -2.146  -10.203 19.681  1.00 71.30  ?  102 ZQQ A C11   1 
HETATM 894 C  C13   . ZQQ F 6 .  ? -0.922  -12.085 19.151  1.00 73.66  ?  102 ZQQ A C13   1 
HETATM 895 C  C14   . ZQQ F 6 .  ? -0.259  -10.946 18.677  1.00 74.77  ?  102 ZQQ A C14   1 
HETATM 896 C  C15   . ZQQ F 6 .  ? -3.195  -12.351 20.442  1.00 79.20  ?  102 ZQQ A C15   1 
HETATM 897 C  C16   . ZQQ F 6 .  ? -0.588  -13.559 19.058  1.00 77.05  ?  102 ZQQ A C16   1 
HETATM 898 C  C19   . ZQQ F 6 .  ? 1.277   -15.313 18.688  1.00 79.46  ?  102 ZQQ A C19   1 
HETATM 899 C  C20   . ZQQ F 6 .  ? 0.488   -16.480 18.652  1.00 81.88  ?  102 ZQQ A C20   1 
HETATM 900 C  C22   . ZQQ F 6 .  ? 2.661   -17.167 18.396  1.00 86.38  ?  102 ZQQ A C22   1 
HETATM 901 C  C23   . ZQQ F 6 .  ? 2.628   -15.764 18.522  1.00 83.37  ?  102 ZQQ A C23   1 
HETATM 902 C  C24   . ZQQ F 6 .  ? 0.772   -18.967 18.413  1.00 81.29  ?  102 ZQQ A C24   1 
HETATM 903 C  C25   . ZQQ F 6 .  ? 3.796   -18.138 18.202  1.00 88.54  ?  102 ZQQ A C25   1 
HETATM 904 C  C28   . ZQQ F 6 .  ? 6.243   -18.670 18.177  1.00 92.48  ?  102 ZQQ A C28   1 
HETATM 905 C  C29   . ZQQ F 6 .  ? 7.332   -18.118 17.200  1.00 87.76  ?  102 ZQQ A C29   1 
HETATM 906 C  C30   . ZQQ F 6 .  ? 8.635   -17.694 17.864  1.00 93.55  ?  102 ZQQ A C30   1 
HETATM 907 C  C33   . ZQQ F 6 .  ? 9.993   -18.327 15.830  1.00 93.85  ?  102 ZQQ A C33   1 
HETATM 908 C  C34   . ZQQ F 6 .  ? 11.477  -18.603 15.458  1.00 100.14 ?  102 ZQQ A C34   1 
HETATM 909 C  C35   . ZQQ F 6 .  ? 12.448  -18.139 16.571  1.00 102.47 ?  102 ZQQ A C35   1 
HETATM 910 C  C37   . ZQQ F 6 .  ? 14.246  -18.540 14.821  1.00 100.41 ?  102 ZQQ A C37   1 
HETATM 911 C  C38   . ZQQ F 6 .  ? 14.909  -17.635 17.035  1.00 96.88  ?  102 ZQQ A C38   1 
HETATM 912 N  N02   . ZQQ F 6 .  ? 0.387   -5.738  17.772  1.00 65.94  ?  102 ZQQ A N02   1 
HETATM 913 N  N05   . ZQQ F 6 .  ? -1.002  -4.622  19.170  1.00 72.44  ?  102 ZQQ A N05   1 
HETATM 914 N  N08   . ZQQ F 6 .  ? -0.633  -8.418  18.696  1.00 66.69  ?  102 ZQQ A N08   1 
HETATM 915 N  N12   . ZQQ F 6 .  ? -2.120  -11.589 19.776  1.00 76.29  ?  102 ZQQ A N12   1 
HETATM 916 N  N17   . ZQQ F 6 .  ? 0.752   -13.982 18.837  1.00 75.23  ?  102 ZQQ A N17   1 
HETATM 917 N  N21   . ZQQ F 6 .  ? 1.294   -17.592 18.482  1.00 85.81  ?  102 ZQQ A N21   1 
HETATM 918 N  N27   . ZQQ F 6 .  ? 5.126   -17.710 18.371  1.00 86.48  ?  102 ZQQ A N27   1 
HETATM 919 N  N31   . ZQQ F 6 .  ? 9.854   -17.807 17.187  1.00 91.77  ?  102 ZQQ A N31   1 
HETATM 920 N  N36   . ZQQ F 6 .  ? 13.927  -18.548 16.307  1.00 103.48 ?  102 ZQQ A N36   1 
HETATM 921 O  O09   . ZQQ F 6 .  ? -2.042  -7.241  20.049  1.00 68.49  ?  102 ZQQ A O09   1 
HETATM 922 O  O18   . ZQQ F 6 .  ? -1.465  -14.414 19.138  1.00 79.92  ?  102 ZQQ A O18   1 
HETATM 923 O  O26   . ZQQ F 6 .  ? 3.653   -19.311 17.877  1.00 92.04  ?  102 ZQQ A O26   1 
HETATM 924 O  O32   . ZQQ F 6 .  ? 8.659   -17.244 19.003  1.00 100.90 ?  102 ZQQ A O32   1 
HETATM 925 AS AS    . CAC G 7 .  ? -3.253  -0.647  0.737   1.00 78.14  ?  101 CAC B AS    1 
HETATM 926 C  C01   . ZQQ H 6 .  ? 1.681   -16.428 15.148  1.00 76.41  ?  101 ZQQ C C01   1 
HETATM 927 C  C03   . ZQQ H 6 .  ? 3.847   -16.879 15.072  1.00 80.13  ?  101 ZQQ C C03   1 
HETATM 928 C  C04   . ZQQ H 6 .  ? 3.212   -17.941 14.424  1.00 83.48  ?  101 ZQQ C C04   1 
HETATM 929 C  C06   . ZQQ H 6 .  ? 0.864   -18.557 13.876  1.00 82.43  ?  101 ZQQ C C06   1 
HETATM 930 C  C07   . ZQQ H 6 .  ? 0.336   -15.786 15.386  1.00 75.46  ?  101 ZQQ C C07   1 
HETATM 931 C  C10   . ZQQ H 6 .  ? -0.871  -13.548 15.646  1.00 72.97  ?  101 ZQQ C C10   1 
HETATM 932 C  C11   . ZQQ H 6 .  ? -2.214  -13.938 15.816  1.00 74.12  ?  101 ZQQ C C11   1 
HETATM 933 C  C13   . ZQQ H 6 .  ? -2.169  -11.635 15.906  1.00 70.44  ?  101 ZQQ C C13   1 
HETATM 934 C  C14   . ZQQ H 6 .  ? -0.870  -12.121 15.701  1.00 72.46  ?  101 ZQQ C C14   1 
HETATM 935 C  C15   . ZQQ H 6 .  ? -4.456  -12.866 16.176  1.00 75.54  ?  101 ZQQ C C15   1 
HETATM 936 C  C16   . ZQQ H 6 .  ? -2.691  -10.225 16.038  1.00 67.93  ?  101 ZQQ C C16   1 
HETATM 937 C  C19   . ZQQ H 6 .  ? -2.053  -7.760  15.616  1.00 59.79  ?  101 ZQQ C C19   1 
HETATM 938 C  C20   . ZQQ H 6 .  ? -3.087  -7.056  16.273  1.00 59.67  ?  101 ZQQ C C20   1 
HETATM 939 C  C22   . ZQQ H 6 .  ? -1.779  -5.502  15.227  1.00 61.07  ?  101 ZQQ C C22   1 
HETATM 940 C  C23   . ZQQ H 6 .  ? -1.261  -6.773  14.981  1.00 59.99  ?  101 ZQQ C C23   1 
HETATM 941 C  C24   . ZQQ H 6 .  ? -3.832  -4.656  16.574  1.00 65.96  ?  101 ZQQ C C24   1 
HETATM 942 C  C25   . ZQQ H 6 .  ? -1.285  -4.177  14.769  1.00 63.95  ?  101 ZQQ C C25   1 
HETATM 943 C  C28   . ZQQ H 6 .  ? 0.332   -2.943  13.320  1.00 60.05  ?  101 ZQQ C C28   1 
HETATM 944 C  C29   . ZQQ H 6 .  ? 1.574   -2.552  14.152  1.00 58.89  ?  101 ZQQ C C29   1 
HETATM 945 C  C30   . ZQQ H 6 .  ? 2.341   -1.351  13.638  1.00 61.26  ?  101 ZQQ C C30   1 
HETATM 946 C  C33   . ZQQ H 6 .  ? 4.216   -0.430  12.300  1.00 66.37  ?  101 ZQQ C C33   1 
HETATM 947 C  C34   . ZQQ H 6 .  ? 3.820   0.011   10.858  1.00 68.67  ?  101 ZQQ C C34   1 
HETATM 948 C  C35   . ZQQ H 6 .  ? 2.420   0.666   10.740  1.00 65.39  ?  101 ZQQ C C35   1 
HETATM 949 C  C37   . ZQQ H 6 .  ? 2.886   2.752   12.121  1.00 74.36  ?  101 ZQQ C C37   1 
HETATM 950 C  C38   . ZQQ H 6 .  ? 0.561   1.940   11.900  1.00 62.05  ?  101 ZQQ C C38   1 
HETATM 951 N  N02   . ZQQ H 6 .  ? 2.909   -15.950 15.510  1.00 74.93  ?  101 ZQQ C N02   1 
HETATM 952 N  N05   . ZQQ H 6 .  ? 1.854   -17.659 14.466  1.00 84.07  ?  101 ZQQ C N05   1 
HETATM 953 N  N08   . ZQQ H 6 .  ? 0.259   -14.395 15.441  1.00 77.59  ?  101 ZQQ C N08   1 
HETATM 954 N  N12   . ZQQ H 6 .  ? -3.001  -12.798 15.975  1.00 72.49  ?  101 ZQQ C N12   1 
HETATM 955 N  N17   . ZQQ H 6 .  ? -1.869  -9.170  15.620  1.00 61.85  ?  101 ZQQ C N17   1 
HETATM 956 N  N21   . ZQQ H 6 .  ? -2.932  -5.693  16.045  1.00 60.70  ?  101 ZQQ C N21   1 
HETATM 957 N  N27   . ZQQ H 6 .  ? -0.241  -4.181  13.835  1.00 60.55  ?  101 ZQQ C N27   1 
HETATM 958 N  N31   . ZQQ H 6 .  ? 3.448   -1.553  12.815  1.00 60.10  ?  101 ZQQ C N31   1 
HETATM 959 N  N36   . ZQQ H 6 .  ? 2.013   1.501   11.991  1.00 65.75  ?  101 ZQQ C N36   1 
HETATM 960 O  O09   . ZQQ H 6 .  ? -0.657  -16.489 15.541  1.00 73.54  ?  101 ZQQ C O09   1 
HETATM 961 O  O18   . ZQQ H 6 .  ? -3.796  -9.974  16.511  1.00 69.57  ?  101 ZQQ C O18   1 
HETATM 962 O  O26   . ZQQ H 6 .  ? -1.706  -3.090  15.151  1.00 60.57  ?  101 ZQQ C O26   1 
HETATM 963 O  O32   . ZQQ H 6 .  ? 2.028   -0.198  13.914  1.00 63.99  ?  101 ZQQ C O32   1 
HETATM 964 AS AS    . CAC I 7 .  ? 2.110   8.684   -9.852  1.00 88.96  ?  101 CAC D AS    1 
HETATM 965 O  O     . HOH J 8 .  ? -2.081  -6.123  0.381   1.00 53.25  ?  201 HOH A O     1 
HETATM 966 O  O     . HOH J 8 .  ? -2.415  19.074  -4.708  1.00 62.30  ?  202 HOH A O     1 
HETATM 967 O  O     . HOH K 8 .  ? 0.707   -18.206 5.460   1.00 65.95  ?  201 HOH C O     1 
HETATM 968 O  O     . HOH L 8 .  ? -10.089 1.062   -20.181 1.00 70.45  ?  201 HOH D O     1 
# 
loop_
_pdbx_poly_seq_scheme.asym_id 
_pdbx_poly_seq_scheme.entity_id 
_pdbx_poly_seq_scheme.seq_id 
_pdbx_poly_seq_scheme.mon_id 
_pdbx_poly_seq_scheme.ndb_seq_num 
_pdbx_poly_seq_scheme.pdb_seq_num 
_pdbx_poly_seq_scheme.auth_seq_num 
_pdbx_poly_seq_scheme.pdb_mon_id 
_pdbx_poly_seq_scheme.auth_mon_id 
_pdbx_poly_seq_scheme.pdb_strand_id 
_pdbx_poly_seq_scheme.pdb_ins_code 
_pdbx_poly_seq_scheme.hetero 
A 1 1  DG 1  1  1  DG DG A . n 
A 1 2  DA 2  2  2  DA DA A . n 
A 1 3  DG 3  3  3  DG DG A . n 
A 1 4  DC 4  4  4  DC DC A . n 
A 1 5  DA 5  5  5  DA DA A . n 
A 1 6  DG 6  6  6  DG DG A . n 
A 1 7  DA 7  7  7  DA DA A . n 
A 1 8  DC 8  8  8  DC DC A . n 
A 1 9  DC 9  9  9  DC DC A . n 
A 1 10 DT 10 10 10 DT DT A . n 
A 1 11 DG 11 11 11 DG DG A . n 
A 1 12 DA 12 12 12 DA DA A . n 
A 1 13 DC 13 13 13 DC DC A . n 
A 1 14 DG 14 14 14 DG DG A . n 
A 1 15 DA 15 15 15 DA DA A . n 
A 1 16 DT 16 16 16 DT DT A . n 
A 1 17 DG 17 17 17 DG DG A . n 
A 1 18 DT 18 18 18 DT DT A . n 
A 1 19 DC 19 19 19 DC DC A . n 
A 1 20 DA 20 20 20 DA DA A . n 
A 1 21 DC 21 21 21 DC DC A . n 
B 2 1  DC 1  1  1  DC DC B . n 
B 2 2  DG 2  2  2  DG DG B . n 
B 2 3  DT 3  3  3  DT DT B . n 
B 2 4  DC 4  4  4  DC DC B . n 
B 2 5  DA 5  5  5  DA DA B . n 
C 3 1  DT 1  1  1  DT DT C . n 
C 3 2  DC 2  2  2  DC DC C . n 
C 3 3  DG 3  3  3  DG DG C . n 
C 3 4  DT 4  4  4  DT DT C . n 
C 3 5  DG 5  5  5  DG DG C . n 
C 3 6  DA 6  6  6  DA DA C . n 
C 3 7  DC 7  7  7  DC DC C . n 
C 3 8  DA 8  8  8  DA DA C . n 
C 3 9  DT 9  9  9  DT DT C . n 
D 4 1  DG 1  10 10 DG DG D . n 
D 4 2  DG 2  11 11 DG DG D . n 
D 4 3  DT 3  12 12 DT DT D . n 
D 4 4  DC 4  13 13 DC DC D . n 
D 4 5  DT 5  14 14 DT DT D . n 
D 4 6  DG 6  15 15 DG DG D . n 
D 4 7  DC 7  16 16 DC DC D . n 
# 
_pdbx_contact_author.id                 2 
_pdbx_contact_author.email              hao.yan@asu.edu 
_pdbx_contact_author.name_first         Hao 
_pdbx_contact_author.name_last          Yan 
_pdbx_contact_author.name_mi            ? 
_pdbx_contact_author.role               'principal investigator/group leader' 
_pdbx_contact_author.identifier_ORCID   0000-0001-7397-9852 
# 
loop_
_pdbx_nonpoly_scheme.asym_id 
_pdbx_nonpoly_scheme.entity_id 
_pdbx_nonpoly_scheme.mon_id 
_pdbx_nonpoly_scheme.ndb_seq_num 
_pdbx_nonpoly_scheme.pdb_seq_num 
_pdbx_nonpoly_scheme.auth_seq_num 
_pdbx_nonpoly_scheme.pdb_mon_id 
_pdbx_nonpoly_scheme.auth_mon_id 
_pdbx_nonpoly_scheme.pdb_strand_id 
_pdbx_nonpoly_scheme.pdb_ins_code 
E 5 NT  1 101 102 NT  NT  A . 
F 6 ZQQ 1 102 2   ZQQ DER A . 
G 7 CAC 1 101 1   CAC AS  B . 
H 6 ZQQ 1 101 1   ZQQ DER C . 
I 7 CAC 1 101 2   CAC AS  D . 
J 8 HOH 1 201 1   HOH HOH A . 
J 8 HOH 2 202 2   HOH HOH A . 
K 8 HOH 1 201 4   HOH HOH C . 
L 8 HOH 1 201 3   HOH HOH D . 
# 
_pdbx_struct_assembly.id                   1 
_pdbx_struct_assembly.details              author_defined_assembly 
_pdbx_struct_assembly.method_details       ? 
_pdbx_struct_assembly.oligomeric_details   tetrameric 
_pdbx_struct_assembly.oligomeric_count     4 
# 
_pdbx_struct_assembly_gen.assembly_id       1 
_pdbx_struct_assembly_gen.oper_expression   1 
_pdbx_struct_assembly_gen.asym_id_list      A,B,C,D,E,F,G,H,I,J,K,L 
# 
_pdbx_struct_oper_list.id                   1 
_pdbx_struct_oper_list.type                 'identity operation' 
_pdbx_struct_oper_list.name                 1_555 
_pdbx_struct_oper_list.symmetry_operation   x,y,z 
_pdbx_struct_oper_list.matrix[1][1]         1.0000000000 
_pdbx_struct_oper_list.matrix[1][2]         0.0000000000 
_pdbx_struct_oper_list.matrix[1][3]         0.0000000000 
_pdbx_struct_oper_list.vector[1]            0.0000000000 
_pdbx_struct_oper_list.matrix[2][1]         0.0000000000 
_pdbx_struct_oper_list.matrix[2][2]         1.0000000000 
_pdbx_struct_oper_list.matrix[2][3]         0.0000000000 
_pdbx_struct_oper_list.vector[2]            0.0000000000 
_pdbx_struct_oper_list.matrix[3][1]         0.0000000000 
_pdbx_struct_oper_list.matrix[3][2]         0.0000000000 
_pdbx_struct_oper_list.matrix[3][3]         1.0000000000 
_pdbx_struct_oper_list.vector[3]            0.0000000000 
# 
_pdbx_audit_revision_history.ordinal             1 
_pdbx_audit_revision_history.data_content_type   'Structure model' 
_pdbx_audit_revision_history.major_revision      1 
_pdbx_audit_revision_history.minor_revision      0 
_pdbx_audit_revision_history.revision_date       2023-12-20 
# 
_pdbx_audit_revision_details.ordinal             1 
_pdbx_audit_revision_details.revision_ordinal    1 
_pdbx_audit_revision_details.data_content_type   'Structure model' 
_pdbx_audit_revision_details.provider            repository 
_pdbx_audit_revision_details.type                'Initial release' 
_pdbx_audit_revision_details.description         ? 
_pdbx_audit_revision_details.details             ? 
# 
loop_
_software.citation_id 
_software.classification 
_software.compiler_name 
_software.compiler_version 
_software.contact_author 
_software.contact_author_email 
_software.date 
_software.description 
_software.dependencies 
_software.hardware 
_software.language 
_software.location 
_software.mods 
_software.name 
_software.os 
_software.os_version 
_software.type 
_software.version 
_software.pdbx_ordinal 
? refinement       ? ? ? ? ? ? ? ? ? ? ? PHENIX   ? ? ? '(1.19.2_4158: ???)' 1 
? 'data scaling'   ? ? ? ? ? ? ? ? ? ? ? HKL-2000 ? ? ? .                    2 
? 'data reduction' ? ? ? ? ? ? ? ? ? ? ? HKL-2000 ? ? ? .                    3 
? phasing          ? ? ? ? ? ? ? ? ? ? ? PHASER   ? ? ? .                    4 
# 
_pdbx_entry_details.entry_id                 8TC6 
_pdbx_entry_details.has_ligand_of_interest   N 
_pdbx_entry_details.compound_details         ? 
_pdbx_entry_details.source_details           ? 
_pdbx_entry_details.nonpolymer_details       ? 
_pdbx_entry_details.sequence_details         ? 
# 
loop_
_pdbx_validate_rmsd_angle.id 
_pdbx_validate_rmsd_angle.PDB_model_num 
_pdbx_validate_rmsd_angle.auth_atom_id_1 
_pdbx_validate_rmsd_angle.auth_asym_id_1 
_pdbx_validate_rmsd_angle.auth_comp_id_1 
_pdbx_validate_rmsd_angle.auth_seq_id_1 
_pdbx_validate_rmsd_angle.PDB_ins_code_1 
_pdbx_validate_rmsd_angle.label_alt_id_1 
_pdbx_validate_rmsd_angle.auth_atom_id_2 
_pdbx_validate_rmsd_angle.auth_asym_id_2 
_pdbx_validate_rmsd_angle.auth_comp_id_2 
_pdbx_validate_rmsd_angle.auth_seq_id_2 
_pdbx_validate_rmsd_angle.PDB_ins_code_2 
_pdbx_validate_rmsd_angle.label_alt_id_2 
_pdbx_validate_rmsd_angle.auth_atom_id_3 
_pdbx_validate_rmsd_angle.auth_asym_id_3 
_pdbx_validate_rmsd_angle.auth_comp_id_3 
_pdbx_validate_rmsd_angle.auth_seq_id_3 
_pdbx_validate_rmsd_angle.PDB_ins_code_3 
_pdbx_validate_rmsd_angle.label_alt_id_3 
_pdbx_validate_rmsd_angle.angle_value 
_pdbx_validate_rmsd_angle.angle_target_value 
_pdbx_validate_rmsd_angle.angle_deviation 
_pdbx_validate_rmsd_angle.angle_standard_deviation 
_pdbx_validate_rmsd_angle.linker_flag 
1 1 "O4'" B DA 5 ? ? "C1'" B DA 5 ? ? N9 B DA 5 ? ? 110.48 108.30 2.18 0.30 N 
2 1 "O4'" C DT 1 ? ? "C1'" C DT 1 ? ? N1 C DT 1 ? ? 110.91 108.30 2.61 0.30 N 
# 
loop_
_pdbx_unobs_or_zero_occ_atoms.id 
_pdbx_unobs_or_zero_occ_atoms.PDB_model_num 
_pdbx_unobs_or_zero_occ_atoms.polymer_flag 
_pdbx_unobs_or_zero_occ_atoms.occupancy_flag 
_pdbx_unobs_or_zero_occ_atoms.auth_asym_id 
_pdbx_unobs_or_zero_occ_atoms.auth_comp_id 
_pdbx_unobs_or_zero_occ_atoms.auth_seq_id 
_pdbx_unobs_or_zero_occ_atoms.PDB_ins_code 
_pdbx_unobs_or_zero_occ_atoms.auth_atom_id 
_pdbx_unobs_or_zero_occ_atoms.label_alt_id 
_pdbx_unobs_or_zero_occ_atoms.label_asym_id 
_pdbx_unobs_or_zero_occ_atoms.label_comp_id 
_pdbx_unobs_or_zero_occ_atoms.label_seq_id 
_pdbx_unobs_or_zero_occ_atoms.label_atom_id 
1 1 N 1 B CAC 101 ? O1 ? G CAC 1 O1 
2 1 N 1 B CAC 101 ? O2 ? G CAC 1 O2 
3 1 N 1 B CAC 101 ? C1 ? G CAC 1 C1 
4 1 N 1 B CAC 101 ? C2 ? G CAC 1 C2 
5 1 N 1 D CAC 101 ? O1 ? I CAC 1 O1 
6 1 N 1 D CAC 101 ? O2 ? I CAC 1 O2 
7 1 N 1 D CAC 101 ? C1 ? I CAC 1 C1 
8 1 N 1 D CAC 101 ? C2 ? I CAC 1 C2 
# 
loop_
_chem_comp_atom.comp_id 
_chem_comp_atom.atom_id 
_chem_comp_atom.type_symbol 
_chem_comp_atom.pdbx_aromatic_flag 
_chem_comp_atom.pdbx_stereo_config 
_chem_comp_atom.pdbx_ordinal 
CAC AS     AS N N 1   
CAC O1     O  N N 2   
CAC O2     O  N N 3   
CAC C1     C  N N 4   
CAC C2     C  N N 5   
CAC H11    H  N N 6   
CAC H12    H  N N 7   
CAC H13    H  N N 8   
CAC H21    H  N N 9   
CAC H22    H  N N 10  
CAC H23    H  N N 11  
DA  OP3    O  N N 12  
DA  P      P  N N 13  
DA  OP1    O  N N 14  
DA  OP2    O  N N 15  
DA  "O5'"  O  N N 16  
DA  "C5'"  C  N N 17  
DA  "C4'"  C  N R 18  
DA  "O4'"  O  N N 19  
DA  "C3'"  C  N S 20  
DA  "O3'"  O  N N 21  
DA  "C2'"  C  N N 22  
DA  "C1'"  C  N R 23  
DA  N9     N  Y N 24  
DA  C8     C  Y N 25  
DA  N7     N  Y N 26  
DA  C5     C  Y N 27  
DA  C6     C  Y N 28  
DA  N6     N  N N 29  
DA  N1     N  Y N 30  
DA  C2     C  Y N 31  
DA  N3     N  Y N 32  
DA  C4     C  Y N 33  
DA  HOP3   H  N N 34  
DA  HOP2   H  N N 35  
DA  "H5'"  H  N N 36  
DA  "H5''" H  N N 37  
DA  "H4'"  H  N N 38  
DA  "H3'"  H  N N 39  
DA  "HO3'" H  N N 40  
DA  "H2'"  H  N N 41  
DA  "H2''" H  N N 42  
DA  "H1'"  H  N N 43  
DA  H8     H  N N 44  
DA  H61    H  N N 45  
DA  H62    H  N N 46  
DA  H2     H  N N 47  
DC  OP3    O  N N 48  
DC  P      P  N N 49  
DC  OP1    O  N N 50  
DC  OP2    O  N N 51  
DC  "O5'"  O  N N 52  
DC  "C5'"  C  N N 53  
DC  "C4'"  C  N R 54  
DC  "O4'"  O  N N 55  
DC  "C3'"  C  N S 56  
DC  "O3'"  O  N N 57  
DC  "C2'"  C  N N 58  
DC  "C1'"  C  N R 59  
DC  N1     N  N N 60  
DC  C2     C  N N 61  
DC  O2     O  N N 62  
DC  N3     N  N N 63  
DC  C4     C  N N 64  
DC  N4     N  N N 65  
DC  C5     C  N N 66  
DC  C6     C  N N 67  
DC  HOP3   H  N N 68  
DC  HOP2   H  N N 69  
DC  "H5'"  H  N N 70  
DC  "H5''" H  N N 71  
DC  "H4'"  H  N N 72  
DC  "H3'"  H  N N 73  
DC  "HO3'" H  N N 74  
DC  "H2'"  H  N N 75  
DC  "H2''" H  N N 76  
DC  "H1'"  H  N N 77  
DC  H41    H  N N 78  
DC  H42    H  N N 79  
DC  H5     H  N N 80  
DC  H6     H  N N 81  
DG  OP3    O  N N 82  
DG  P      P  N N 83  
DG  OP1    O  N N 84  
DG  OP2    O  N N 85  
DG  "O5'"  O  N N 86  
DG  "C5'"  C  N N 87  
DG  "C4'"  C  N R 88  
DG  "O4'"  O  N N 89  
DG  "C3'"  C  N S 90  
DG  "O3'"  O  N N 91  
DG  "C2'"  C  N N 92  
DG  "C1'"  C  N R 93  
DG  N9     N  Y N 94  
DG  C8     C  Y N 95  
DG  N7     N  Y N 96  
DG  C5     C  Y N 97  
DG  C6     C  N N 98  
DG  O6     O  N N 99  
DG  N1     N  N N 100 
DG  C2     C  N N 101 
DG  N2     N  N N 102 
DG  N3     N  N N 103 
DG  C4     C  Y N 104 
DG  HOP3   H  N N 105 
DG  HOP2   H  N N 106 
DG  "H5'"  H  N N 107 
DG  "H5''" H  N N 108 
DG  "H4'"  H  N N 109 
DG  "H3'"  H  N N 110 
DG  "HO3'" H  N N 111 
DG  "H2'"  H  N N 112 
DG  "H2''" H  N N 113 
DG  "H1'"  H  N N 114 
DG  H8     H  N N 115 
DG  H1     H  N N 116 
DG  H21    H  N N 117 
DG  H22    H  N N 118 
DT  OP3    O  N N 119 
DT  P      P  N N 120 
DT  OP1    O  N N 121 
DT  OP2    O  N N 122 
DT  "O5'"  O  N N 123 
DT  "C5'"  C  N N 124 
DT  "C4'"  C  N R 125 
DT  "O4'"  O  N N 126 
DT  "C3'"  C  N S 127 
DT  "O3'"  O  N N 128 
DT  "C2'"  C  N N 129 
DT  "C1'"  C  N R 130 
DT  N1     N  N N 131 
DT  C2     C  N N 132 
DT  O2     O  N N 133 
DT  N3     N  N N 134 
DT  C4     C  N N 135 
DT  O4     O  N N 136 
DT  C5     C  N N 137 
DT  C7     C  N N 138 
DT  C6     C  N N 139 
DT  HOP3   H  N N 140 
DT  HOP2   H  N N 141 
DT  "H5'"  H  N N 142 
DT  "H5''" H  N N 143 
DT  "H4'"  H  N N 144 
DT  "H3'"  H  N N 145 
DT  "HO3'" H  N N 146 
DT  "H2'"  H  N N 147 
DT  "H2''" H  N N 148 
DT  "H1'"  H  N N 149 
DT  H3     H  N N 150 
DT  H71    H  N N 151 
DT  H72    H  N N 152 
DT  H73    H  N N 153 
DT  H6     H  N N 154 
HOH O      O  N N 155 
HOH H1     H  N N 156 
HOH H2     H  N N 157 
NT  C1     C  N N 158 
NT  N1     N  N N 159 
NT  N2     N  N N 160 
NT  N3     N  N N 161 
NT  C2     C  N N 162 
NT  C3     C  N N 163 
NT  O1     O  N N 164 
NT  N4     N  N N 165 
NT  C4     C  Y N 166 
NT  C5     C  Y N 167 
NT  C6     C  Y N 168 
NT  N5     N  Y N 169 
NT  C8     C  N N 170 
NT  C7     C  Y N 171 
NT  C9     C  N N 172 
NT  O2     O  N N 173 
NT  N6     N  N N 174 
NT  C10    C  Y N 175 
NT  C11    C  Y N 176 
NT  C12    C  Y N 177 
NT  N7     N  Y N 178 
NT  C14    C  N N 179 
NT  C13    C  Y N 180 
NT  C15    C  N N 181 
NT  O3     O  N N 182 
NT  N8     N  N N 183 
NT  C16    C  N N 184 
NT  C17    C  N N 185 
NT  C18    C  N N 186 
NT  N9     N  N N 187 
NT  N10    N  N N 188 
NT  HN1    H  N N 189 
NT  HN21   H  N N 190 
NT  HN22   H  N N 191 
NT  HN3    H  N N 192 
NT  H21    H  N N 193 
NT  H22    H  N N 194 
NT  HN4    H  N N 195 
NT  H5     H  N N 196 
NT  H81    H  N N 197 
NT  H82    H  N N 198 
NT  H83    H  N N 199 
NT  H7     H  N N 200 
NT  HN6    H  N N 201 
NT  H11    H  N N 202 
NT  H141   H  N N 203 
NT  H142   H  N N 204 
NT  H143   H  N N 205 
NT  H13    H  N N 206 
NT  HN8    H  N N 207 
NT  H161   H  N N 208 
NT  H162   H  N N 209 
NT  H171   H  N N 210 
NT  H172   H  N N 211 
NT  HN9    H  N N 212 
NT  HN01   H  N N 213 
NT  HN02   H  N N 214 
ZQQ C01    C  Y N 215 
ZQQ C03    C  Y N 216 
ZQQ C04    C  Y N 217 
ZQQ C06    C  N N 218 
ZQQ C07    C  N N 219 
ZQQ C10    C  Y N 220 
ZQQ C11    C  Y N 221 
ZQQ C13    C  Y N 222 
ZQQ C14    C  Y N 223 
ZQQ C15    C  N N 224 
ZQQ C16    C  N N 225 
ZQQ C19    C  Y N 226 
ZQQ C20    C  Y N 227 
ZQQ C22    C  Y N 228 
ZQQ C23    C  Y N 229 
ZQQ C24    C  N N 230 
ZQQ C25    C  N N 231 
ZQQ C28    C  N N 232 
ZQQ C29    C  N N 233 
ZQQ C30    C  N N 234 
ZQQ C33    C  N N 235 
ZQQ C34    C  N N 236 
ZQQ C35    C  N N 237 
ZQQ C37    C  N N 238 
ZQQ C38    C  N N 239 
ZQQ N02    N  Y N 240 
ZQQ N05    N  Y N 241 
ZQQ N08    N  N N 242 
ZQQ N12    N  Y N 243 
ZQQ N17    N  N N 244 
ZQQ N21    N  Y N 245 
ZQQ N27    N  N N 246 
ZQQ N31    N  N N 247 
ZQQ N36    N  N N 248 
ZQQ O09    O  N N 249 
ZQQ O18    O  N N 250 
ZQQ O26    O  N N 251 
ZQQ O32    O  N N 252 
ZQQ H1     H  N N 253 
ZQQ H2     H  N N 254 
ZQQ H3     H  N N 255 
ZQQ H4     H  N N 256 
ZQQ H5     H  N N 257 
ZQQ H6     H  N N 258 
ZQQ H7     H  N N 259 
ZQQ H8     H  N N 260 
ZQQ H9     H  N N 261 
ZQQ H10    H  N N 262 
ZQQ H11    H  N N 263 
ZQQ H12    H  N N 264 
ZQQ H13    H  N N 265 
ZQQ H14    H  N N 266 
ZQQ H15    H  N N 267 
ZQQ H16    H  N N 268 
ZQQ H17    H  N N 269 
ZQQ H18    H  N N 270 
ZQQ H19    H  N N 271 
ZQQ H20    H  N N 272 
ZQQ H21    H  N N 273 
ZQQ H22    H  N N 274 
ZQQ H23    H  N N 275 
ZQQ H24    H  N N 276 
ZQQ H25    H  N N 277 
ZQQ H26    H  N N 278 
ZQQ H27    H  N N 279 
ZQQ H28    H  N N 280 
ZQQ H29    H  N N 281 
ZQQ H30    H  N N 282 
ZQQ H31    H  N N 283 
ZQQ H32    H  N N 284 
ZQQ H33    H  N N 285 
ZQQ H34    H  N N 286 
ZQQ H35    H  N N 287 
# 
loop_
_chem_comp_bond.comp_id 
_chem_comp_bond.atom_id_1 
_chem_comp_bond.atom_id_2 
_chem_comp_bond.value_order 
_chem_comp_bond.pdbx_aromatic_flag 
_chem_comp_bond.pdbx_stereo_config 
_chem_comp_bond.pdbx_ordinal 
CAC AS    O1     doub N N 1   
CAC AS    O2     sing N N 2   
CAC AS    C1     sing N N 3   
CAC AS    C2     sing N N 4   
CAC C1    H11    sing N N 5   
CAC C1    H12    sing N N 6   
CAC C1    H13    sing N N 7   
CAC C2    H21    sing N N 8   
CAC C2    H22    sing N N 9   
CAC C2    H23    sing N N 10  
DA  OP3   P      sing N N 11  
DA  OP3   HOP3   sing N N 12  
DA  P     OP1    doub N N 13  
DA  P     OP2    sing N N 14  
DA  P     "O5'"  sing N N 15  
DA  OP2   HOP2   sing N N 16  
DA  "O5'" "C5'"  sing N N 17  
DA  "C5'" "C4'"  sing N N 18  
DA  "C5'" "H5'"  sing N N 19  
DA  "C5'" "H5''" sing N N 20  
DA  "C4'" "O4'"  sing N N 21  
DA  "C4'" "C3'"  sing N N 22  
DA  "C4'" "H4'"  sing N N 23  
DA  "O4'" "C1'"  sing N N 24  
DA  "C3'" "O3'"  sing N N 25  
DA  "C3'" "C2'"  sing N N 26  
DA  "C3'" "H3'"  sing N N 27  
DA  "O3'" "HO3'" sing N N 28  
DA  "C2'" "C1'"  sing N N 29  
DA  "C2'" "H2'"  sing N N 30  
DA  "C2'" "H2''" sing N N 31  
DA  "C1'" N9     sing N N 32  
DA  "C1'" "H1'"  sing N N 33  
DA  N9    C8     sing Y N 34  
DA  N9    C4     sing Y N 35  
DA  C8    N7     doub Y N 36  
DA  C8    H8     sing N N 37  
DA  N7    C5     sing Y N 38  
DA  C5    C6     sing Y N 39  
DA  C5    C4     doub Y N 40  
DA  C6    N6     sing N N 41  
DA  C6    N1     doub Y N 42  
DA  N6    H61    sing N N 43  
DA  N6    H62    sing N N 44  
DA  N1    C2     sing Y N 45  
DA  C2    N3     doub Y N 46  
DA  C2    H2     sing N N 47  
DA  N3    C4     sing Y N 48  
DC  OP3   P      sing N N 49  
DC  OP3   HOP3   sing N N 50  
DC  P     OP1    doub N N 51  
DC  P     OP2    sing N N 52  
DC  P     "O5'"  sing N N 53  
DC  OP2   HOP2   sing N N 54  
DC  "O5'" "C5'"  sing N N 55  
DC  "C5'" "C4'"  sing N N 56  
DC  "C5'" "H5'"  sing N N 57  
DC  "C5'" "H5''" sing N N 58  
DC  "C4'" "O4'"  sing N N 59  
DC  "C4'" "C3'"  sing N N 60  
DC  "C4'" "H4'"  sing N N 61  
DC  "O4'" "C1'"  sing N N 62  
DC  "C3'" "O3'"  sing N N 63  
DC  "C3'" "C2'"  sing N N 64  
DC  "C3'" "H3'"  sing N N 65  
DC  "O3'" "HO3'" sing N N 66  
DC  "C2'" "C1'"  sing N N 67  
DC  "C2'" "H2'"  sing N N 68  
DC  "C2'" "H2''" sing N N 69  
DC  "C1'" N1     sing N N 70  
DC  "C1'" "H1'"  sing N N 71  
DC  N1    C2     sing N N 72  
DC  N1    C6     sing N N 73  
DC  C2    O2     doub N N 74  
DC  C2    N3     sing N N 75  
DC  N3    C4     doub N N 76  
DC  C4    N4     sing N N 77  
DC  C4    C5     sing N N 78  
DC  N4    H41    sing N N 79  
DC  N4    H42    sing N N 80  
DC  C5    C6     doub N N 81  
DC  C5    H5     sing N N 82  
DC  C6    H6     sing N N 83  
DG  OP3   P      sing N N 84  
DG  OP3   HOP3   sing N N 85  
DG  P     OP1    doub N N 86  
DG  P     OP2    sing N N 87  
DG  P     "O5'"  sing N N 88  
DG  OP2   HOP2   sing N N 89  
DG  "O5'" "C5'"  sing N N 90  
DG  "C5'" "C4'"  sing N N 91  
DG  "C5'" "H5'"  sing N N 92  
DG  "C5'" "H5''" sing N N 93  
DG  "C4'" "O4'"  sing N N 94  
DG  "C4'" "C3'"  sing N N 95  
DG  "C4'" "H4'"  sing N N 96  
DG  "O4'" "C1'"  sing N N 97  
DG  "C3'" "O3'"  sing N N 98  
DG  "C3'" "C2'"  sing N N 99  
DG  "C3'" "H3'"  sing N N 100 
DG  "O3'" "HO3'" sing N N 101 
DG  "C2'" "C1'"  sing N N 102 
DG  "C2'" "H2'"  sing N N 103 
DG  "C2'" "H2''" sing N N 104 
DG  "C1'" N9     sing N N 105 
DG  "C1'" "H1'"  sing N N 106 
DG  N9    C8     sing Y N 107 
DG  N9    C4     sing Y N 108 
DG  C8    N7     doub Y N 109 
DG  C8    H8     sing N N 110 
DG  N7    C5     sing Y N 111 
DG  C5    C6     sing N N 112 
DG  C5    C4     doub Y N 113 
DG  C6    O6     doub N N 114 
DG  C6    N1     sing N N 115 
DG  N1    C2     sing N N 116 
DG  N1    H1     sing N N 117 
DG  C2    N2     sing N N 118 
DG  C2    N3     doub N N 119 
DG  N2    H21    sing N N 120 
DG  N2    H22    sing N N 121 
DG  N3    C4     sing N N 122 
DT  OP3   P      sing N N 123 
DT  OP3   HOP3   sing N N 124 
DT  P     OP1    doub N N 125 
DT  P     OP2    sing N N 126 
DT  P     "O5'"  sing N N 127 
DT  OP2   HOP2   sing N N 128 
DT  "O5'" "C5'"  sing N N 129 
DT  "C5'" "C4'"  sing N N 130 
DT  "C5'" "H5'"  sing N N 131 
DT  "C5'" "H5''" sing N N 132 
DT  "C4'" "O4'"  sing N N 133 
DT  "C4'" "C3'"  sing N N 134 
DT  "C4'" "H4'"  sing N N 135 
DT  "O4'" "C1'"  sing N N 136 
DT  "C3'" "O3'"  sing N N 137 
DT  "C3'" "C2'"  sing N N 138 
DT  "C3'" "H3'"  sing N N 139 
DT  "O3'" "HO3'" sing N N 140 
DT  "C2'" "C1'"  sing N N 141 
DT  "C2'" "H2'"  sing N N 142 
DT  "C2'" "H2''" sing N N 143 
DT  "C1'" N1     sing N N 144 
DT  "C1'" "H1'"  sing N N 145 
DT  N1    C2     sing N N 146 
DT  N1    C6     sing N N 147 
DT  C2    O2     doub N N 148 
DT  C2    N3     sing N N 149 
DT  N3    C4     sing N N 150 
DT  N3    H3     sing N N 151 
DT  C4    O4     doub N N 152 
DT  C4    C5     sing N N 153 
DT  C5    C7     sing N N 154 
DT  C5    C6     doub N N 155 
DT  C7    H71    sing N N 156 
DT  C7    H72    sing N N 157 
DT  C7    H73    sing N N 158 
DT  C6    H6     sing N N 159 
HOH O     H1     sing N N 160 
HOH O     H2     sing N N 161 
NT  C1    N1     doub N N 162 
NT  C1    N2     sing N N 163 
NT  C1    N3     sing N N 164 
NT  N1    HN1    sing N N 165 
NT  N2    HN21   sing N N 166 
NT  N2    HN22   sing N N 167 
NT  N3    C2     sing N N 168 
NT  N3    HN3    sing N N 169 
NT  C2    C3     sing N N 170 
NT  C2    H21    sing N N 171 
NT  C2    H22    sing N N 172 
NT  C3    O1     doub N N 173 
NT  C3    N4     sing N N 174 
NT  N4    C4     sing N N 175 
NT  N4    HN4    sing N N 176 
NT  C4    C5     sing Y N 177 
NT  C4    C7     doub Y N 178 
NT  C5    C6     doub Y N 179 
NT  C5    H5     sing N N 180 
NT  C6    N5     sing Y N 181 
NT  C6    C9     sing N N 182 
NT  N5    C8     sing N N 183 
NT  N5    C7     sing Y N 184 
NT  C8    H81    sing N N 185 
NT  C8    H82    sing N N 186 
NT  C8    H83    sing N N 187 
NT  C7    H7     sing N N 188 
NT  C9    O2     doub N N 189 
NT  C9    N6     sing N N 190 
NT  N6    C10    sing N N 191 
NT  N6    HN6    sing N N 192 
NT  C10   C11    sing Y N 193 
NT  C10   C13    doub Y N 194 
NT  C11   C12    doub Y N 195 
NT  C11   H11    sing N N 196 
NT  C12   N7     sing Y N 197 
NT  C12   C15    sing N N 198 
NT  N7    C14    sing N N 199 
NT  N7    C13    sing Y N 200 
NT  C14   H141   sing N N 201 
NT  C14   H142   sing N N 202 
NT  C14   H143   sing N N 203 
NT  C13   H13    sing N N 204 
NT  C15   O3     doub N N 205 
NT  C15   N8     sing N N 206 
NT  N8    C16    sing N N 207 
NT  N8    HN8    sing N N 208 
NT  C16   C17    sing N N 209 
NT  C16   H161   sing N N 210 
NT  C16   H162   sing N N 211 
NT  C17   C18    sing N N 212 
NT  C17   H171   sing N N 213 
NT  C17   H172   sing N N 214 
NT  C18   N9     doub N N 215 
NT  C18   N10    sing N N 216 
NT  N9    HN9    sing N N 217 
NT  N10   HN01   sing N N 218 
NT  N10   HN02   sing N N 219 
ZQQ C34   C33    sing N N 220 
ZQQ C34   C35    sing N N 221 
ZQQ C33   N31    sing N N 222 
ZQQ N31   C30    sing N N 223 
ZQQ C35   N36    sing N N 224 
ZQQ C03   C04    doub Y N 225 
ZQQ C03   N02    sing Y N 226 
ZQQ C04   N05    sing Y N 227 
ZQQ C37   N36    sing N N 228 
ZQQ N36   C38    sing N N 229 
ZQQ N02   C01    doub Y N 230 
ZQQ C30   O32    doub N N 231 
ZQQ C30   C29    sing N N 232 
ZQQ N05   C01    sing Y N 233 
ZQQ N05   C06    sing N N 234 
ZQQ C01   C07    sing N N 235 
ZQQ C29   C28    sing N N 236 
ZQQ C28   N27    sing N N 237 
ZQQ C07   N08    sing N N 238 
ZQQ C07   O09    doub N N 239 
ZQQ N08   C10    sing N N 240 
ZQQ N27   C25    sing N N 241 
ZQQ C10   C14    sing Y N 242 
ZQQ C10   C11    doub Y N 243 
ZQQ C14   C13    doub Y N 244 
ZQQ C23   C22    doub Y N 245 
ZQQ C23   C19    sing Y N 246 
ZQQ C25   O26    doub N N 247 
ZQQ C25   C22    sing N N 248 
ZQQ C22   N21    sing Y N 249 
ZQQ N17   C19    sing N N 250 
ZQQ N17   C16    sing N N 251 
ZQQ C11   N12    sing Y N 252 
ZQQ C19   C20    doub Y N 253 
ZQQ C13   C16    sing N N 254 
ZQQ C13   N12    sing Y N 255 
ZQQ C16   O18    doub N N 256 
ZQQ N12   C15    sing N N 257 
ZQQ N21   C20    sing Y N 258 
ZQQ N21   C24    sing N N 259 
ZQQ C03   H1     sing N N 260 
ZQQ C04   H2     sing N N 261 
ZQQ C06   H3     sing N N 262 
ZQQ C06   H4     sing N N 263 
ZQQ C06   H5     sing N N 264 
ZQQ C11   H6     sing N N 265 
ZQQ C14   H7     sing N N 266 
ZQQ C15   H8     sing N N 267 
ZQQ C15   H9     sing N N 268 
ZQQ C15   H10    sing N N 269 
ZQQ C20   H11    sing N N 270 
ZQQ C23   H12    sing N N 271 
ZQQ C24   H13    sing N N 272 
ZQQ C24   H14    sing N N 273 
ZQQ C24   H15    sing N N 274 
ZQQ C28   H16    sing N N 275 
ZQQ C28   H17    sing N N 276 
ZQQ C29   H18    sing N N 277 
ZQQ C29   H19    sing N N 278 
ZQQ C33   H20    sing N N 279 
ZQQ C33   H21    sing N N 280 
ZQQ C34   H22    sing N N 281 
ZQQ C34   H23    sing N N 282 
ZQQ C35   H24    sing N N 283 
ZQQ C35   H25    sing N N 284 
ZQQ C37   H26    sing N N 285 
ZQQ C37   H27    sing N N 286 
ZQQ C37   H28    sing N N 287 
ZQQ C38   H29    sing N N 288 
ZQQ C38   H30    sing N N 289 
ZQQ C38   H31    sing N N 290 
ZQQ N08   H32    sing N N 291 
ZQQ N17   H33    sing N N 292 
ZQQ N27   H34    sing N N 293 
ZQQ N31   H35    sing N N 294 
# 
loop_
_ndb_struct_conf_na.entry_id 
_ndb_struct_conf_na.feature 
8TC6 'double helix'        
8TC6 'a-form double helix' 
8TC6 'b-form double helix' 
# 
loop_
_ndb_struct_na_base_pair.model_number 
_ndb_struct_na_base_pair.i_label_asym_id 
_ndb_struct_na_base_pair.i_label_comp_id 
_ndb_struct_na_base_pair.i_label_seq_id 
_ndb_struct_na_base_pair.i_symmetry 
_ndb_struct_na_base_pair.j_label_asym_id 
_ndb_struct_na_base_pair.j_label_comp_id 
_ndb_struct_na_base_pair.j_label_seq_id 
_ndb_struct_na_base_pair.j_symmetry 
_ndb_struct_na_base_pair.shear 
_ndb_struct_na_base_pair.stretch 
_ndb_struct_na_base_pair.stagger 
_ndb_struct_na_base_pair.buckle 
_ndb_struct_na_base_pair.propeller 
_ndb_struct_na_base_pair.opening 
_ndb_struct_na_base_pair.pair_number 
_ndb_struct_na_base_pair.pair_name 
_ndb_struct_na_base_pair.i_auth_asym_id 
_ndb_struct_na_base_pair.i_auth_seq_id 
_ndb_struct_na_base_pair.i_PDB_ins_code 
_ndb_struct_na_base_pair.j_auth_asym_id 
_ndb_struct_na_base_pair.j_auth_seq_id 
_ndb_struct_na_base_pair.j_PDB_ins_code 
_ndb_struct_na_base_pair.hbond_type_28 
_ndb_struct_na_base_pair.hbond_type_12 
1 A DG 3  1_555 D DC 7 1_555 -0.137 -0.172 0.632  5.671  -4.571  -0.328  1  A_DG3:DC16_D A 3  ? D 16 ? 19 1 
1 A DC 4  1_555 D DG 6 1_555 -1.204 0.349  0.478  4.032  -7.467  15.687  2  A_DC4:DG15_D A 4  ? D 15 ? ?  1 
1 A DA 5  1_555 D DT 5 1_555 0.065  -0.122 0.374  1.530  -10.138 -0.611  3  A_DA5:DT14_D A 5  ? D 14 ? 20 1 
1 A DG 6  1_555 D DC 4 1_555 -0.183 -0.131 0.024  -1.420 -13.491 4.773   4  A_DG6:DC13_D A 6  ? D 13 ? 19 1 
1 A DA 7  1_555 D DT 3 1_555 0.094  -0.120 -0.100 -5.833 -12.278 2.155   5  A_DA7:DT12_D A 7  ? D 12 ? 20 1 
1 A DC 8  1_555 D DG 2 1_555 0.232  -0.118 -0.261 -7.658 -7.283  2.331   6  A_DC8:DG11_D A 8  ? D 11 ? 19 1 
1 A DC 9  1_555 D DG 1 1_555 0.212  -0.145 0.028  -1.803 -6.018  2.231   7  A_DC9:DG10_D A 9  ? D 10 ? 19 1 
1 A DT 10 1_555 B DA 5 1_555 -0.102 -0.200 0.212  -1.551 -3.796  -0.923  8  A_DT10:DA5_B A 10 ? B 5  ? 20 1 
1 A DG 11 1_555 B DC 4 1_555 -0.218 -0.125 0.149  3.607  -0.694  2.509   9  A_DG11:DC4_B A 11 ? B 4  ? 19 1 
1 A DA 12 1_555 B DT 3 1_555 0.123  -0.116 0.276  -0.324 -1.719  0.033   10 A_DA12:DT3_B A 12 ? B 3  ? 20 1 
1 A DC 13 1_555 B DG 2 1_555 0.225  -0.152 0.333  1.432  -2.389  2.459   11 A_DC13:DG2_B A 13 ? B 2  ? 19 1 
1 A DG 14 1_555 B DC 1 1_555 -0.260 -0.114 -0.069 -4.147 -9.396  3.187   12 A_DG14:DC1_B A 14 ? B 1  ? 19 1 
1 A DA 15 1_555 C DT 9 1_555 0.045  -0.149 0.022  -7.064 -1.729  3.487   13 A_DA15:DT9_C A 15 ? C 9  ? 20 1 
1 A DT 16 1_555 C DA 8 1_555 -0.009 -0.200 0.442  -1.506 -2.582  6.053   14 A_DT16:DA8_C A 16 ? C 8  ? 20 1 
1 A DG 17 1_555 C DC 7 1_555 -0.137 -0.173 0.546  -5.636 -2.486  -1.573  15 A_DG17:DC7_C A 17 ? C 7  ? 19 1 
1 A DT 18 1_555 C DA 6 1_555 -0.160 -0.036 0.508  -2.865 -3.971  -10.191 16 A_DT18:DA6_C A 18 ? C 6  ? 20 1 
1 A DC 19 1_555 C DG 5 1_555 0.158  -0.118 0.481  -2.824 -0.128  -0.493  17 A_DC19:DG5_C A 19 ? C 5  ? 19 1 
1 A DA 20 1_555 C DT 4 1_555 0.131  -0.124 0.686  1.053  0.078   -0.927  18 A_DA20:DT4_C A 20 ? C 4  ? 20 1 
1 A DC 21 1_555 C DG 3 1_555 0.220  -0.240 0.811  1.732  1.961   2.266   19 A_DC21:DG3_C A 21 ? C 3  ? 19 1 
# 
loop_
_ndb_struct_na_base_pair_step.model_number 
_ndb_struct_na_base_pair_step.i_label_asym_id_1 
_ndb_struct_na_base_pair_step.i_label_comp_id_1 
_ndb_struct_na_base_pair_step.i_label_seq_id_1 
_ndb_struct_na_base_pair_step.i_symmetry_1 
_ndb_struct_na_base_pair_step.j_label_asym_id_1 
_ndb_struct_na_base_pair_step.j_label_comp_id_1 
_ndb_struct_na_base_pair_step.j_label_seq_id_1 
_ndb_struct_na_base_pair_step.j_symmetry_1 
_ndb_struct_na_base_pair_step.i_label_asym_id_2 
_ndb_struct_na_base_pair_step.i_label_comp_id_2 
_ndb_struct_na_base_pair_step.i_label_seq_id_2 
_ndb_struct_na_base_pair_step.i_symmetry_2 
_ndb_struct_na_base_pair_step.j_label_asym_id_2 
_ndb_struct_na_base_pair_step.j_label_comp_id_2 
_ndb_struct_na_base_pair_step.j_label_seq_id_2 
_ndb_struct_na_base_pair_step.j_symmetry_2 
_ndb_struct_na_base_pair_step.shift 
_ndb_struct_na_base_pair_step.slide 
_ndb_struct_na_base_pair_step.rise 
_ndb_struct_na_base_pair_step.tilt 
_ndb_struct_na_base_pair_step.roll 
_ndb_struct_na_base_pair_step.twist 
_ndb_struct_na_base_pair_step.x_displacement 
_ndb_struct_na_base_pair_step.y_displacement 
_ndb_struct_na_base_pair_step.helical_rise 
_ndb_struct_na_base_pair_step.inclination 
_ndb_struct_na_base_pair_step.tip 
_ndb_struct_na_base_pair_step.helical_twist 
_ndb_struct_na_base_pair_step.step_number 
_ndb_struct_na_base_pair_step.step_name 
_ndb_struct_na_base_pair_step.i_auth_asym_id_1 
_ndb_struct_na_base_pair_step.i_auth_seq_id_1 
_ndb_struct_na_base_pair_step.i_PDB_ins_code_1 
_ndb_struct_na_base_pair_step.j_auth_asym_id_1 
_ndb_struct_na_base_pair_step.j_auth_seq_id_1 
_ndb_struct_na_base_pair_step.j_PDB_ins_code_1 
_ndb_struct_na_base_pair_step.i_auth_asym_id_2 
_ndb_struct_na_base_pair_step.i_auth_seq_id_2 
_ndb_struct_na_base_pair_step.i_PDB_ins_code_2 
_ndb_struct_na_base_pair_step.j_auth_asym_id_2 
_ndb_struct_na_base_pair_step.j_auth_seq_id_2 
_ndb_struct_na_base_pair_step.j_PDB_ins_code_2 
1 A DG 3  1_555 D DC 7 1_555 A DC 4  1_555 D DG 6 1_555 1.005  -0.840 3.447 3.407  -2.055 32.906 -1.100 -1.145 3.574 -3.611 -5.986 
33.139 1  AA_DG3DC4:DG15DC16_DD A 3  ? D 16 ? A 4  ? D 15 ? 
1 A DC 4  1_555 D DG 6 1_555 A DA 5  1_555 D DT 5 1_555 -0.504 0.815  3.211 -2.161 1.720  46.623 0.886  0.458  3.257 2.171  2.727  
46.700 2  AA_DC4DA5:DT14DG15_DD A 4  ? D 15 ? A 5  ? D 14 ? 
1 A DA 5  1_555 D DT 5 1_555 A DG 6  1_555 D DC 4 1_555 0.309  -0.958 3.293 1.512  0.936  34.112 -1.779 -0.286 3.277 1.595  -2.575 
34.157 3  AA_DA5DG6:DC13DT14_DD A 5  ? D 14 ? A 6  ? D 13 ? 
1 A DG 6  1_555 D DC 4 1_555 A DA 7  1_555 D DT 3 1_555 -0.139 0.255  3.407 0.130  -0.684 35.600 0.520  0.246  3.402 -1.119 -0.213 
35.607 4  AA_DG6DA7:DT12DC13_DD A 6  ? D 13 ? A 7  ? D 12 ? 
1 A DA 7  1_555 D DT 3 1_555 A DC 8  1_555 D DG 2 1_555 0.126  -0.854 3.451 0.016  -2.832 35.585 -0.957 -0.203 3.506 -4.624 -0.026 
35.694 5  AA_DA7DC8:DG11DT12_DD A 7  ? D 12 ? A 8  ? D 11 ? 
1 A DC 8  1_555 D DG 2 1_555 A DC 9  1_555 D DG 1 1_555 -0.337 -0.182 3.261 -6.396 3.211  38.275 -0.665 -0.273 3.248 4.846  9.652  
38.914 6  AA_DC8DC9:DG10DG11_DD A 8  ? D 11 ? A 9  ? D 10 ? 
1 A DC 9  1_555 D DG 1 1_555 A DT 10 1_555 B DA 5 1_555 -0.709 -0.942 3.301 -0.944 0.035  26.803 -2.041 1.282  3.322 0.075  2.035  
26.819 7  AA_DC9DT10:DA5DG10_BD A 9  ? D 10 ? A 10 ? B 5  ? 
1 A DT 10 1_555 B DA 5 1_555 A DG 11 1_555 B DC 4 1_555 -1.125 0.910  3.277 -5.363 9.807  30.334 -0.237 0.998  3.536 17.991 9.840  
32.283 8  AA_DT10DG11:DC4DA5_BB A 10 ? B 5  ? A 11 ? B 4  ? 
1 A DG 11 1_555 B DC 4 1_555 A DA 12 1_555 B DT 3 1_555 0.189  -0.518 3.302 -2.900 2.016  37.728 -1.058 -0.663 3.248 3.109  4.473  
37.887 9  AA_DG11DA12:DT3DC4_BB A 11 ? B 4  ? A 12 ? B 3  ? 
1 A DA 12 1_555 B DT 3 1_555 A DC 13 1_555 B DG 2 1_555 0.592  -0.958 3.338 -4.438 1.063  31.804 -1.923 -1.869 3.195 1.928  8.047  
32.121 10 AA_DA12DC13:DG2DT3_BB A 12 ? B 3  ? A 13 ? B 2  ? 
1 A DC 13 1_555 B DG 2 1_555 A DG 14 1_555 B DC 1 1_555 -0.740 -1.341 3.227 -2.496 2.871  34.132 -2.711 0.872  3.152 4.873  4.236  
34.337 11 AA_DC13DG14:DC1DG2_BB A 13 ? B 2  ? A 14 ? B 1  ? 
1 A DG 14 1_555 B DC 1 1_555 A DA 15 1_555 C DT 9 1_555 -1.097 -0.767 3.240 -2.467 -1.628 31.320 -1.107 1.559  3.349 -3.007 4.557  
31.456 12 AA_DG14DA15:DT9DC1_CB A 14 ? B 1  ? A 15 ? C 9  ? 
1 A DA 15 1_555 C DT 9 1_555 A DT 16 1_555 C DA 8 1_555 0.212  -0.581 3.351 -3.583 3.970  28.166 -2.078 -1.244 3.189 8.065  7.279  
28.659 13 AA_DA15DT16:DA8DT9_CC A 15 ? C 9  ? A 16 ? C 8  ? 
1 A DT 16 1_555 C DA 8 1_555 A DG 17 1_555 C DC 7 1_555 -1.566 0.559  3.244 -5.550 6.192  38.586 0.069  1.640  3.473 9.240  8.282  
39.439 14 AA_DT16DG17:DC7DA8_CC A 16 ? C 8  ? A 17 ? C 7  ? 
1 A DG 17 1_555 C DC 7 1_555 A DT 18 1_555 C DA 6 1_555 -0.897 -0.436 3.311 -0.283 1.659  31.228 -1.125 1.610  3.292 3.079  0.524  
31.272 15 AA_DG17DT18:DA6DC7_CC A 17 ? C 7  ? A 18 ? C 6  ? 
1 A DT 18 1_555 C DA 6 1_555 A DC 19 1_555 C DG 5 1_555 0.565  -0.137 3.246 1.333  2.140  36.519 -0.511 -0.717 3.251 3.411  -2.125 
36.603 16 AA_DT18DC19:DG5DA6_CC A 18 ? C 6  ? A 19 ? C 5  ? 
1 A DC 19 1_555 C DG 5 1_555 A DA 20 1_555 C DT 4 1_555 0.546  0.240  3.203 -3.424 3.847  36.726 -0.125 -1.306 3.149 6.068  5.402  
37.073 17 AA_DC19DA20:DT4DG5_CC A 19 ? C 5  ? A 20 ? C 4  ? 
1 A DA 20 1_555 C DT 4 1_555 A DC 21 1_555 C DG 3 1_555 0.480  -0.940 3.452 -1.884 3.876  33.064 -2.305 -1.162 3.292 6.775  3.293  
33.336 18 AA_DA20DC21:DG3DT4_CC A 20 ? C 4  ? A 21 ? C 3  ? 
# 
loop_
_pdbx_audit_support.funding_organization 
_pdbx_audit_support.country 
_pdbx_audit_support.grant_number 
_pdbx_audit_support.ordinal 
'National Science Foundation (NSF, United States)'                                         'United States' 1360635     1 
'National Institutes of Health/National Institute of General Medical Sciences (NIH/NIGMS)' 'United States' R01GM104960 2 
'National Science Foundation (NSF, United States)'                                         'United States' NSF2004250  3 
# 
loop_
_pdbx_entity_nonpoly.entity_id 
_pdbx_entity_nonpoly.name 
_pdbx_entity_nonpoly.comp_id 
5 NETROPSIN NT  
6 
;N-[5-({5-[(3-{[3-(dimethylamino)propyl]amino}-3-oxopropyl)carbamoyl]-1-methyl-1H-pyrrol-3-yl}carbamoyl)-1-methyl-1H-pyrrol-3-yl]-1-methyl-1H-imidazole-2-carboxamide
;
ZQQ 
7 'CACODYLATE ION' CAC 
8 water HOH 
# 
_pdbx_initial_refinement_model.id               1 
_pdbx_initial_refinement_model.entity_id_list   ? 
_pdbx_initial_refinement_model.type             'experimental model' 
_pdbx_initial_refinement_model.source_name      PDB 
_pdbx_initial_refinement_model.accession_code   5KEK 
_pdbx_initial_refinement_model.details          ? 
# 
